data_3HWC
#
_entry.id   3HWC
#
_cell.length_a   148.198
_cell.length_b   149.867
_cell.length_c   212.005
_cell.angle_alpha   90.00
_cell.angle_beta   90.00
_cell.angle_gamma   90.00
#
_symmetry.space_group_name_H-M   'C 2 2 21'
#
loop_
_entity.id
_entity.type
_entity.pdbx_description
1 polymer 'Chlorophenol-4-monooxygenase component 2'
2 water water
#
_entity_poly.entity_id   1
_entity_poly.type   'polypeptide(L)'
_entity_poly.pdbx_seq_one_letter_code
;MRTGKQYLESLNDGRVVWVGNEKIDNVATHPLTRDYAERVAQFYDLHHRPDLQDVLTFVDADGVRRSRQWQDPKDAAGLR
VKRKYHETILREIAAGSYGRLPDAHNYTFTTYADDPEVWEKQSIGAEGRNLTQNIHNFLKLLREKDLNCPLNFVDPQTDR
SSDAAQARSPNLRIVEKTDDGIIVNGVKAVGTGIAFGDYMHIGCLYRPGIPGEQVIFAAIPTNTPGVTVFCRESTVKNDP
AEHPLASQGDELDSTTVFDNVFIPWEQVFHIGNPEHAKLYPQRIFDWVHYHILIRQVLRAELIVGLAILITEHIGTSKLP
TVSARVAKLVAFHLAMQAHLIASEETGFHTKGGRYKPNPLIYDFGRAHFLQNQMSVMYELLDLAGRSSLMIPSEGQWDDS
QSGQWFVKLNNGPKGNPRERVQIGRVIRDLYLTDWGGRQFMFENFNGTPLFAVFAATMTRDDMSAAGTYGKFASQVCGIE
FGGAEPTAYAATADYAKALDKGLAPEPAAAESATS
;
_entity_poly.pdbx_strand_id   A,B,C,D
#
# COMPACT_ATOMS: atom_id res chain seq x y z
N MET A 1 3.89 -47.55 13.48
CA MET A 1 3.77 -46.11 13.71
C MET A 1 4.00 -45.80 15.18
N ARG A 2 4.95 -44.92 15.44
CA ARG A 2 5.32 -44.56 16.80
C ARG A 2 4.16 -43.88 17.55
N THR A 3 4.07 -44.14 18.85
CA THR A 3 3.05 -43.52 19.69
C THR A 3 3.59 -42.26 20.35
N GLY A 4 2.69 -41.37 20.74
CA GLY A 4 3.09 -40.17 21.46
C GLY A 4 3.85 -40.50 22.72
N LYS A 5 3.38 -41.51 23.45
CA LYS A 5 4.06 -41.96 24.67
C LYS A 5 5.48 -42.40 24.37
N GLN A 6 5.66 -43.13 23.27
CA GLN A 6 6.99 -43.55 22.84
C GLN A 6 7.88 -42.36 22.52
N TYR A 7 7.30 -41.37 21.84
CA TYR A 7 8.05 -40.15 21.52
C TYR A 7 8.46 -39.42 22.78
N LEU A 8 7.49 -39.16 23.65
CA LEU A 8 7.73 -38.49 24.92
C LEU A 8 8.88 -39.14 25.70
N GLU A 9 8.87 -40.47 25.77
CA GLU A 9 9.90 -41.18 26.53
C GLU A 9 11.28 -41.03 25.90
N SER A 10 11.33 -41.00 24.57
CA SER A 10 12.59 -40.88 23.85
C SER A 10 13.28 -39.53 24.11
N LEU A 11 12.52 -38.56 24.59
CA LEU A 11 13.06 -37.24 24.88
C LEU A 11 13.96 -37.24 26.11
N ASN A 12 13.75 -38.22 26.99
CA ASN A 12 14.48 -38.29 28.24
C ASN A 12 15.76 -39.10 28.09
N ASP A 13 16.77 -38.49 27.47
CA ASP A 13 17.99 -39.21 27.11
C ASP A 13 19.26 -38.45 27.47
N GLY A 14 19.14 -37.50 28.39
CA GLY A 14 20.30 -36.78 28.87
C GLY A 14 20.83 -35.76 27.90
N ARG A 15 20.04 -35.41 26.89
CA ARG A 15 20.40 -34.33 25.99
C ARG A 15 20.57 -33.05 26.81
N VAL A 16 21.47 -32.18 26.39
CA VAL A 16 21.74 -30.95 27.14
C VAL A 16 21.00 -29.77 26.52
N VAL A 17 19.92 -29.35 27.16
CA VAL A 17 19.10 -28.27 26.63
C VAL A 17 18.91 -27.13 27.63
N TRP A 18 19.15 -25.91 27.17
CA TRP A 18 18.83 -24.71 27.94
C TRP A 18 17.63 -24.03 27.29
N VAL A 19 16.67 -23.60 28.11
CA VAL A 19 15.66 -22.66 27.64
C VAL A 19 15.82 -21.39 28.45
N GLY A 20 16.40 -20.36 27.83
CA GLY A 20 16.79 -19.17 28.55
C GLY A 20 17.85 -19.51 29.59
N ASN A 21 17.64 -19.06 30.82
CA ASN A 21 18.55 -19.34 31.92
C ASN A 21 18.35 -20.74 32.51
N GLU A 22 17.29 -21.41 32.07
CA GLU A 22 16.92 -22.70 32.65
C GLU A 22 17.54 -23.89 31.90
N LYS A 23 18.24 -24.74 32.64
CA LYS A 23 18.66 -26.02 32.11
C LYS A 23 17.50 -27.02 32.23
N ILE A 24 17.23 -27.75 31.15
CA ILE A 24 16.08 -28.65 31.10
C ILE A 24 16.45 -30.11 31.40
N ASP A 25 15.88 -30.66 32.47
CA ASP A 25 16.16 -32.03 32.86
C ASP A 25 15.53 -33.05 31.92
N ASN A 26 14.28 -32.79 31.53
CA ASN A 26 13.58 -33.60 30.54
C ASN A 26 12.63 -32.72 29.73
N VAL A 27 12.89 -32.60 28.44
CA VAL A 27 12.09 -31.76 27.56
C VAL A 27 10.61 -32.16 27.54
N ALA A 28 10.33 -33.44 27.76
CA ALA A 28 8.96 -33.94 27.73
C ALA A 28 8.09 -33.51 28.90
N THR A 29 8.71 -33.19 30.03
CA THR A 29 7.94 -32.91 31.25
C THR A 29 8.18 -31.53 31.86
N HIS A 30 9.21 -30.83 31.40
CA HIS A 30 9.54 -29.53 31.95
C HIS A 30 8.47 -28.50 31.58
N PRO A 31 8.06 -27.67 32.56
CA PRO A 31 7.06 -26.60 32.40
C PRO A 31 7.30 -25.72 31.18
N LEU A 32 8.57 -25.48 30.84
CA LEU A 32 8.92 -24.62 29.72
C LEU A 32 8.77 -25.31 28.35
N THR A 33 8.70 -26.63 28.33
CA THR A 33 8.78 -27.36 27.06
C THR A 33 7.76 -28.48 26.86
N ARG A 34 7.13 -28.92 27.95
CA ARG A 34 6.26 -30.09 27.90
C ARG A 34 5.10 -29.96 26.92
N ASP A 35 4.61 -28.73 26.75
CA ASP A 35 3.41 -28.50 25.96
C ASP A 35 3.65 -28.69 24.48
N TYR A 36 4.75 -28.14 23.97
CA TYR A 36 5.07 -28.38 22.57
C TYR A 36 5.42 -29.86 22.38
N ALA A 37 6.15 -30.41 23.34
CA ALA A 37 6.50 -31.82 23.33
C ALA A 37 5.25 -32.67 23.17
N GLU A 38 4.19 -32.29 23.87
CA GLU A 38 2.93 -33.01 23.81
C GLU A 38 2.17 -32.79 22.50
N ARG A 39 2.49 -31.70 21.81
CA ARG A 39 1.93 -31.45 20.47
C ARG A 39 2.53 -32.40 19.44
N VAL A 40 3.83 -32.67 19.58
CA VAL A 40 4.50 -33.66 18.75
C VAL A 40 4.00 -35.07 19.08
N ALA A 41 3.67 -35.29 20.35
CA ALA A 41 3.03 -36.54 20.78
C ALA A 41 1.65 -36.67 20.14
N GLN A 42 0.90 -35.58 20.16
CA GLN A 42 -0.41 -35.53 19.52
C GLN A 42 -0.29 -35.88 18.05
N PHE A 43 0.71 -35.29 17.39
CA PHE A 43 1.00 -35.61 16.00
C PHE A 43 1.10 -37.13 15.76
N TYR A 44 1.82 -37.83 16.63
CA TYR A 44 1.96 -39.28 16.47
C TYR A 44 0.66 -40.02 16.76
N ASP A 45 0.03 -39.69 17.88
CA ASP A 45 -1.20 -40.36 18.29
C ASP A 45 -2.32 -40.19 17.26
N LEU A 46 -2.30 -39.06 16.57
CA LEU A 46 -3.28 -38.74 15.55
C LEU A 46 -3.35 -39.87 14.52
N HIS A 47 -2.19 -40.41 14.18
CA HIS A 47 -2.08 -41.45 13.16
C HIS A 47 -2.69 -42.79 13.58
N HIS A 48 -2.97 -42.96 14.87
CA HIS A 48 -3.57 -44.20 15.35
C HIS A 48 -5.07 -44.10 15.44
N ARG A 49 -5.59 -42.90 15.22
CA ARG A 49 -7.04 -42.65 15.23
C ARG A 49 -7.70 -43.40 14.09
N PRO A 50 -8.57 -44.38 14.42
CA PRO A 50 -9.28 -45.19 13.43
C PRO A 50 -9.92 -44.32 12.34
N ASP A 51 -10.65 -43.28 12.75
CA ASP A 51 -11.37 -42.41 11.83
C ASP A 51 -10.44 -41.63 10.89
N LEU A 52 -9.16 -41.55 11.25
CA LEU A 52 -8.19 -40.80 10.46
C LEU A 52 -7.26 -41.71 9.65
N GLN A 53 -7.54 -43.01 9.63
CA GLN A 53 -6.64 -43.96 8.99
C GLN A 53 -6.41 -43.66 7.51
N ASP A 54 -7.48 -43.32 6.80
CA ASP A 54 -7.38 -43.04 5.38
C ASP A 54 -6.50 -41.84 5.02
N VAL A 55 -6.72 -40.69 5.66
CA VAL A 55 -5.97 -39.49 5.28
C VAL A 55 -4.55 -39.47 5.85
N LEU A 56 -4.31 -40.24 6.90
CA LEU A 56 -3.04 -40.15 7.61
C LEU A 56 -2.08 -41.31 7.36
N THR A 57 -2.60 -42.45 6.92
CA THR A 57 -1.76 -43.62 6.76
C THR A 57 -1.92 -44.28 5.39
N PHE A 58 -0.89 -45.03 4.99
CA PHE A 58 -0.95 -45.81 3.76
C PHE A 58 -0.15 -47.10 3.95
N VAL A 59 -0.41 -48.08 3.10
CA VAL A 59 0.37 -49.31 3.13
C VAL A 59 1.62 -49.15 2.29
N ASP A 60 2.78 -49.25 2.93
CA ASP A 60 4.05 -49.03 2.26
C ASP A 60 4.39 -50.19 1.33
N ALA A 61 5.49 -50.06 0.61
CA ALA A 61 5.88 -51.04 -0.40
C ALA A 61 6.36 -52.35 0.24
N ASP A 62 6.54 -52.33 1.55
CA ASP A 62 6.93 -53.53 2.28
C ASP A 62 5.72 -54.18 2.97
N GLY A 63 4.54 -53.64 2.69
CA GLY A 63 3.30 -54.20 3.21
C GLY A 63 2.91 -53.67 4.58
N VAL A 64 3.76 -52.83 5.16
CA VAL A 64 3.50 -52.26 6.46
C VAL A 64 2.76 -50.93 6.38
N ARG A 65 1.78 -50.73 7.26
CA ARG A 65 1.04 -49.46 7.31
C ARG A 65 1.83 -48.39 8.05
N ARG A 66 2.05 -47.26 7.39
CA ARG A 66 2.79 -46.14 7.97
C ARG A 66 2.09 -44.82 7.68
N SER A 67 2.59 -43.76 8.29
CA SER A 67 2.07 -42.42 8.04
C SER A 67 2.36 -41.98 6.62
N ARG A 68 1.44 -41.24 6.01
CA ARG A 68 1.62 -40.76 4.65
C ARG A 68 2.73 -39.71 4.53
N GLN A 69 3.31 -39.30 5.66
CA GLN A 69 4.49 -38.45 5.63
C GLN A 69 5.66 -39.13 4.91
N TRP A 70 5.63 -40.45 4.81
CA TRP A 70 6.69 -41.20 4.15
C TRP A 70 6.33 -41.53 2.71
N GLN A 71 5.09 -41.24 2.33
CA GLN A 71 4.59 -41.55 1.00
C GLN A 71 5.08 -40.57 -0.07
N ASP A 72 5.40 -41.10 -1.25
CA ASP A 72 5.90 -40.29 -2.36
C ASP A 72 4.82 -40.02 -3.40
N PRO A 73 4.72 -38.77 -3.84
CA PRO A 73 3.78 -38.37 -4.90
C PRO A 73 4.43 -38.62 -6.25
N LYS A 74 3.65 -39.14 -7.20
CA LYS A 74 4.18 -39.47 -8.52
C LYS A 74 3.47 -38.69 -9.61
N ASP A 75 2.50 -37.88 -9.19
CA ASP A 75 1.78 -36.99 -10.10
C ASP A 75 0.93 -35.99 -9.33
N ALA A 76 0.24 -35.11 -10.06
CA ALA A 76 -0.53 -34.03 -9.44
C ALA A 76 -1.56 -34.54 -8.44
N ALA A 77 -2.23 -35.61 -8.80
CA ALA A 77 -3.22 -36.22 -7.90
C ALA A 77 -2.53 -36.67 -6.62
N GLY A 78 -1.34 -37.22 -6.77
CA GLY A 78 -0.57 -37.71 -5.64
C GLY A 78 -0.13 -36.58 -4.74
N LEU A 79 0.16 -35.43 -5.32
CA LEU A 79 0.55 -34.27 -4.55
C LEU A 79 -0.63 -33.80 -3.68
N ARG A 80 -1.83 -33.88 -4.24
CA ARG A 80 -3.04 -33.51 -3.53
C ARG A 80 -3.30 -34.38 -2.31
N VAL A 81 -3.12 -35.69 -2.46
CA VAL A 81 -3.25 -36.62 -1.35
C VAL A 81 -2.26 -36.28 -0.26
N LYS A 82 -1.05 -35.90 -0.68
CA LYS A 82 -0.01 -35.49 0.25
C LYS A 82 -0.41 -34.22 1.01
N ARG A 83 -0.85 -33.19 0.28
CA ARG A 83 -1.26 -31.95 0.90
C ARG A 83 -2.43 -32.17 1.85
N LYS A 84 -3.38 -33.00 1.45
CA LYS A 84 -4.52 -33.33 2.28
C LYS A 84 -4.07 -33.97 3.59
N TYR A 85 -2.95 -34.69 3.52
CA TYR A 85 -2.35 -35.26 4.73
C TYR A 85 -1.80 -34.16 5.61
N HIS A 86 -1.02 -33.26 5.02
CA HIS A 86 -0.43 -32.16 5.76
C HIS A 86 -1.48 -31.26 6.39
N GLU A 87 -2.48 -30.87 5.59
CA GLU A 87 -3.54 -29.98 6.07
C GLU A 87 -4.31 -30.58 7.24
N THR A 88 -4.52 -31.89 7.19
CA THR A 88 -5.27 -32.58 8.24
C THR A 88 -4.49 -32.52 9.55
N ILE A 89 -3.16 -32.59 9.46
CA ILE A 89 -2.33 -32.46 10.65
C ILE A 89 -2.44 -31.04 11.18
N LEU A 90 -2.16 -30.08 10.30
CA LEU A 90 -2.23 -28.66 10.62
C LEU A 90 -3.56 -28.25 11.25
N ARG A 91 -4.67 -28.71 10.66
CA ARG A 91 -5.99 -28.32 11.15
C ARG A 91 -6.24 -28.90 12.54
N GLU A 92 -5.65 -30.05 12.84
CA GLU A 92 -5.86 -30.73 14.10
C GLU A 92 -5.04 -30.15 15.25
N ILE A 93 -3.84 -29.68 14.94
CA ILE A 93 -2.91 -29.24 15.98
C ILE A 93 -2.77 -27.71 16.08
N ALA A 94 -3.41 -27.13 17.09
CA ALA A 94 -3.25 -25.71 17.41
C ALA A 94 -3.41 -24.77 16.22
N ALA A 95 -4.55 -24.83 15.56
CA ALA A 95 -4.87 -23.88 14.50
C ALA A 95 -3.76 -23.74 13.44
N GLY A 96 -3.03 -24.81 13.18
CA GLY A 96 -1.99 -24.81 12.18
C GLY A 96 -0.84 -23.86 12.51
N SER A 97 -0.61 -23.64 13.80
CA SER A 97 0.39 -22.69 14.24
C SER A 97 1.83 -23.22 14.19
N TYR A 98 1.99 -24.54 14.13
CA TYR A 98 3.32 -25.15 14.17
C TYR A 98 3.84 -25.49 12.77
N GLY A 99 5.03 -24.99 12.46
CA GLY A 99 5.60 -25.13 11.12
C GLY A 99 6.75 -26.11 10.99
N ARG A 100 7.13 -26.75 12.09
CA ARG A 100 8.20 -27.73 12.03
C ARG A 100 7.87 -29.03 12.78
N LEU A 101 6.62 -29.45 12.71
CA LEU A 101 6.26 -30.78 13.16
C LEU A 101 6.98 -31.79 12.26
N PRO A 102 7.06 -33.06 12.67
CA PRO A 102 7.96 -34.00 11.98
C PRO A 102 7.72 -34.13 10.48
N ASP A 103 6.46 -34.10 10.05
CA ASP A 103 6.16 -34.30 8.64
C ASP A 103 6.68 -33.16 7.78
N ALA A 104 6.84 -31.98 8.38
CA ALA A 104 7.31 -30.81 7.66
C ALA A 104 8.77 -30.94 7.19
N HIS A 105 9.65 -31.33 8.10
CA HIS A 105 11.08 -31.37 7.77
C HIS A 105 11.65 -32.76 7.50
N ASN A 106 10.93 -33.81 7.87
CA ASN A 106 11.43 -35.17 7.62
C ASN A 106 11.51 -35.47 6.12
N TYR A 107 10.52 -35.00 5.37
CA TYR A 107 10.41 -35.35 3.97
C TYR A 107 11.54 -34.79 3.11
N THR A 108 12.25 -33.80 3.66
CA THR A 108 13.37 -33.19 2.94
C THR A 108 14.47 -34.22 2.67
N PHE A 109 14.47 -35.31 3.41
CA PHE A 109 15.46 -36.35 3.23
C PHE A 109 15.33 -37.08 1.89
N THR A 110 14.13 -37.07 1.32
CA THR A 110 13.91 -37.68 0.01
C THR A 110 14.79 -37.00 -1.03
N THR A 111 15.32 -35.83 -0.69
CA THR A 111 16.27 -35.15 -1.56
C THR A 111 17.46 -36.06 -1.82
N TYR A 112 17.92 -36.72 -0.75
CA TYR A 112 19.02 -37.66 -0.84
C TYR A 112 18.65 -38.89 -1.67
N ALA A 113 17.42 -39.36 -1.51
CA ALA A 113 16.95 -40.55 -2.19
C ALA A 113 16.89 -40.38 -3.71
N ASP A 114 16.61 -39.16 -4.15
CA ASP A 114 16.53 -38.85 -5.57
C ASP A 114 17.85 -39.13 -6.29
N ASP A 115 18.93 -39.13 -5.54
CA ASP A 115 20.28 -39.30 -6.09
C ASP A 115 21.28 -39.30 -4.96
N PRO A 116 21.49 -40.46 -4.32
CA PRO A 116 22.35 -40.61 -3.14
C PRO A 116 23.84 -40.56 -3.47
N GLU A 117 24.22 -41.09 -4.63
CA GLU A 117 25.63 -41.22 -4.99
C GLU A 117 26.33 -39.87 -5.13
N VAL A 118 25.63 -38.88 -5.66
CA VAL A 118 26.24 -37.58 -5.90
C VAL A 118 26.84 -36.99 -4.62
N TRP A 119 26.16 -37.20 -3.50
CA TRP A 119 26.67 -36.71 -2.21
C TRP A 119 27.98 -37.40 -1.85
N GLU A 120 28.07 -38.69 -2.20
CA GLU A 120 29.30 -39.46 -2.07
C GLU A 120 30.41 -38.94 -2.97
N LYS A 121 30.21 -39.08 -4.28
CA LYS A 121 31.26 -38.82 -5.26
C LYS A 121 31.72 -37.37 -5.34
N GLN A 122 30.96 -36.45 -4.75
CA GLN A 122 31.34 -35.04 -4.80
C GLN A 122 32.02 -34.59 -3.51
N SER A 123 32.05 -35.48 -2.51
CA SER A 123 32.72 -35.17 -1.25
C SER A 123 34.21 -35.01 -1.47
N ILE A 124 34.84 -34.17 -0.65
CA ILE A 124 36.30 -34.02 -0.68
C ILE A 124 36.88 -34.37 0.69
N GLY A 125 37.74 -35.39 0.71
CA GLY A 125 38.36 -35.82 1.95
C GLY A 125 37.60 -36.91 2.66
N ALA A 126 36.75 -37.62 1.92
CA ALA A 126 35.95 -38.70 2.49
C ALA A 126 36.16 -40.02 1.73
N GLU A 127 37.28 -40.12 1.04
CA GLU A 127 37.63 -41.30 0.26
C GLU A 127 37.43 -42.62 1.03
N GLY A 128 36.65 -43.52 0.45
CA GLY A 128 36.43 -44.84 1.02
C GLY A 128 35.55 -44.88 2.26
N ARG A 129 34.63 -43.94 2.37
CA ARG A 129 33.75 -43.87 3.55
C ARG A 129 32.31 -44.28 3.24
N ASN A 130 32.06 -44.76 2.03
CA ASN A 130 30.71 -45.09 1.58
C ASN A 130 29.61 -44.26 2.23
N LEU A 131 29.52 -43.01 1.82
CA LEU A 131 28.51 -42.10 2.34
C LEU A 131 27.15 -42.46 1.75
N THR A 132 27.17 -43.19 0.64
CA THR A 132 25.93 -43.60 -0.01
C THR A 132 25.17 -44.58 0.86
N GLN A 133 25.87 -45.59 1.38
CA GLN A 133 25.27 -46.53 2.31
C GLN A 133 24.82 -45.83 3.59
N ASN A 134 25.59 -44.81 4.00
CA ASN A 134 25.21 -43.97 5.12
C ASN A 134 23.83 -43.36 4.88
N ILE A 135 23.66 -42.77 3.70
CA ILE A 135 22.37 -42.22 3.30
C ILE A 135 21.27 -43.28 3.40
N HIS A 136 21.43 -44.38 2.67
CA HIS A 136 20.42 -45.45 2.66
C HIS A 136 20.08 -45.95 4.06
N ASN A 137 21.10 -46.13 4.89
CA ASN A 137 20.90 -46.60 6.25
C ASN A 137 20.03 -45.66 7.08
N PHE A 138 20.35 -44.38 7.07
CA PHE A 138 19.59 -43.42 7.87
C PHE A 138 18.15 -43.28 7.37
N LEU A 139 17.99 -43.21 6.04
CA LEU A 139 16.67 -43.12 5.45
C LEU A 139 15.76 -44.26 5.95
N LYS A 140 16.34 -45.45 6.08
CA LYS A 140 15.57 -46.60 6.59
C LYS A 140 15.30 -46.45 8.08
N LEU A 141 16.32 -46.04 8.83
CA LEU A 141 16.20 -45.81 10.25
C LEU A 141 15.12 -44.76 10.50
N LEU A 142 15.26 -43.65 9.80
CA LEU A 142 14.34 -42.52 9.87
C LEU A 142 12.90 -43.00 9.81
N ARG A 143 12.62 -43.81 8.79
CA ARG A 143 11.27 -44.23 8.47
C ARG A 143 10.75 -45.34 9.39
N GLU A 144 11.52 -46.41 9.52
CA GLU A 144 11.09 -47.58 10.26
C GLU A 144 10.98 -47.31 11.76
N LYS A 145 11.95 -46.56 12.28
CA LYS A 145 11.91 -46.14 13.67
C LYS A 145 11.03 -44.90 13.86
N ASP A 146 10.56 -44.34 12.73
CA ASP A 146 9.61 -43.23 12.74
C ASP A 146 10.14 -42.06 13.56
N LEU A 147 11.38 -41.69 13.30
CA LEU A 147 12.06 -40.67 14.09
C LEU A 147 11.71 -39.26 13.65
N ASN A 148 12.11 -38.30 14.47
CA ASN A 148 11.86 -36.89 14.21
C ASN A 148 13.19 -36.19 14.05
N CYS A 149 13.46 -35.68 12.85
CA CYS A 149 14.77 -35.13 12.54
C CYS A 149 14.73 -33.70 12.01
N PRO A 150 14.73 -32.72 12.93
CA PRO A 150 14.69 -31.29 12.58
C PRO A 150 15.89 -30.83 11.77
N LEU A 151 15.72 -29.73 11.03
CA LEU A 151 16.79 -29.14 10.24
C LEU A 151 17.71 -28.26 11.07
N ASN A 152 19.01 -28.38 10.84
CA ASN A 152 19.99 -27.50 11.47
C ASN A 152 20.99 -27.01 10.42
N PHE A 153 20.53 -26.17 9.51
CA PHE A 153 21.30 -25.71 8.37
C PHE A 153 21.83 -24.28 8.52
N VAL A 154 21.04 -23.41 9.13
CA VAL A 154 21.33 -21.98 9.13
C VAL A 154 22.65 -21.62 9.84
N ASP A 155 23.33 -20.62 9.28
CA ASP A 155 24.65 -20.23 9.76
C ASP A 155 24.65 -18.83 10.39
N PRO A 156 25.61 -18.57 11.29
CA PRO A 156 25.78 -17.26 11.94
C PRO A 156 25.81 -16.13 10.93
N GLN A 157 25.31 -14.96 11.32
CA GLN A 157 25.23 -13.83 10.40
C GLN A 157 26.61 -13.44 9.88
N THR A 158 26.71 -13.25 8.57
CA THR A 158 27.94 -12.80 7.93
C THR A 158 28.34 -11.40 8.43
N ASP A 159 29.24 -11.36 9.40
CA ASP A 159 29.69 -10.11 10.00
C ASP A 159 31.14 -9.80 9.64
N ARG A 160 31.40 -8.56 9.22
CA ARG A 160 32.78 -8.12 8.99
C ARG A 160 33.34 -7.44 10.25
N SER A 161 33.62 -8.25 11.27
CA SER A 161 34.14 -7.75 12.54
C SER A 161 35.49 -7.07 12.39
N SER A 162 36.21 -6.91 13.49
CA SER A 162 37.53 -6.30 13.48
C SER A 162 38.46 -7.00 12.48
N ASP A 163 38.51 -8.33 12.56
CA ASP A 163 39.28 -9.13 11.62
C ASP A 163 38.64 -10.50 11.36
N ALA A 164 37.89 -10.60 10.28
CA ALA A 164 37.27 -11.86 9.90
C ALA A 164 38.26 -12.75 9.15
N ALA A 165 39.54 -12.46 9.32
CA ALA A 165 40.61 -13.22 8.68
C ALA A 165 41.71 -13.58 9.67
N GLN A 166 42.02 -12.65 10.58
CA GLN A 166 43.00 -12.90 11.63
C GLN A 166 42.39 -13.79 12.73
N ALA A 167 41.09 -13.64 12.94
CA ALA A 167 40.36 -14.45 13.91
C ALA A 167 39.32 -15.33 13.20
N ARG A 168 38.95 -16.43 13.84
CA ARG A 168 38.01 -17.36 13.24
C ARG A 168 36.55 -17.10 13.63
N SER A 169 35.63 -17.58 12.82
CA SER A 169 34.20 -17.35 13.00
C SER A 169 33.57 -18.41 13.91
N PRO A 170 32.25 -18.29 14.17
CA PRO A 170 31.56 -19.29 15.00
C PRO A 170 31.00 -20.43 14.16
N ASN A 171 31.18 -20.38 12.85
CA ASN A 171 30.66 -21.41 11.96
C ASN A 171 31.13 -22.81 12.31
N LEU A 172 30.24 -23.79 12.12
CA LEU A 172 30.58 -25.18 12.37
C LEU A 172 31.59 -25.63 11.32
N ARG A 173 32.66 -26.28 11.76
CA ARG A 173 33.73 -26.69 10.86
C ARG A 173 34.36 -28.00 11.30
N ILE A 174 34.95 -28.71 10.34
CA ILE A 174 35.72 -29.90 10.66
C ILE A 174 37.04 -29.45 11.31
N VAL A 175 37.27 -29.91 12.53
CA VAL A 175 38.45 -29.52 13.28
C VAL A 175 39.52 -30.60 13.17
N GLU A 176 39.08 -31.84 13.08
CA GLU A 176 39.98 -32.98 13.01
C GLU A 176 39.28 -34.14 12.32
N LYS A 177 40.07 -35.03 11.71
CA LYS A 177 39.52 -36.17 10.99
C LYS A 177 40.23 -37.45 11.42
N THR A 178 39.48 -38.50 11.67
CA THR A 178 40.06 -39.77 12.10
C THR A 178 39.57 -40.94 11.28
N ASP A 179 39.99 -42.15 11.65
CA ASP A 179 39.57 -43.36 10.97
C ASP A 179 38.18 -43.75 11.44
N ASP A 180 37.74 -43.11 12.53
CA ASP A 180 36.45 -43.43 13.14
C ASP A 180 35.34 -42.49 12.65
N GLY A 181 35.71 -41.26 12.35
CA GLY A 181 34.76 -40.26 11.89
C GLY A 181 35.38 -38.89 11.78
N ILE A 182 34.67 -37.87 12.24
CA ILE A 182 35.16 -36.50 12.20
C ILE A 182 34.83 -35.77 13.49
N ILE A 183 35.63 -34.76 13.82
CA ILE A 183 35.35 -33.92 14.98
C ILE A 183 34.99 -32.51 14.50
N VAL A 184 33.84 -32.02 14.95
CA VAL A 184 33.36 -30.71 14.54
C VAL A 184 33.28 -29.73 15.72
N ASN A 185 33.56 -28.47 15.43
CA ASN A 185 33.51 -27.42 16.45
C ASN A 185 32.88 -26.17 15.84
N GLY A 186 31.95 -25.56 16.57
CA GLY A 186 31.27 -24.37 16.07
C GLY A 186 29.79 -24.36 16.38
N VAL A 187 29.06 -23.53 15.66
CA VAL A 187 27.65 -23.28 15.98
C VAL A 187 26.73 -23.35 14.77
N LYS A 188 25.56 -23.93 14.98
CA LYS A 188 24.45 -23.76 14.05
C LYS A 188 23.46 -22.79 14.67
N ALA A 189 23.07 -21.77 13.92
CA ALA A 189 22.21 -20.72 14.46
C ALA A 189 20.76 -20.92 14.02
N VAL A 190 19.84 -20.32 14.77
CA VAL A 190 18.42 -20.30 14.41
C VAL A 190 17.89 -21.63 13.89
N GLY A 191 18.00 -22.68 14.71
CA GLY A 191 17.37 -23.94 14.40
C GLY A 191 16.00 -24.00 15.05
N THR A 192 15.07 -24.73 14.47
CA THR A 192 13.71 -24.80 15.00
C THR A 192 13.32 -26.23 15.39
N GLY A 193 12.95 -26.42 16.65
CA GLY A 193 12.48 -27.71 17.15
C GLY A 193 13.59 -28.71 17.40
N ILE A 194 14.83 -28.22 17.40
CA ILE A 194 16.00 -29.06 17.63
C ILE A 194 15.90 -29.83 18.94
N ALA A 195 15.47 -29.15 20.00
CA ALA A 195 15.38 -29.76 21.32
C ALA A 195 14.33 -30.86 21.38
N PHE A 196 13.54 -30.99 20.32
CA PHE A 196 12.43 -31.94 20.29
C PHE A 196 12.65 -33.09 19.31
N GLY A 197 13.78 -33.11 18.63
CA GLY A 197 14.07 -34.16 17.67
C GLY A 197 14.82 -35.34 18.29
N ASP A 198 14.76 -36.49 17.63
CA ASP A 198 15.59 -37.64 17.98
C ASP A 198 16.99 -37.45 17.39
N TYR A 199 17.03 -36.96 16.16
CA TYR A 199 18.27 -36.64 15.48
C TYR A 199 18.17 -35.20 15.00
N MET A 200 19.31 -34.60 14.68
CA MET A 200 19.32 -33.32 14.02
C MET A 200 19.91 -33.47 12.63
N HIS A 201 19.29 -32.82 11.65
CA HIS A 201 19.73 -32.88 10.26
C HIS A 201 20.71 -31.74 10.00
N ILE A 202 22.00 -32.03 10.11
CA ILE A 202 23.04 -31.02 9.91
C ILE A 202 23.31 -30.77 8.43
N GLY A 203 23.37 -29.50 8.06
CA GLY A 203 23.61 -29.12 6.68
C GLY A 203 24.03 -27.67 6.61
N CYS A 204 24.25 -27.18 5.39
CA CYS A 204 24.61 -25.78 5.20
C CYS A 204 24.15 -25.33 3.82
N LEU A 205 24.05 -24.02 3.64
CA LEU A 205 23.71 -23.44 2.34
C LEU A 205 24.96 -22.78 1.80
N TYR A 206 25.06 -22.68 0.47
CA TYR A 206 26.24 -22.07 -0.13
C TYR A 206 26.38 -20.61 0.28
N ARG A 207 27.61 -20.13 0.28
CA ARG A 207 27.91 -18.73 0.58
C ARG A 207 29.25 -18.41 -0.04
N PRO A 208 29.33 -17.27 -0.77
CA PRO A 208 30.58 -16.90 -1.43
C PRO A 208 31.78 -17.10 -0.53
N GLY A 209 32.69 -17.99 -0.94
CA GLY A 209 33.91 -18.23 -0.20
C GLY A 209 33.77 -19.04 1.07
N ILE A 210 32.79 -19.94 1.09
CA ILE A 210 32.64 -20.87 2.21
C ILE A 210 33.72 -21.95 2.12
N PRO A 211 34.44 -22.19 3.23
CA PRO A 211 35.49 -23.21 3.26
C PRO A 211 34.90 -24.61 3.18
N GLY A 212 35.61 -25.52 2.52
CA GLY A 212 35.16 -26.90 2.41
C GLY A 212 34.99 -27.54 3.77
N GLU A 213 35.82 -27.13 4.72
CA GLU A 213 35.76 -27.62 6.09
C GLU A 213 34.46 -27.25 6.79
N GLN A 214 33.75 -26.27 6.24
CA GLN A 214 32.46 -25.86 6.79
C GLN A 214 31.29 -26.54 6.08
N VAL A 215 31.57 -27.22 4.97
CA VAL A 215 30.55 -27.94 4.23
C VAL A 215 30.35 -29.32 4.82
N ILE A 216 29.25 -29.47 5.57
CA ILE A 216 29.00 -30.69 6.34
C ILE A 216 27.53 -31.08 6.29
N PHE A 217 27.26 -32.31 5.86
CA PHE A 217 25.91 -32.85 5.88
C PHE A 217 25.89 -34.15 6.65
N ALA A 218 25.04 -34.21 7.67
CA ALA A 218 25.00 -35.37 8.55
C ALA A 218 23.71 -35.43 9.34
N ALA A 219 23.51 -36.55 10.03
CA ALA A 219 22.41 -36.68 10.96
C ALA A 219 22.92 -37.36 12.23
N ILE A 220 22.90 -36.64 13.35
CA ILE A 220 23.41 -37.18 14.60
C ILE A 220 22.36 -37.08 15.72
N PRO A 221 22.40 -38.04 16.66
CA PRO A 221 21.46 -37.98 17.79
C PRO A 221 21.56 -36.64 18.51
N THR A 222 20.43 -36.18 19.05
CA THR A 222 20.40 -34.88 19.71
C THR A 222 21.25 -34.88 20.97
N ASN A 223 21.33 -36.03 21.64
CA ASN A 223 22.12 -36.13 22.86
C ASN A 223 23.59 -36.51 22.61
N THR A 224 24.04 -36.36 21.38
CA THR A 224 25.44 -36.59 21.08
C THR A 224 26.29 -35.75 22.02
N PRO A 225 27.24 -36.38 22.72
CA PRO A 225 28.09 -35.68 23.69
C PRO A 225 28.80 -34.48 23.06
N GLY A 226 28.85 -33.36 23.77
CA GLY A 226 29.46 -32.15 23.25
C GLY A 226 28.48 -31.22 22.57
N VAL A 227 27.24 -31.68 22.41
CA VAL A 227 26.20 -30.87 21.78
C VAL A 227 25.33 -30.18 22.83
N THR A 228 25.16 -28.87 22.70
CA THR A 228 24.30 -28.13 23.60
C THR A 228 23.29 -27.27 22.83
N VAL A 229 22.02 -27.46 23.14
CA VAL A 229 20.95 -26.72 22.49
C VAL A 229 20.52 -25.56 23.37
N PHE A 230 20.85 -24.35 22.92
CA PHE A 230 20.46 -23.14 23.63
C PHE A 230 19.21 -22.51 23.01
N CYS A 231 18.09 -22.65 23.69
CA CYS A 231 16.83 -22.13 23.20
C CYS A 231 16.58 -20.71 23.68
N ARG A 232 15.90 -19.93 22.85
CA ARG A 232 15.34 -18.65 23.29
C ARG A 232 14.34 -18.94 24.42
N GLU A 233 13.92 -17.92 25.14
CA GLU A 233 12.95 -18.15 26.21
C GLU A 233 11.60 -18.60 25.65
N SER A 234 10.93 -19.47 26.39
CA SER A 234 9.64 -20.01 25.97
C SER A 234 8.51 -19.04 26.26
N THR A 235 7.52 -18.99 25.38
CA THR A 235 6.43 -18.01 25.47
C THR A 235 5.08 -18.66 25.79
N VAL A 236 5.11 -19.94 26.16
CA VAL A 236 3.89 -20.68 26.45
C VAL A 236 3.15 -20.12 27.66
N LYS A 237 1.82 -20.10 27.59
CA LYS A 237 0.99 -19.55 28.67
C LYS A 237 0.54 -20.64 29.62
N ASN A 238 0.31 -20.25 30.87
CA ASN A 238 -0.01 -21.20 31.93
C ASN A 238 -1.51 -21.39 32.13
N ASP A 239 -2.31 -20.58 31.45
CA ASP A 239 -3.75 -20.62 31.65
C ASP A 239 -4.50 -20.87 30.34
N PRO A 240 -4.82 -22.14 30.06
CA PRO A 240 -5.52 -22.57 28.84
C PRO A 240 -6.87 -21.90 28.68
N ALA A 241 -7.52 -21.57 29.79
CA ALA A 241 -8.84 -20.94 29.76
C ALA A 241 -8.81 -19.53 29.17
N GLU A 242 -7.71 -18.82 29.39
CA GLU A 242 -7.55 -17.46 28.91
C GLU A 242 -6.75 -17.42 27.62
N HIS A 243 -6.00 -18.48 27.35
CA HIS A 243 -5.16 -18.55 26.18
C HIS A 243 -5.25 -19.92 25.53
N PRO A 244 -6.33 -20.14 24.77
CA PRO A 244 -6.67 -21.44 24.18
C PRO A 244 -5.58 -21.96 23.25
N LEU A 245 -4.76 -21.06 22.71
CA LEU A 245 -3.72 -21.44 21.76
C LEU A 245 -2.31 -21.28 22.33
N ALA A 246 -2.00 -20.10 22.85
CA ALA A 246 -0.65 -19.80 23.32
C ALA A 246 -0.24 -20.68 24.49
N SER A 247 -1.18 -21.42 25.06
CA SER A 247 -0.87 -22.32 26.15
C SER A 247 -0.56 -23.73 25.67
N GLN A 248 -0.70 -23.96 24.36
CA GLN A 248 -0.56 -25.31 23.80
C GLN A 248 0.87 -25.71 23.48
N GLY A 249 1.79 -24.76 23.51
CA GLY A 249 3.20 -25.05 23.32
C GLY A 249 3.94 -24.07 22.44
N ASP A 250 5.22 -23.89 22.72
CA ASP A 250 6.06 -22.97 21.95
C ASP A 250 7.09 -23.73 21.11
N GLU A 251 6.91 -23.69 19.79
CA GLU A 251 7.86 -24.31 18.87
C GLU A 251 9.19 -23.57 18.93
N LEU A 252 10.03 -23.96 19.89
CA LEU A 252 11.24 -23.20 20.21
C LEU A 252 12.26 -23.13 19.07
N ASP A 253 13.01 -22.03 19.07
CA ASP A 253 14.13 -21.87 18.16
C ASP A 253 15.38 -21.86 19.00
N SER A 254 16.49 -22.35 18.45
CA SER A 254 17.69 -22.51 19.26
C SER A 254 18.98 -22.21 18.53
N THR A 255 20.04 -22.06 19.31
CA THR A 255 21.40 -21.98 18.81
C THR A 255 22.08 -23.26 19.29
N THR A 256 22.65 -24.02 18.36
CA THR A 256 23.30 -25.28 18.73
C THR A 256 24.82 -25.13 18.77
N VAL A 257 25.39 -25.44 19.93
CA VAL A 257 26.84 -25.39 20.11
C VAL A 257 27.45 -26.78 20.03
N PHE A 258 28.45 -26.93 19.17
CA PHE A 258 29.19 -28.18 19.04
C PHE A 258 30.59 -28.02 19.62
N ASP A 259 30.78 -28.50 20.84
CA ASP A 259 32.10 -28.45 21.48
C ASP A 259 32.91 -29.70 21.15
N ASN A 260 33.70 -29.62 20.09
CA ASN A 260 34.51 -30.75 19.62
C ASN A 260 33.71 -32.05 19.60
N VAL A 261 32.59 -32.01 18.88
CA VAL A 261 31.69 -33.15 18.79
C VAL A 261 32.19 -34.18 17.79
N PHE A 262 32.16 -35.44 18.19
CA PHE A 262 32.57 -36.53 17.32
C PHE A 262 31.38 -37.12 16.57
N ILE A 263 31.46 -37.06 15.25
CA ILE A 263 30.47 -37.71 14.40
C ILE A 263 31.07 -38.93 13.73
N PRO A 264 30.53 -40.12 14.06
CA PRO A 264 30.97 -41.37 13.43
C PRO A 264 30.82 -41.28 11.93
N TRP A 265 31.73 -41.89 11.18
CA TRP A 265 31.66 -41.85 9.72
C TRP A 265 30.28 -42.27 9.21
N GLU A 266 29.62 -43.18 9.93
CA GLU A 266 28.35 -43.73 9.46
C GLU A 266 27.19 -42.75 9.55
N GLN A 267 27.43 -41.57 10.10
CA GLN A 267 26.40 -40.54 10.19
C GLN A 267 26.66 -39.37 9.26
N VAL A 268 27.65 -39.52 8.38
CA VAL A 268 28.01 -38.45 7.44
C VAL A 268 27.46 -38.71 6.04
N PHE A 269 26.91 -37.67 5.42
CA PHE A 269 26.36 -37.78 4.08
C PHE A 269 27.25 -37.12 3.03
N HIS A 270 27.95 -36.05 3.43
CA HIS A 270 28.86 -35.35 2.53
C HIS A 270 29.73 -34.38 3.33
N ILE A 271 30.96 -34.17 2.86
CA ILE A 271 31.82 -33.14 3.42
C ILE A 271 32.72 -32.50 2.36
N GLY A 272 33.06 -31.23 2.57
CA GLY A 272 34.21 -30.63 1.92
C GLY A 272 34.05 -29.87 0.62
N ASN A 273 32.90 -29.97 -0.04
CA ASN A 273 32.77 -29.42 -1.39
C ASN A 273 31.80 -28.24 -1.53
N PRO A 274 32.35 -27.01 -1.52
CA PRO A 274 31.57 -25.79 -1.72
C PRO A 274 30.71 -25.82 -2.98
N GLU A 275 31.24 -26.38 -4.06
CA GLU A 275 30.51 -26.46 -5.32
C GLU A 275 29.23 -27.26 -5.16
N HIS A 276 29.28 -28.29 -4.33
CA HIS A 276 28.13 -29.16 -4.10
C HIS A 276 27.04 -28.44 -3.32
N ALA A 277 27.46 -27.57 -2.41
CA ALA A 277 26.52 -26.82 -1.56
C ALA A 277 25.81 -25.68 -2.30
N LYS A 278 26.14 -25.51 -3.58
CA LYS A 278 25.58 -24.40 -4.37
C LYS A 278 24.18 -24.69 -4.88
N LEU A 279 23.86 -25.96 -5.10
CA LEU A 279 22.60 -26.33 -5.73
C LEU A 279 21.77 -27.37 -4.99
N TYR A 280 22.44 -28.23 -4.23
CA TYR A 280 21.75 -29.35 -3.57
C TYR A 280 21.06 -29.01 -2.25
N PRO A 281 21.68 -28.16 -1.41
CA PRO A 281 21.00 -27.75 -0.18
C PRO A 281 19.69 -27.01 -0.46
N GLN A 282 19.61 -26.35 -1.61
CA GLN A 282 18.39 -25.65 -2.01
C GLN A 282 17.29 -26.64 -2.31
N ARG A 283 17.66 -27.76 -2.91
CA ARG A 283 16.71 -28.83 -3.20
C ARG A 283 16.13 -29.36 -1.90
N ILE A 284 16.94 -29.32 -0.84
CA ILE A 284 16.53 -29.83 0.46
C ILE A 284 15.42 -28.99 1.05
N PHE A 285 15.48 -27.68 0.84
CA PHE A 285 14.45 -26.77 1.36
C PHE A 285 13.21 -26.69 0.48
N ASP A 286 13.29 -27.28 -0.71
CA ASP A 286 12.14 -27.24 -1.63
C ASP A 286 10.86 -27.72 -0.96
N TRP A 287 10.90 -28.90 -0.36
CA TRP A 287 9.71 -29.48 0.24
C TRP A 287 9.22 -28.73 1.47
N VAL A 288 10.14 -28.20 2.25
CA VAL A 288 9.73 -27.39 3.40
C VAL A 288 9.08 -26.09 2.95
N HIS A 289 9.58 -25.52 1.86
CA HIS A 289 9.00 -24.30 1.29
C HIS A 289 7.57 -24.54 0.84
N TYR A 290 7.34 -25.70 0.23
CA TYR A 290 6.00 -26.07 -0.22
C TYR A 290 5.06 -26.21 0.98
N HIS A 291 5.53 -26.89 2.02
CA HIS A 291 4.76 -27.08 3.25
C HIS A 291 4.43 -25.74 3.92
N ILE A 292 5.37 -24.81 3.85
CA ILE A 292 5.16 -23.47 4.38
C ILE A 292 3.96 -22.81 3.71
N LEU A 293 3.91 -22.86 2.39
CA LEU A 293 2.80 -22.28 1.65
C LEU A 293 1.46 -22.90 2.06
N ILE A 294 1.41 -24.23 2.14
CA ILE A 294 0.21 -24.93 2.62
C ILE A 294 -0.27 -24.36 3.96
N ARG A 295 0.68 -24.15 4.87
CA ARG A 295 0.36 -23.62 6.19
C ARG A 295 -0.13 -22.18 6.08
N GLN A 296 0.41 -21.45 5.12
CA GLN A 296 0.06 -20.05 4.92
C GLN A 296 -1.35 -19.90 4.33
N VAL A 297 -1.72 -20.78 3.42
CA VAL A 297 -3.06 -20.77 2.85
C VAL A 297 -4.09 -21.08 3.94
N LEU A 298 -3.78 -22.07 4.78
CA LEU A 298 -4.60 -22.38 5.94
C LEU A 298 -4.77 -21.18 6.86
N ARG A 299 -3.67 -20.52 7.19
CA ARG A 299 -3.73 -19.36 8.08
C ARG A 299 -4.63 -18.27 7.48
N ALA A 300 -4.53 -18.05 6.17
CA ALA A 300 -5.39 -17.10 5.49
C ALA A 300 -6.86 -17.49 5.63
N GLU A 301 -7.12 -18.79 5.59
CA GLU A 301 -8.48 -19.31 5.76
C GLU A 301 -9.00 -19.12 7.19
N LEU A 302 -8.12 -19.31 8.18
CA LEU A 302 -8.45 -19.11 9.58
C LEU A 302 -8.86 -17.65 9.77
N ILE A 303 -8.04 -16.75 9.25
CA ILE A 303 -8.22 -15.32 9.43
C ILE A 303 -9.55 -14.85 8.85
N VAL A 304 -9.87 -15.31 7.64
CA VAL A 304 -11.15 -15.00 7.03
C VAL A 304 -12.30 -15.44 7.94
N GLY A 305 -12.19 -16.65 8.48
CA GLY A 305 -13.21 -17.20 9.34
C GLY A 305 -13.38 -16.42 10.64
N LEU A 306 -12.27 -15.97 11.21
CA LEU A 306 -12.31 -15.16 12.43
C LEU A 306 -13.03 -13.83 12.17
N ALA A 307 -12.73 -13.22 11.02
CA ALA A 307 -13.35 -11.95 10.65
C ALA A 307 -14.85 -12.09 10.46
N ILE A 308 -15.27 -13.17 9.81
CA ILE A 308 -16.67 -13.44 9.58
C ILE A 308 -17.40 -13.72 10.90
N LEU A 309 -16.78 -14.48 11.78
CA LEU A 309 -17.39 -14.81 13.06
C LEU A 309 -17.60 -13.56 13.93
N ILE A 310 -16.53 -12.78 14.10
CA ILE A 310 -16.61 -11.59 14.95
C ILE A 310 -17.55 -10.52 14.40
N THR A 311 -17.52 -10.30 13.08
CA THR A 311 -18.39 -9.29 12.48
C THR A 311 -19.85 -9.72 12.50
N GLU A 312 -20.10 -11.02 12.40
CA GLU A 312 -21.46 -11.53 12.49
C GLU A 312 -21.97 -11.53 13.92
N HIS A 313 -21.09 -11.87 14.87
CA HIS A 313 -21.51 -11.88 16.26
C HIS A 313 -21.84 -10.48 16.75
N ILE A 314 -21.08 -9.49 16.29
CA ILE A 314 -21.32 -8.11 16.65
C ILE A 314 -22.49 -7.54 15.85
N GLY A 315 -22.59 -7.96 14.59
CA GLY A 315 -23.69 -7.56 13.73
C GLY A 315 -23.32 -6.50 12.69
N THR A 316 -22.03 -6.35 12.41
CA THR A 316 -21.56 -5.36 11.45
C THR A 316 -21.31 -5.97 10.06
N SER A 317 -21.51 -7.28 9.96
CA SER A 317 -21.12 -8.02 8.75
C SER A 317 -21.83 -7.56 7.47
N LYS A 318 -23.00 -6.96 7.64
CA LYS A 318 -23.78 -6.50 6.50
C LYS A 318 -23.50 -5.03 6.13
N LEU A 319 -22.87 -4.30 7.05
CA LEU A 319 -22.38 -2.95 6.76
C LEU A 319 -21.42 -2.97 5.58
N PRO A 320 -21.67 -2.13 4.57
CA PRO A 320 -20.88 -2.11 3.33
C PRO A 320 -19.39 -1.84 3.57
N THR A 321 -19.08 -1.07 4.61
CA THR A 321 -17.67 -0.76 4.90
C THR A 321 -16.98 -1.96 5.53
N VAL A 322 -17.77 -2.82 6.17
CA VAL A 322 -17.24 -4.03 6.78
C VAL A 322 -17.12 -5.13 5.73
N SER A 323 -18.18 -5.33 4.95
CA SER A 323 -18.18 -6.30 3.87
C SER A 323 -16.96 -6.10 2.98
N ALA A 324 -16.63 -4.85 2.71
CA ALA A 324 -15.50 -4.52 1.85
C ALA A 324 -14.17 -4.92 2.50
N ARG A 325 -14.06 -4.73 3.82
CA ARG A 325 -12.86 -5.13 4.55
C ARG A 325 -12.70 -6.64 4.60
N VAL A 326 -13.81 -7.35 4.77
CA VAL A 326 -13.80 -8.80 4.83
C VAL A 326 -13.45 -9.37 3.45
N ALA A 327 -13.91 -8.70 2.40
CA ALA A 327 -13.56 -9.03 1.02
C ALA A 327 -12.05 -9.04 0.81
N LYS A 328 -11.36 -8.09 1.44
CA LYS A 328 -9.90 -8.01 1.39
C LYS A 328 -9.26 -9.27 1.95
N LEU A 329 -9.82 -9.78 3.03
CA LEU A 329 -9.29 -10.97 3.66
C LEU A 329 -9.53 -12.18 2.76
N VAL A 330 -10.72 -12.25 2.16
CA VAL A 330 -11.04 -13.32 1.22
C VAL A 330 -10.14 -13.23 0.00
N ALA A 331 -9.88 -12.00 -0.45
CA ALA A 331 -8.98 -11.77 -1.57
C ALA A 331 -7.59 -12.34 -1.28
N PHE A 332 -7.12 -12.16 -0.05
CA PHE A 332 -5.80 -12.64 0.35
C PHE A 332 -5.72 -14.15 0.38
N HIS A 333 -6.74 -14.79 0.95
CA HIS A 333 -6.78 -16.24 0.98
C HIS A 333 -6.78 -16.83 -0.43
N LEU A 334 -7.64 -16.28 -1.29
CA LEU A 334 -7.77 -16.78 -2.66
C LEU A 334 -6.47 -16.59 -3.45
N ALA A 335 -5.73 -15.53 -3.12
CA ALA A 335 -4.45 -15.27 -3.77
C ALA A 335 -3.41 -16.29 -3.30
N MET A 336 -3.38 -16.56 -2.00
CA MET A 336 -2.50 -17.58 -1.44
C MET A 336 -2.84 -18.94 -2.04
N GLN A 337 -4.13 -19.27 -2.04
CA GLN A 337 -4.62 -20.54 -2.56
C GLN A 337 -4.31 -20.70 -4.04
N ALA A 338 -4.44 -19.62 -4.80
CA ALA A 338 -4.17 -19.65 -6.23
C ALA A 338 -2.72 -20.05 -6.54
N HIS A 339 -1.78 -19.46 -5.81
CA HIS A 339 -0.37 -19.81 -5.94
C HIS A 339 -0.16 -21.28 -5.60
N LEU A 340 -0.84 -21.73 -4.54
CA LEU A 340 -0.74 -23.11 -4.09
C LEU A 340 -1.14 -24.03 -5.24
N ILE A 341 -2.38 -23.84 -5.70
CA ILE A 341 -2.95 -24.68 -6.76
C ILE A 341 -2.14 -24.64 -8.05
N ALA A 342 -1.76 -23.43 -8.46
CA ALA A 342 -1.02 -23.26 -9.70
C ALA A 342 0.34 -23.96 -9.67
N SER A 343 1.01 -23.96 -8.51
CA SER A 343 2.32 -24.60 -8.41
C SER A 343 2.20 -26.12 -8.53
N GLU A 344 1.08 -26.67 -8.05
CA GLU A 344 0.85 -28.11 -8.09
C GLU A 344 0.52 -28.59 -9.50
N GLU A 345 -0.05 -27.71 -10.32
CA GLU A 345 -0.45 -28.07 -11.67
C GLU A 345 0.69 -27.93 -12.68
N THR A 346 1.78 -27.29 -12.27
CA THR A 346 2.88 -27.01 -13.18
C THR A 346 4.23 -27.51 -12.65
N GLY A 347 4.20 -28.61 -11.92
CA GLY A 347 5.42 -29.20 -11.40
C GLY A 347 6.18 -30.08 -12.39
N PHE A 348 7.08 -30.90 -11.86
CA PHE A 348 7.97 -31.72 -12.66
C PHE A 348 8.41 -32.92 -11.83
N HIS A 349 9.02 -33.92 -12.47
CA HIS A 349 9.49 -35.10 -11.75
C HIS A 349 10.99 -35.05 -11.48
N THR A 350 11.38 -35.45 -10.28
CA THR A 350 12.78 -35.58 -9.93
C THR A 350 13.34 -36.88 -10.51
N LYS A 351 14.63 -37.11 -10.31
CA LYS A 351 15.24 -38.38 -10.72
C LYS A 351 14.54 -39.55 -10.04
N GLY A 352 14.17 -39.35 -8.78
CA GLY A 352 13.49 -40.38 -8.01
C GLY A 352 12.07 -40.65 -8.49
N GLY A 353 11.61 -39.90 -9.48
CA GLY A 353 10.29 -40.08 -10.02
C GLY A 353 9.22 -39.38 -9.20
N ARG A 354 9.66 -38.56 -8.26
CA ARG A 354 8.75 -37.83 -7.38
C ARG A 354 8.27 -36.53 -8.03
N TYR A 355 6.96 -36.31 -8.00
CA TYR A 355 6.37 -35.09 -8.54
C TYR A 355 6.52 -33.93 -7.55
N LYS A 356 7.28 -32.91 -7.95
CA LYS A 356 7.45 -31.69 -7.15
C LYS A 356 6.62 -30.56 -7.73
N PRO A 357 6.05 -29.71 -6.85
CA PRO A 357 5.32 -28.51 -7.28
C PRO A 357 6.27 -27.47 -7.86
N ASN A 358 5.74 -26.52 -8.63
CA ASN A 358 6.55 -25.47 -9.22
C ASN A 358 7.08 -24.48 -8.18
N PRO A 359 8.41 -24.47 -7.98
CA PRO A 359 9.11 -23.66 -6.97
C PRO A 359 9.03 -22.16 -7.24
N LEU A 360 9.09 -21.77 -8.52
CA LEU A 360 8.97 -20.37 -8.87
C LEU A 360 7.63 -19.83 -8.36
N ILE A 361 6.58 -20.64 -8.50
CA ILE A 361 5.23 -20.20 -8.18
C ILE A 361 4.92 -20.26 -6.69
N TYR A 362 5.33 -21.35 -6.03
CA TYR A 362 5.08 -21.44 -4.59
C TYR A 362 6.02 -20.56 -3.73
N ASP A 363 7.19 -20.24 -4.27
CA ASP A 363 8.10 -19.34 -3.55
C ASP A 363 7.62 -17.90 -3.64
N PHE A 364 7.03 -17.53 -4.77
CA PHE A 364 6.43 -16.20 -4.87
C PHE A 364 5.13 -16.14 -4.07
N GLY A 365 4.45 -17.28 -3.97
CA GLY A 365 3.29 -17.39 -3.10
C GLY A 365 3.70 -17.07 -1.68
N ARG A 366 4.82 -17.66 -1.25
CA ARG A 366 5.37 -17.40 0.07
C ARG A 366 5.69 -15.92 0.26
N ALA A 367 6.31 -15.31 -0.75
CA ALA A 367 6.65 -13.89 -0.70
C ALA A 367 5.41 -13.02 -0.57
N HIS A 368 4.32 -13.44 -1.22
CA HIS A 368 3.07 -12.70 -1.15
C HIS A 368 2.49 -12.70 0.25
N PHE A 369 2.63 -13.81 0.96
CA PHE A 369 2.18 -13.89 2.33
C PHE A 369 2.99 -12.96 3.20
N LEU A 370 4.31 -13.00 3.02
CA LEU A 370 5.20 -12.23 3.85
C LEU A 370 4.99 -10.73 3.70
N GLN A 371 4.63 -10.31 2.49
CA GLN A 371 4.47 -8.89 2.18
C GLN A 371 3.10 -8.35 2.51
N ASN A 372 2.14 -9.22 2.80
CA ASN A 372 0.77 -8.79 3.02
C ASN A 372 0.19 -9.19 4.38
N GLN A 373 0.97 -9.93 5.17
CA GLN A 373 0.46 -10.44 6.43
C GLN A 373 0.25 -9.35 7.50
N MET A 374 0.98 -8.26 7.40
CA MET A 374 0.78 -7.14 8.31
C MET A 374 -0.51 -6.42 7.99
N SER A 375 -0.79 -6.27 6.71
CA SER A 375 -2.02 -5.67 6.24
C SER A 375 -3.22 -6.53 6.63
N VAL A 376 -3.01 -7.84 6.66
CA VAL A 376 -4.06 -8.78 7.02
C VAL A 376 -4.27 -8.80 8.54
N MET A 377 -3.17 -8.81 9.29
CA MET A 377 -3.25 -8.70 10.74
C MET A 377 -4.02 -7.44 11.12
N TYR A 378 -3.64 -6.33 10.50
CA TYR A 378 -4.25 -5.03 10.77
C TYR A 378 -5.74 -5.04 10.49
N GLU A 379 -6.12 -5.70 9.40
CA GLU A 379 -7.53 -5.71 9.00
C GLU A 379 -8.38 -6.51 9.97
N LEU A 380 -7.86 -7.64 10.44
CA LEU A 380 -8.59 -8.48 11.38
C LEU A 380 -8.75 -7.78 12.72
N LEU A 381 -7.64 -7.21 13.22
CA LEU A 381 -7.65 -6.50 14.49
C LEU A 381 -8.65 -5.34 14.47
N ASP A 382 -8.71 -4.64 13.34
CA ASP A 382 -9.60 -3.49 13.19
C ASP A 382 -11.07 -3.91 13.22
N LEU A 383 -11.36 -5.09 12.70
CA LEU A 383 -12.74 -5.59 12.68
C LEU A 383 -13.14 -6.13 14.05
N ALA A 384 -12.19 -6.70 14.77
CA ALA A 384 -12.49 -7.32 16.07
C ALA A 384 -12.64 -6.28 17.17
N GLY A 385 -12.02 -5.13 16.99
CA GLY A 385 -12.13 -4.03 17.94
C GLY A 385 -11.67 -4.37 19.34
N ARG A 386 -12.45 -3.93 20.31
CA ARG A 386 -12.12 -4.08 21.72
C ARG A 386 -12.10 -5.54 22.19
N SER A 387 -12.71 -6.43 21.41
CA SER A 387 -12.83 -7.84 21.80
C SER A 387 -11.50 -8.59 21.92
N SER A 388 -10.46 -8.09 21.26
CA SER A 388 -9.16 -8.75 21.32
C SER A 388 -8.30 -8.21 22.46
N LEU A 389 -8.78 -7.16 23.10
CA LEU A 389 -8.03 -6.50 24.16
C LEU A 389 -8.77 -6.58 25.49
N MET A 390 -9.97 -6.01 25.52
CA MET A 390 -10.77 -6.01 26.74
C MET A 390 -11.48 -7.34 26.92
N ILE A 391 -10.71 -8.37 27.23
CA ILE A 391 -11.27 -9.69 27.47
C ILE A 391 -11.47 -9.94 28.96
N PRO A 392 -12.71 -10.22 29.37
CA PRO A 392 -12.99 -10.55 30.77
C PRO A 392 -12.56 -11.99 31.11
N SER A 393 -11.83 -12.15 32.21
CA SER A 393 -11.44 -13.47 32.70
C SER A 393 -12.66 -14.30 33.08
N GLU A 394 -12.47 -15.61 33.26
CA GLU A 394 -13.54 -16.49 33.69
C GLU A 394 -14.11 -16.00 35.02
N GLY A 395 -13.21 -15.63 35.92
CA GLY A 395 -13.61 -15.14 37.22
C GLY A 395 -14.53 -13.93 37.11
N GLN A 396 -14.17 -12.97 36.29
CA GLN A 396 -14.99 -11.78 36.10
C GLN A 396 -16.33 -12.12 35.47
N TRP A 397 -16.29 -12.89 34.39
CA TRP A 397 -17.50 -13.35 33.71
C TRP A 397 -18.48 -14.04 34.65
N ASP A 398 -17.94 -14.85 35.56
CA ASP A 398 -18.75 -15.67 36.45
C ASP A 398 -19.07 -15.01 37.79
N ASP A 399 -18.51 -13.82 38.02
CA ASP A 399 -18.79 -13.10 39.26
C ASP A 399 -20.29 -13.03 39.45
N SER A 400 -20.76 -13.32 40.67
CA SER A 400 -22.18 -13.41 40.94
C SER A 400 -22.88 -12.06 40.89
N GLN A 401 -22.21 -11.01 41.34
CA GLN A 401 -22.83 -9.70 41.41
C GLN A 401 -22.68 -8.88 40.11
N SER A 402 -21.53 -9.01 39.45
CA SER A 402 -21.24 -8.15 38.30
C SER A 402 -21.11 -8.91 36.98
N GLY A 403 -21.15 -10.23 37.04
CA GLY A 403 -20.98 -11.07 35.86
C GLY A 403 -21.95 -10.78 34.72
N GLN A 404 -23.20 -10.45 35.06
CA GLN A 404 -24.24 -10.20 34.07
C GLN A 404 -23.99 -8.97 33.19
N TRP A 405 -23.14 -8.06 33.67
CA TRP A 405 -22.76 -6.91 32.87
C TRP A 405 -21.98 -7.34 31.63
N PHE A 406 -21.18 -8.39 31.78
CA PHE A 406 -20.36 -8.89 30.68
C PHE A 406 -21.19 -9.63 29.64
N VAL A 407 -22.23 -10.31 30.10
CA VAL A 407 -23.21 -10.93 29.20
C VAL A 407 -23.89 -9.87 28.34
N LYS A 408 -24.31 -8.77 28.96
CA LYS A 408 -24.96 -7.68 28.23
C LYS A 408 -23.99 -6.94 27.32
N LEU A 409 -22.75 -6.81 27.76
CA LEU A 409 -21.73 -6.12 26.97
C LEU A 409 -21.40 -6.89 25.69
N ASN A 410 -21.51 -8.22 25.75
CA ASN A 410 -21.11 -9.07 24.64
C ASN A 410 -22.28 -9.67 23.86
N ASN A 411 -23.49 -9.21 24.14
CA ASN A 411 -24.66 -9.69 23.41
C ASN A 411 -24.79 -9.10 22.01
N GLY A 412 -25.41 -9.87 21.12
CA GLY A 412 -25.53 -9.47 19.73
C GLY A 412 -26.65 -10.18 19.04
N PRO A 413 -26.80 -9.94 17.73
CA PRO A 413 -27.89 -10.47 16.90
C PRO A 413 -27.97 -12.00 16.92
N LYS A 414 -26.83 -12.68 17.14
CA LYS A 414 -26.80 -14.13 17.13
C LYS A 414 -26.76 -14.72 18.53
N GLY A 415 -27.09 -13.91 19.53
CA GLY A 415 -27.05 -14.35 20.91
C GLY A 415 -25.70 -14.96 21.26
N ASN A 416 -25.69 -15.87 22.23
CA ASN A 416 -24.46 -16.52 22.70
C ASN A 416 -23.33 -15.55 22.99
N PRO A 417 -23.50 -14.70 24.01
CA PRO A 417 -22.50 -13.69 24.38
C PRO A 417 -21.10 -14.27 24.62
N ARG A 418 -21.02 -15.49 25.15
CA ARG A 418 -19.72 -16.10 25.46
C ARG A 418 -18.83 -16.24 24.23
N GLU A 419 -19.45 -16.38 23.05
CA GLU A 419 -18.70 -16.58 21.82
C GLU A 419 -17.80 -15.41 21.44
N ARG A 420 -18.22 -14.19 21.77
CA ARG A 420 -17.41 -13.01 21.47
C ARG A 420 -16.07 -13.05 22.20
N VAL A 421 -16.08 -13.50 23.44
CA VAL A 421 -14.85 -13.66 24.21
C VAL A 421 -14.00 -14.80 23.65
N GLN A 422 -14.65 -15.88 23.22
CA GLN A 422 -13.95 -17.01 22.65
C GLN A 422 -13.19 -16.60 21.41
N ILE A 423 -13.85 -15.90 20.51
CA ILE A 423 -13.24 -15.42 19.28
C ILE A 423 -12.11 -14.45 19.61
N GLY A 424 -12.39 -13.48 20.48
CA GLY A 424 -11.39 -12.50 20.88
C GLY A 424 -10.13 -13.08 21.49
N ARG A 425 -10.28 -14.20 22.19
CA ARG A 425 -9.14 -14.86 22.81
C ARG A 425 -8.24 -15.52 21.77
N VAL A 426 -8.85 -16.13 20.75
CA VAL A 426 -8.09 -16.67 19.65
C VAL A 426 -7.30 -15.57 18.92
N ILE A 427 -7.99 -14.47 18.60
CA ILE A 427 -7.35 -13.36 17.90
C ILE A 427 -6.22 -12.76 18.73
N ARG A 428 -6.47 -12.58 20.02
CA ARG A 428 -5.46 -12.09 20.96
C ARG A 428 -4.22 -12.99 20.97
N ASP A 429 -4.43 -14.29 21.05
CA ASP A 429 -3.31 -15.25 21.07
C ASP A 429 -2.51 -15.16 19.78
N LEU A 430 -3.21 -15.22 18.66
CA LEU A 430 -2.58 -15.16 17.34
C LEU A 430 -1.73 -13.92 17.09
N TYR A 431 -2.20 -12.76 17.56
CA TYR A 431 -1.60 -11.49 17.14
C TYR A 431 -1.14 -10.55 18.24
N LEU A 432 -1.47 -10.87 19.50
CA LEU A 432 -1.16 -9.96 20.60
C LEU A 432 -0.50 -10.64 21.80
N THR A 433 0.26 -11.70 21.53
CA THR A 433 1.06 -12.35 22.56
C THR A 433 2.47 -12.56 22.04
N ASP A 434 3.39 -12.85 22.95
CA ASP A 434 4.76 -13.22 22.58
C ASP A 434 4.68 -14.38 21.61
N TRP A 435 3.88 -15.38 21.97
CA TRP A 435 3.71 -16.60 21.19
C TRP A 435 3.20 -16.32 19.79
N GLY A 436 2.24 -15.40 19.68
CA GLY A 436 1.70 -15.02 18.40
C GLY A 436 2.75 -14.28 17.58
N GLY A 437 3.53 -13.45 18.27
CA GLY A 437 4.57 -12.65 17.61
C GLY A 437 5.65 -13.46 16.94
N ARG A 438 6.00 -14.60 17.51
CA ARG A 438 7.04 -15.44 16.91
C ARG A 438 6.57 -16.06 15.59
N GLN A 439 5.26 -16.14 15.41
CA GLN A 439 4.70 -16.63 14.17
C GLN A 439 4.81 -15.58 13.06
N PHE A 440 5.30 -14.39 13.41
CA PHE A 440 5.74 -13.41 12.41
C PHE A 440 7.21 -13.66 12.10
N MET A 441 8.01 -13.76 13.17
CA MET A 441 9.46 -13.91 13.06
C MET A 441 9.92 -15.24 12.45
N PHE A 442 8.99 -16.20 12.35
CA PHE A 442 9.31 -17.50 11.77
C PHE A 442 9.98 -17.31 10.41
N GLU A 443 9.54 -16.29 9.68
CA GLU A 443 10.02 -16.02 8.33
C GLU A 443 10.58 -14.60 8.24
N ASN A 444 10.49 -13.88 9.35
CA ASN A 444 10.93 -12.49 9.42
C ASN A 444 12.46 -12.36 9.47
N PHE A 445 13.15 -13.36 8.92
CA PHE A 445 14.61 -13.41 9.00
C PHE A 445 15.25 -14.08 7.80
N ASN A 446 14.55 -15.05 7.20
CA ASN A 446 15.12 -15.90 6.15
C ASN A 446 15.32 -15.23 4.79
N GLY A 447 15.79 -13.99 4.80
CA GLY A 447 16.09 -13.28 3.56
C GLY A 447 16.01 -11.76 3.67
N THR A 448 17.18 -11.11 3.60
CA THR A 448 17.23 -9.65 3.56
C THR A 448 16.36 -9.17 2.40
N PRO A 449 15.72 -8.00 2.55
CA PRO A 449 14.65 -7.51 1.67
C PRO A 449 14.43 -8.36 0.42
N LEU A 450 14.74 -7.78 -0.74
CA LEU A 450 14.72 -8.52 -2.00
C LEU A 450 16.12 -8.49 -2.61
N PHE A 451 17.11 -8.21 -1.76
CA PHE A 451 18.52 -8.26 -2.15
C PHE A 451 18.90 -9.72 -2.39
N ALA A 452 18.00 -10.61 -2.01
CA ALA A 452 18.18 -12.05 -2.18
C ALA A 452 16.87 -12.72 -2.58
N VAL A 453 16.19 -12.17 -3.57
CA VAL A 453 14.96 -12.76 -4.09
C VAL A 453 14.91 -12.66 -5.61
N PHE A 454 15.65 -11.70 -6.16
CA PHE A 454 15.80 -11.59 -7.61
C PHE A 454 17.26 -11.86 -7.98
N ALA A 455 18.15 -11.68 -7.03
CA ALA A 455 19.50 -12.19 -7.14
C ALA A 455 19.38 -13.70 -6.96
N ALA A 456 18.24 -14.10 -6.40
CA ALA A 456 17.89 -15.51 -6.22
C ALA A 456 16.89 -15.95 -7.28
N THR A 457 16.61 -15.06 -8.23
CA THR A 457 15.68 -15.37 -9.31
C THR A 457 16.31 -15.15 -10.69
N MET A 458 16.79 -13.93 -10.94
CA MET A 458 17.40 -13.62 -12.23
C MET A 458 18.59 -14.51 -12.53
N THR A 459 19.27 -14.96 -11.46
CA THR A 459 20.45 -15.81 -11.61
C THR A 459 20.09 -17.29 -11.50
N ARG A 460 18.93 -17.59 -10.93
CA ARG A 460 18.44 -18.96 -10.83
C ARG A 460 17.42 -19.28 -11.93
N ASP A 461 16.96 -18.24 -12.62
CA ASP A 461 16.10 -18.39 -13.78
C ASP A 461 16.67 -17.57 -14.93
N ASP A 462 15.88 -17.42 -15.99
CA ASP A 462 16.27 -16.59 -17.12
C ASP A 462 16.14 -15.12 -16.74
N MET A 463 14.92 -14.73 -16.41
CA MET A 463 14.57 -13.36 -15.99
C MET A 463 15.38 -12.24 -16.65
N SER A 464 15.83 -12.47 -17.87
CA SER A 464 16.52 -11.45 -18.64
C SER A 464 15.74 -11.19 -19.92
N ALA A 465 16.23 -10.28 -20.75
CA ALA A 465 15.56 -9.96 -22.01
C ALA A 465 15.55 -11.17 -22.95
N ALA A 466 16.47 -12.09 -22.71
CA ALA A 466 16.56 -13.31 -23.52
C ALA A 466 15.70 -14.42 -22.92
N GLY A 467 15.18 -14.16 -21.72
CA GLY A 467 14.34 -15.12 -21.02
C GLY A 467 12.91 -15.11 -21.55
N THR A 468 12.00 -15.72 -20.81
CA THR A 468 10.64 -15.91 -21.27
C THR A 468 9.79 -14.63 -21.32
N TYR A 469 10.14 -13.65 -20.49
CA TYR A 469 9.38 -12.39 -20.46
C TYR A 469 9.79 -11.44 -21.57
N GLY A 470 10.87 -11.78 -22.28
CA GLY A 470 11.40 -10.90 -23.31
C GLY A 470 10.71 -11.07 -24.66
N LYS A 471 10.03 -12.19 -24.84
CA LYS A 471 9.42 -12.53 -26.13
C LYS A 471 8.34 -11.53 -26.56
N PHE A 472 7.28 -11.41 -25.76
CA PHE A 472 6.16 -10.54 -26.09
C PHE A 472 6.58 -9.08 -26.24
N ALA A 473 7.30 -8.57 -25.25
CA ALA A 473 7.74 -7.18 -25.26
C ALA A 473 8.60 -6.88 -26.50
N SER A 474 9.55 -7.77 -26.79
CA SER A 474 10.38 -7.63 -27.98
C SER A 474 9.54 -7.51 -29.25
N GLN A 475 8.62 -8.47 -29.44
CA GLN A 475 7.71 -8.43 -30.57
C GLN A 475 6.99 -7.08 -30.65
N VAL A 476 6.33 -6.71 -29.57
CA VAL A 476 5.53 -5.49 -29.54
C VAL A 476 6.37 -4.26 -29.86
N CYS A 477 7.63 -4.28 -29.44
CA CYS A 477 8.55 -3.18 -29.68
C CYS A 477 9.22 -3.27 -31.06
N GLY A 478 8.99 -4.38 -31.77
CA GLY A 478 9.61 -4.60 -33.06
C GLY A 478 11.09 -4.88 -32.94
N ILE A 479 11.46 -5.71 -31.97
CA ILE A 479 12.87 -6.00 -31.70
C ILE A 479 13.21 -7.49 -31.70
N GLU A 480 14.43 -7.78 -32.15
CA GLU A 480 15.15 -9.04 -31.88
C GLU A 480 14.38 -10.21 -31.30
N PHE A 481 14.84 -10.69 -30.15
CA PHE A 481 14.44 -11.98 -29.56
C PHE A 481 14.39 -13.16 -30.53
N GLY A 482 15.19 -14.18 -30.24
CA GLY A 482 15.23 -15.38 -31.05
C GLY A 482 16.49 -16.19 -30.82
N MET B 1 6.53 46.57 -15.46
CA MET B 1 6.35 45.13 -15.58
C MET B 1 6.03 44.77 -17.02
N ARG B 2 6.76 43.80 -17.54
CA ARG B 2 6.58 43.32 -18.90
C ARG B 2 5.11 43.01 -19.16
N THR B 3 4.72 43.05 -20.43
CA THR B 3 3.36 42.75 -20.80
C THR B 3 3.31 41.48 -21.64
N GLY B 4 2.15 40.83 -21.68
CA GLY B 4 1.97 39.62 -22.45
C GLY B 4 2.27 39.85 -23.92
N LYS B 5 1.69 40.91 -24.46
CA LYS B 5 1.95 41.31 -25.84
C LYS B 5 3.43 41.45 -26.11
N GLN B 6 4.14 42.11 -25.19
CA GLN B 6 5.58 42.31 -25.33
C GLN B 6 6.32 40.98 -25.29
N TYR B 7 5.87 40.09 -24.40
CA TYR B 7 6.47 38.77 -24.32
C TYR B 7 6.34 38.03 -25.65
N LEU B 8 5.15 38.06 -26.23
CA LEU B 8 4.88 37.31 -27.47
C LEU B 8 5.73 37.83 -28.65
N GLU B 9 5.96 39.14 -28.69
CA GLU B 9 6.79 39.74 -29.73
C GLU B 9 8.24 39.29 -29.61
N SER B 10 8.73 39.20 -28.39
CA SER B 10 10.14 38.86 -28.15
C SER B 10 10.46 37.42 -28.55
N LEU B 11 9.42 36.61 -28.75
CA LEU B 11 9.61 35.22 -29.17
C LEU B 11 10.02 35.09 -30.64
N ASN B 12 9.56 36.04 -31.47
CA ASN B 12 9.87 36.02 -32.90
C ASN B 12 11.26 36.58 -33.19
N ASP B 13 12.29 35.93 -32.66
CA ASP B 13 13.64 36.46 -32.70
C ASP B 13 14.59 35.58 -33.51
N GLY B 14 14.04 34.69 -34.32
CA GLY B 14 14.85 33.83 -35.16
C GLY B 14 15.51 32.66 -34.44
N ARG B 15 14.96 32.29 -33.29
CA ARG B 15 15.42 31.10 -32.58
C ARG B 15 15.04 29.86 -33.39
N VAL B 16 15.94 28.89 -33.45
CA VAL B 16 15.66 27.67 -34.20
C VAL B 16 15.15 26.56 -33.29
N VAL B 17 13.88 26.20 -33.47
CA VAL B 17 13.18 25.29 -32.59
C VAL B 17 12.37 24.29 -33.38
N TRP B 18 12.48 23.01 -33.02
CA TRP B 18 11.66 21.97 -33.61
C TRP B 18 10.68 21.47 -32.55
N VAL B 19 9.43 21.26 -32.96
CA VAL B 19 8.50 20.50 -32.14
C VAL B 19 8.19 19.20 -32.86
N GLY B 20 8.81 18.11 -32.42
CA GLY B 20 8.77 16.87 -33.15
C GLY B 20 9.41 17.05 -34.51
N ASN B 21 8.70 16.61 -35.55
CA ASN B 21 9.17 16.75 -36.92
C ASN B 21 9.16 18.20 -37.39
N GLU B 22 8.29 19.01 -36.79
CA GLU B 22 7.97 20.34 -37.29
C GLU B 22 8.90 21.46 -36.80
N LYS B 23 9.58 22.13 -37.73
CA LYS B 23 10.35 23.32 -37.38
C LYS B 23 9.39 24.48 -37.15
N ILE B 24 9.69 25.31 -36.16
CA ILE B 24 8.79 26.38 -35.76
C ILE B 24 9.28 27.75 -36.23
N ASP B 25 8.44 28.43 -37.01
CA ASP B 25 8.78 29.75 -37.53
C ASP B 25 8.74 30.82 -36.43
N ASN B 26 7.66 30.78 -35.66
CA ASN B 26 7.47 31.70 -34.54
C ASN B 26 6.71 31.04 -33.40
N VAL B 27 7.42 30.75 -32.31
CA VAL B 27 6.83 30.09 -31.16
C VAL B 27 5.52 30.72 -30.67
N ALA B 28 5.44 32.05 -30.72
CA ALA B 28 4.27 32.75 -30.21
C ALA B 28 3.01 32.49 -31.04
N THR B 29 3.20 32.00 -32.25
CA THR B 29 2.12 31.98 -33.24
C THR B 29 1.82 30.59 -33.79
N HIS B 30 2.82 29.71 -33.77
CA HIS B 30 2.67 28.38 -34.32
C HIS B 30 1.59 27.61 -33.56
N PRO B 31 0.78 26.83 -34.28
CA PRO B 31 -0.32 26.05 -33.68
C PRO B 31 0.14 25.08 -32.60
N LEU B 32 1.41 24.68 -32.62
CA LEU B 32 1.90 23.70 -31.66
C LEU B 32 2.49 24.33 -30.41
N THR B 33 2.69 25.65 -30.44
CA THR B 33 3.36 26.33 -29.33
C THR B 33 2.59 27.53 -28.79
N ARG B 34 1.71 28.08 -29.63
CA ARG B 34 1.08 29.36 -29.33
C ARG B 34 0.30 29.36 -28.01
N ASP B 35 -0.35 28.25 -27.71
CA ASP B 35 -1.21 28.17 -26.52
C ASP B 35 -0.43 28.28 -25.21
N TYR B 36 0.69 27.58 -25.12
CA TYR B 36 1.52 27.71 -23.93
C TYR B 36 2.16 29.10 -23.88
N ALA B 37 2.67 29.54 -25.02
CA ALA B 37 3.22 30.88 -25.15
C ALA B 37 2.22 31.91 -24.62
N GLU B 38 0.93 31.70 -24.87
CA GLU B 38 -0.10 32.60 -24.38
C GLU B 38 -0.37 32.46 -22.88
N ARG B 39 0.07 31.34 -22.30
CA ARG B 39 -0.04 31.15 -20.86
C ARG B 39 1.04 31.97 -20.16
N VAL B 40 2.21 32.03 -20.78
CA VAL B 40 3.30 32.86 -20.26
C VAL B 40 2.93 34.33 -20.41
N ALA B 41 2.28 34.66 -21.53
CA ALA B 41 1.73 36.00 -21.71
C ALA B 41 0.73 36.28 -20.59
N GLN B 42 -0.17 35.33 -20.36
CA GLN B 42 -1.15 35.41 -19.28
C GLN B 42 -0.47 35.66 -17.94
N PHE B 43 0.65 34.99 -17.70
CA PHE B 43 1.43 35.18 -16.49
C PHE B 43 1.81 36.65 -16.30
N TYR B 44 2.34 37.26 -17.35
CA TYR B 44 2.75 38.67 -17.29
C TYR B 44 1.56 39.62 -17.12
N ASP B 45 0.50 39.40 -17.88
CA ASP B 45 -0.67 40.27 -17.83
C ASP B 45 -1.34 40.23 -16.46
N LEU B 46 -1.29 39.08 -15.81
CA LEU B 46 -1.86 38.91 -14.47
C LEU B 46 -1.39 40.01 -13.50
N HIS B 47 -0.14 40.40 -13.62
CA HIS B 47 0.45 41.39 -12.73
C HIS B 47 -0.06 42.81 -12.95
N HIS B 48 -0.82 43.00 -14.03
CA HIS B 48 -1.43 44.31 -14.29
C HIS B 48 -2.90 44.38 -13.85
N ARG B 49 -3.45 43.24 -13.40
CA ARG B 49 -4.80 43.20 -12.87
C ARG B 49 -4.90 44.11 -11.63
N PRO B 50 -5.77 45.12 -11.69
CA PRO B 50 -5.90 46.01 -10.54
C PRO B 50 -6.24 45.25 -9.25
N ASP B 51 -7.14 44.28 -9.35
CA ASP B 51 -7.56 43.51 -8.17
C ASP B 51 -6.45 42.62 -7.60
N LEU B 52 -5.40 42.37 -8.37
CA LEU B 52 -4.31 41.49 -7.92
C LEU B 52 -3.05 42.25 -7.55
N GLN B 53 -3.11 43.58 -7.53
CA GLN B 53 -1.92 44.39 -7.30
C GLN B 53 -1.19 44.10 -5.99
N ASP B 54 -1.94 43.82 -4.93
CA ASP B 54 -1.29 43.57 -3.64
C ASP B 54 -0.59 42.21 -3.58
N VAL B 55 -1.25 41.15 -4.04
CA VAL B 55 -0.66 39.82 -3.95
C VAL B 55 0.48 39.60 -4.93
N LEU B 56 0.39 40.25 -6.09
CA LEU B 56 1.33 40.01 -7.18
C LEU B 56 2.51 40.97 -7.25
N THR B 57 2.36 42.17 -6.69
CA THR B 57 3.37 43.21 -6.86
C THR B 57 3.82 43.85 -5.56
N PHE B 58 5.02 44.44 -5.59
CA PHE B 58 5.56 45.18 -4.46
C PHE B 58 6.36 46.36 -5.00
N VAL B 59 6.58 47.37 -4.16
CA VAL B 59 7.44 48.48 -4.51
C VAL B 59 8.89 48.15 -4.16
N ASP B 60 9.72 48.01 -5.18
CA ASP B 60 11.10 47.58 -4.98
C ASP B 60 11.95 48.70 -4.35
N ALA B 61 13.21 48.39 -4.06
CA ALA B 61 14.12 49.32 -3.41
C ALA B 61 14.43 50.56 -4.26
N ASP B 62 14.21 50.46 -5.56
CA ASP B 62 14.44 51.61 -6.44
C ASP B 62 13.16 52.42 -6.69
N GLY B 63 12.11 52.11 -5.94
CA GLY B 63 10.85 52.81 -6.06
C GLY B 63 9.96 52.28 -7.17
N VAL B 64 10.44 51.28 -7.89
CA VAL B 64 9.70 50.72 -9.01
C VAL B 64 8.82 49.56 -8.56
N ARG B 65 7.54 49.60 -8.95
CA ARG B 65 6.63 48.50 -8.63
C ARG B 65 6.91 47.32 -9.53
N ARG B 66 7.19 46.17 -8.93
CA ARG B 66 7.53 44.96 -9.68
C ARG B 66 6.75 43.76 -9.18
N SER B 67 6.94 42.64 -9.86
CA SER B 67 6.31 41.40 -9.46
C SER B 67 6.99 40.87 -8.21
N ARG B 68 6.21 40.34 -7.28
CA ARG B 68 6.77 39.76 -6.06
C ARG B 68 7.66 38.58 -6.38
N GLN B 69 7.66 38.19 -7.65
CA GLN B 69 8.59 37.20 -8.18
C GLN B 69 10.02 37.59 -7.81
N TRP B 70 10.29 38.89 -7.78
CA TRP B 70 11.64 39.40 -7.56
C TRP B 70 11.91 39.71 -6.10
N GLN B 71 10.89 39.57 -5.26
CA GLN B 71 10.97 39.95 -3.86
C GLN B 71 11.67 38.89 -2.99
N ASP B 72 12.51 39.34 -2.06
CA ASP B 72 13.23 38.41 -1.18
C ASP B 72 12.55 38.26 0.19
N PRO B 73 12.26 37.01 0.60
CA PRO B 73 11.67 36.72 1.90
C PRO B 73 12.73 36.80 2.99
N LYS B 74 12.46 37.55 4.07
CA LYS B 74 13.44 37.74 5.13
C LYS B 74 13.18 36.85 6.35
N ASP B 75 11.95 36.36 6.45
CA ASP B 75 11.57 35.48 7.54
C ASP B 75 10.37 34.63 7.12
N ALA B 76 9.93 33.75 8.01
CA ALA B 76 8.80 32.88 7.73
C ALA B 76 7.60 33.67 7.19
N ALA B 77 7.32 34.79 7.84
CA ALA B 77 6.24 35.67 7.42
C ALA B 77 6.45 36.13 5.97
N GLY B 78 7.67 36.52 5.65
CA GLY B 78 8.00 36.89 4.28
C GLY B 78 7.80 35.73 3.33
N LEU B 79 8.13 34.53 3.77
CA LEU B 79 8.01 33.34 2.93
C LEU B 79 6.56 33.00 2.61
N ARG B 80 5.65 33.32 3.53
CA ARG B 80 4.23 33.09 3.27
C ARG B 80 3.68 34.07 2.25
N VAL B 81 4.25 35.28 2.22
CA VAL B 81 3.88 36.27 1.21
C VAL B 81 4.33 35.77 -0.17
N LYS B 82 5.54 35.22 -0.21
CA LYS B 82 6.09 34.65 -1.43
C LYS B 82 5.24 33.48 -1.91
N ARG B 83 4.93 32.57 -1.00
CA ARG B 83 4.09 31.42 -1.32
C ARG B 83 2.72 31.85 -1.81
N LYS B 84 2.17 32.88 -1.19
CA LYS B 84 0.85 33.37 -1.60
C LYS B 84 0.93 33.96 -3.00
N TYR B 85 2.06 34.58 -3.31
CA TYR B 85 2.31 35.07 -4.66
C TYR B 85 2.27 33.91 -5.66
N HIS B 86 3.02 32.85 -5.37
CA HIS B 86 3.10 31.69 -6.27
C HIS B 86 1.77 30.96 -6.43
N GLU B 87 1.03 30.85 -5.33
CA GLU B 87 -0.26 30.14 -5.34
C GLU B 87 -1.31 30.89 -6.15
N THR B 88 -1.22 32.21 -6.13
CA THR B 88 -2.15 33.04 -6.89
C THR B 88 -1.93 32.85 -8.39
N ILE B 89 -0.67 32.80 -8.80
CA ILE B 89 -0.32 32.52 -10.18
C ILE B 89 -0.85 31.17 -10.62
N LEU B 90 -0.57 30.13 -9.83
CA LEU B 90 -0.97 28.77 -10.16
C LEU B 90 -2.49 28.57 -10.21
N ARG B 91 -3.21 29.17 -9.26
CA ARG B 91 -4.66 29.03 -9.22
C ARG B 91 -5.33 29.67 -10.43
N GLU B 92 -4.72 30.74 -10.94
CA GLU B 92 -5.27 31.49 -12.07
C GLU B 92 -5.02 30.81 -13.42
N ILE B 93 -3.87 30.14 -13.54
CA ILE B 93 -3.45 29.64 -14.84
C ILE B 93 -3.54 28.12 -14.96
N ALA B 94 -4.60 27.64 -15.60
CA ALA B 94 -4.74 26.24 -15.96
C ALA B 94 -4.71 25.31 -14.75
N ALA B 95 -5.45 25.68 -13.70
CA ALA B 95 -5.59 24.81 -12.53
C ALA B 95 -4.25 24.36 -11.96
N GLY B 96 -3.26 25.26 -11.97
CA GLY B 96 -1.95 24.96 -11.42
C GLY B 96 -1.22 23.84 -12.13
N SER B 97 -1.44 23.72 -13.43
CA SER B 97 -0.87 22.63 -14.21
C SER B 97 0.56 22.88 -14.65
N TYR B 98 0.98 24.14 -14.73
CA TYR B 98 2.30 24.46 -15.23
C TYR B 98 3.33 24.62 -14.11
N GLY B 99 4.45 23.94 -14.24
CA GLY B 99 5.46 23.95 -13.20
C GLY B 99 6.71 24.78 -13.51
N ARG B 100 6.78 25.35 -14.72
CA ARG B 100 7.96 26.12 -15.11
C ARG B 100 7.64 27.50 -15.69
N LEU B 101 6.61 28.13 -15.14
CA LEU B 101 6.33 29.53 -15.46
C LEU B 101 7.52 30.32 -14.92
N PRO B 102 7.67 31.58 -15.36
CA PRO B 102 8.88 32.38 -15.05
C PRO B 102 9.23 32.47 -13.56
N ASP B 103 8.24 32.62 -12.70
CA ASP B 103 8.49 32.75 -11.26
C ASP B 103 9.09 31.47 -10.66
N ALA B 104 8.83 30.34 -11.31
CA ALA B 104 9.32 29.05 -10.81
C ALA B 104 10.84 28.97 -10.89
N HIS B 105 11.39 29.17 -12.08
CA HIS B 105 12.83 28.99 -12.29
C HIS B 105 13.65 30.27 -12.15
N ASN B 106 13.04 31.44 -12.40
CA ASN B 106 13.80 32.69 -12.34
C ASN B 106 14.40 32.95 -10.97
N TYR B 107 13.67 32.62 -9.91
CA TYR B 107 14.14 32.90 -8.56
C TYR B 107 15.43 32.16 -8.20
N THR B 108 15.76 31.12 -8.96
CA THR B 108 16.96 30.34 -8.71
C THR B 108 18.23 31.17 -8.81
N PHE B 109 18.16 32.28 -9.54
CA PHE B 109 19.33 33.14 -9.71
C PHE B 109 19.78 33.80 -8.41
N THR B 110 18.91 33.80 -7.41
CA THR B 110 19.25 34.39 -6.12
C THR B 110 20.37 33.65 -5.39
N THR B 111 20.64 32.41 -5.79
CA THR B 111 21.73 31.67 -5.15
C THR B 111 23.06 32.34 -5.52
N TYR B 112 23.15 32.84 -6.75
CA TYR B 112 24.30 33.64 -7.16
C TYR B 112 24.42 34.88 -6.27
N ALA B 113 23.31 35.60 -6.12
CA ALA B 113 23.28 36.81 -5.29
C ALA B 113 23.77 36.57 -3.87
N ASP B 114 23.42 35.41 -3.32
CA ASP B 114 23.78 35.07 -1.94
C ASP B 114 25.30 35.13 -1.72
N ASP B 115 26.06 34.91 -2.78
CA ASP B 115 27.52 34.94 -2.71
C ASP B 115 28.11 34.82 -4.11
N PRO B 116 28.24 35.95 -4.81
CA PRO B 116 28.71 35.96 -6.19
C PRO B 116 30.19 35.63 -6.33
N GLU B 117 30.98 35.94 -5.30
CA GLU B 117 32.43 35.79 -5.37
C GLU B 117 32.89 34.35 -5.64
N VAL B 118 32.35 33.40 -4.90
CA VAL B 118 32.77 32.01 -5.02
C VAL B 118 32.76 31.50 -6.45
N TRP B 119 31.77 31.94 -7.22
CA TRP B 119 31.62 31.46 -8.59
C TRP B 119 32.77 31.86 -9.48
N GLU B 120 33.37 33.02 -9.22
CA GLU B 120 34.53 33.45 -9.97
C GLU B 120 35.82 32.86 -9.40
N LYS B 121 35.99 32.97 -8.09
CA LYS B 121 37.25 32.61 -7.45
C LYS B 121 37.46 31.10 -7.42
N GLN B 122 36.47 30.35 -7.85
CA GLN B 122 36.56 28.89 -7.87
C GLN B 122 36.60 28.34 -9.28
N SER B 123 36.52 29.23 -10.27
CA SER B 123 36.59 28.81 -11.67
C SER B 123 38.01 28.38 -12.04
N ILE B 124 38.11 27.36 -12.89
CA ILE B 124 39.39 26.89 -13.39
C ILE B 124 39.59 27.32 -14.84
N GLY B 125 40.66 28.07 -15.08
CA GLY B 125 40.93 28.56 -16.42
C GLY B 125 40.09 29.77 -16.75
N ALA B 126 39.68 30.51 -15.72
CA ALA B 126 38.93 31.74 -15.89
C ALA B 126 39.87 32.92 -15.94
N GLU B 127 41.17 32.65 -15.78
CA GLU B 127 42.21 33.65 -15.97
C GLU B 127 41.90 34.94 -15.23
N GLY B 128 41.70 36.01 -16.01
CA GLY B 128 41.36 37.31 -15.47
C GLY B 128 40.05 37.80 -16.03
N ARG B 129 39.07 36.90 -16.08
CA ARG B 129 37.75 37.26 -16.55
C ARG B 129 36.89 37.66 -15.35
N ASN B 130 36.09 38.70 -15.52
CA ASN B 130 35.29 39.22 -14.42
C ASN B 130 33.91 38.55 -14.37
N LEU B 131 33.91 37.30 -13.92
CA LEU B 131 32.68 36.52 -13.83
C LEU B 131 31.71 37.07 -12.78
N THR B 132 32.26 37.58 -11.68
CA THR B 132 31.43 38.09 -10.58
C THR B 132 30.60 39.29 -11.04
N GLN B 133 31.20 40.14 -11.85
CA GLN B 133 30.49 41.26 -12.44
C GLN B 133 29.46 40.76 -13.45
N ASN B 134 29.77 39.65 -14.10
CA ASN B 134 28.85 39.01 -15.03
C ASN B 134 27.56 38.58 -14.35
N ILE B 135 27.69 38.07 -13.12
CA ILE B 135 26.55 37.71 -12.31
C ILE B 135 25.69 38.94 -12.03
N HIS B 136 26.27 39.92 -11.35
CA HIS B 136 25.55 41.14 -11.02
C HIS B 136 24.87 41.76 -12.24
N ASN B 137 25.55 41.71 -13.38
CA ASN B 137 25.01 42.31 -14.60
C ASN B 137 23.74 41.61 -15.06
N PHE B 138 23.77 40.28 -15.11
CA PHE B 138 22.60 39.54 -15.57
C PHE B 138 21.43 39.64 -14.60
N LEU B 139 21.71 39.57 -13.29
CA LEU B 139 20.66 39.70 -12.29
C LEU B 139 19.89 41.01 -12.48
N LYS B 140 20.61 42.07 -12.83
CA LYS B 140 19.98 43.36 -13.06
C LYS B 140 19.16 43.33 -14.35
N LEU B 141 19.74 42.79 -15.40
CA LEU B 141 19.05 42.69 -16.69
C LEU B 141 17.81 41.83 -16.53
N LEU B 142 17.99 40.64 -15.97
CA LEU B 142 16.91 39.69 -15.75
C LEU B 142 15.71 40.37 -15.07
N ARG B 143 15.99 41.02 -13.95
CA ARG B 143 14.98 41.69 -13.14
C ARG B 143 14.36 42.88 -13.87
N GLU B 144 15.21 43.78 -14.34
CA GLU B 144 14.74 45.05 -14.90
C GLU B 144 14.08 44.92 -16.27
N LYS B 145 14.50 43.94 -17.06
CA LYS B 145 13.84 43.69 -18.33
C LYS B 145 12.75 42.64 -18.17
N ASP B 146 12.59 42.15 -16.94
CA ASP B 146 11.54 41.19 -16.63
C ASP B 146 11.63 39.98 -17.57
N LEU B 147 12.82 39.43 -17.68
CA LEU B 147 13.08 38.34 -18.60
C LEU B 147 12.66 36.97 -18.05
N ASN B 148 12.52 36.01 -18.95
CA ASN B 148 12.17 34.64 -18.60
C ASN B 148 13.32 33.70 -18.92
N CYS B 149 13.90 33.10 -17.89
CA CYS B 149 15.15 32.35 -18.04
C CYS B 149 15.08 30.90 -17.51
N PRO B 150 14.51 30.00 -18.32
CA PRO B 150 14.36 28.56 -18.01
C PRO B 150 15.68 27.87 -17.70
N LEU B 151 15.63 26.85 -16.84
CA LEU B 151 16.82 26.07 -16.47
C LEU B 151 17.19 25.05 -17.53
N ASN B 152 18.48 24.93 -17.82
CA ASN B 152 18.99 23.91 -18.72
C ASN B 152 20.20 23.22 -18.09
N PHE B 153 19.93 22.40 -17.07
CA PHE B 153 20.98 21.83 -16.22
C PHE B 153 21.21 20.34 -16.43
N VAL B 154 20.21 19.63 -16.94
CA VAL B 154 20.25 18.16 -16.96
C VAL B 154 21.15 17.58 -18.04
N ASP B 155 22.01 16.66 -17.64
CA ASP B 155 22.94 16.01 -18.54
C ASP B 155 22.40 14.68 -19.02
N PRO B 156 22.89 14.19 -20.18
CA PRO B 156 22.54 12.86 -20.65
C PRO B 156 22.89 11.82 -19.59
N GLN B 157 22.27 10.65 -19.66
CA GLN B 157 22.55 9.58 -18.69
C GLN B 157 24.01 9.13 -18.74
N THR B 158 24.74 9.63 -19.73
CA THR B 158 26.19 9.39 -19.86
C THR B 158 26.55 7.91 -19.91
N ASP B 159 27.08 7.49 -21.06
CA ASP B 159 27.37 6.08 -21.35
C ASP B 159 27.80 5.27 -20.13
N ARG B 160 26.98 4.28 -19.76
CA ARG B 160 27.27 3.41 -18.64
C ARG B 160 27.84 2.09 -19.12
N SER B 161 28.88 2.17 -19.96
CA SER B 161 29.48 0.98 -20.54
C SER B 161 30.95 1.20 -20.91
N SER B 162 31.24 2.37 -21.48
CA SER B 162 32.59 2.67 -21.97
C SER B 162 33.56 3.01 -20.84
N ASP B 163 34.80 3.31 -21.22
CA ASP B 163 35.81 3.76 -20.28
C ASP B 163 35.55 5.22 -19.95
N ALA B 164 34.98 5.47 -18.78
CA ALA B 164 34.56 6.80 -18.36
C ALA B 164 35.66 7.87 -18.51
N ALA B 165 36.92 7.43 -18.43
CA ALA B 165 38.05 8.35 -18.55
C ALA B 165 38.11 9.02 -19.92
N GLN B 166 37.39 8.44 -20.89
CA GLN B 166 37.34 8.99 -22.24
C GLN B 166 35.96 9.57 -22.52
N ALA B 167 35.64 10.68 -21.85
CA ALA B 167 34.32 11.29 -21.96
C ALA B 167 34.18 12.14 -23.23
N ARG B 168 33.83 11.47 -24.33
CA ARG B 168 33.50 12.19 -25.56
C ARG B 168 32.04 11.97 -25.91
N SER B 169 31.29 13.07 -25.99
CA SER B 169 29.86 13.06 -26.30
C SER B 169 29.03 12.33 -25.24
N PRO B 170 27.75 12.70 -25.11
CA PRO B 170 27.11 13.80 -25.84
C PRO B 170 27.07 15.08 -25.00
N ASN B 171 27.66 15.02 -23.81
CA ASN B 171 27.61 16.14 -22.87
C ASN B 171 28.17 17.43 -23.45
N LEU B 172 27.59 18.56 -23.02
CA LEU B 172 28.08 19.87 -23.43
C LEU B 172 29.44 20.14 -22.78
N ARG B 173 30.40 20.57 -23.57
CA ARG B 173 31.75 20.80 -23.08
C ARG B 173 32.42 21.98 -23.77
N ILE B 174 33.36 22.61 -23.08
CA ILE B 174 34.17 23.67 -23.65
C ILE B 174 35.20 23.05 -24.59
N VAL B 175 35.10 23.36 -25.88
CA VAL B 175 36.01 22.81 -26.87
C VAL B 175 37.11 23.79 -27.28
N GLU B 176 37.05 25.01 -26.74
CA GLU B 176 38.07 26.03 -27.00
C GLU B 176 37.70 27.38 -26.38
N LYS B 177 38.67 28.01 -25.72
CA LYS B 177 38.47 29.37 -25.22
C LYS B 177 39.29 30.34 -26.06
N THR B 178 38.82 31.57 -26.15
CA THR B 178 39.58 32.64 -26.80
C THR B 178 39.60 33.86 -25.88
N ASP B 179 39.97 35.01 -26.42
CA ASP B 179 39.97 36.24 -25.64
C ASP B 179 38.58 36.84 -25.55
N ASP B 180 37.70 36.41 -26.45
CA ASP B 180 36.35 36.95 -26.52
C ASP B 180 35.33 36.11 -25.74
N GLY B 181 35.65 34.84 -25.55
CA GLY B 181 34.75 33.94 -24.83
C GLY B 181 35.13 32.48 -24.98
N ILE B 182 34.15 31.60 -24.80
CA ILE B 182 34.37 30.16 -24.91
C ILE B 182 33.49 29.56 -25.99
N ILE B 183 33.91 28.41 -26.51
CA ILE B 183 33.09 27.67 -27.48
C ILE B 183 32.67 26.37 -26.84
N VAL B 184 31.38 26.06 -26.90
CA VAL B 184 30.86 24.84 -26.30
C VAL B 184 30.18 23.96 -27.33
N ASN B 185 30.33 22.65 -27.15
CA ASN B 185 29.78 21.68 -28.10
C ASN B 185 29.15 20.54 -27.33
N GLY B 186 27.95 20.14 -27.74
CA GLY B 186 27.26 19.05 -27.07
C GLY B 186 25.80 19.35 -26.84
N VAL B 187 25.18 18.63 -25.92
CA VAL B 187 23.76 18.76 -25.68
C VAL B 187 23.40 18.92 -24.20
N LYS B 188 22.25 19.53 -23.95
CA LYS B 188 21.61 19.47 -22.64
C LYS B 188 20.35 18.63 -22.80
N ALA B 189 20.29 17.53 -22.08
CA ALA B 189 19.11 16.67 -22.13
C ALA B 189 18.03 17.25 -21.23
N VAL B 190 16.78 16.94 -21.55
CA VAL B 190 15.65 17.36 -20.72
C VAL B 190 15.77 18.80 -20.20
N GLY B 191 15.11 19.72 -20.89
CA GLY B 191 14.97 21.08 -20.42
C GLY B 191 13.54 21.49 -20.61
N THR B 192 12.95 22.15 -19.62
CA THR B 192 11.54 22.50 -19.70
C THR B 192 11.36 23.99 -19.98
N GLY B 193 10.54 24.29 -21.00
CA GLY B 193 10.25 25.66 -21.38
C GLY B 193 11.39 26.42 -22.04
N ILE B 194 12.40 25.69 -22.52
CA ILE B 194 13.55 26.31 -23.18
C ILE B 194 13.12 27.16 -24.37
N ALA B 195 12.16 26.67 -25.14
CA ALA B 195 11.71 27.36 -26.35
C ALA B 195 10.88 28.61 -26.06
N PHE B 196 10.46 28.77 -24.80
CA PHE B 196 9.58 29.88 -24.45
C PHE B 196 10.28 30.95 -23.61
N GLY B 197 11.58 30.77 -23.37
CA GLY B 197 12.34 31.73 -22.59
C GLY B 197 13.06 32.78 -23.43
N ASP B 198 13.53 33.83 -22.77
CA ASP B 198 14.36 34.84 -23.42
C ASP B 198 15.81 34.38 -23.42
N TYR B 199 16.25 33.91 -22.26
CA TYR B 199 17.59 33.36 -22.12
C TYR B 199 17.44 31.93 -21.63
N MET B 200 18.54 31.17 -21.65
CA MET B 200 18.54 29.87 -21.00
C MET B 200 19.59 29.87 -19.91
N HIS B 201 19.25 29.23 -18.79
CA HIS B 201 20.15 29.14 -17.65
C HIS B 201 20.94 27.84 -17.71
N ILE B 202 22.09 27.89 -18.37
CA ILE B 202 22.95 26.73 -18.53
C ILE B 202 23.71 26.44 -17.25
N GLY B 203 23.63 25.18 -16.81
CA GLY B 203 24.32 24.75 -15.62
C GLY B 203 24.50 23.24 -15.62
N CYS B 204 24.96 22.69 -14.50
CA CYS B 204 25.16 21.25 -14.42
C CYS B 204 25.16 20.80 -12.97
N LEU B 205 24.89 19.52 -12.75
CA LEU B 205 24.96 18.92 -11.43
C LEU B 205 26.16 18.00 -11.38
N TYR B 206 26.88 18.01 -10.25
CA TYR B 206 28.05 17.16 -10.13
C TYR B 206 27.70 15.68 -10.26
N ARG B 207 28.59 14.94 -10.89
CA ARG B 207 28.55 13.49 -10.89
C ARG B 207 30.01 13.04 -10.82
N PRO B 208 30.27 11.94 -10.10
CA PRO B 208 31.66 11.50 -9.98
C PRO B 208 32.32 11.37 -11.35
N GLY B 209 33.55 11.87 -11.45
CA GLY B 209 34.29 11.79 -12.69
C GLY B 209 33.86 12.80 -13.74
N ILE B 210 33.18 13.85 -13.30
CA ILE B 210 32.80 14.92 -14.22
C ILE B 210 34.05 15.69 -14.64
N PRO B 211 34.30 15.76 -15.95
CA PRO B 211 35.55 16.28 -16.53
C PRO B 211 36.03 17.59 -15.95
N GLY B 212 35.34 18.69 -16.24
CA GLY B 212 35.82 20.00 -15.86
C GLY B 212 35.61 20.96 -17.00
N GLU B 213 35.80 20.46 -18.22
CA GLU B 213 35.42 21.18 -19.42
C GLU B 213 33.91 21.07 -19.59
N GLN B 214 33.29 20.35 -18.67
CA GLN B 214 31.85 20.16 -18.72
C GLN B 214 31.15 20.98 -17.63
N VAL B 215 31.92 21.44 -16.64
CA VAL B 215 31.37 22.30 -15.60
C VAL B 215 31.17 23.72 -16.14
N ILE B 216 29.96 24.00 -16.61
CA ILE B 216 29.66 25.28 -17.24
C ILE B 216 28.41 25.92 -16.64
N PHE B 217 28.54 27.18 -16.23
CA PHE B 217 27.40 27.95 -15.75
C PHE B 217 27.32 29.29 -16.49
N ALA B 218 26.21 29.49 -17.20
CA ALA B 218 26.07 30.68 -18.02
C ALA B 218 24.61 30.97 -18.33
N ALA B 219 24.36 32.14 -18.90
CA ALA B 219 23.03 32.50 -19.37
C ALA B 219 23.16 33.17 -20.72
N ILE B 220 22.63 32.53 -21.75
CA ILE B 220 22.76 33.04 -23.10
C ILE B 220 21.40 33.15 -23.77
N PRO B 221 21.24 34.13 -24.66
CA PRO B 221 19.96 34.31 -25.34
C PRO B 221 19.54 33.00 -25.99
N THR B 222 18.23 32.76 -26.06
CA THR B 222 17.71 31.55 -26.65
C THR B 222 18.11 31.41 -28.12
N ASN B 223 18.20 32.54 -28.82
CA ASN B 223 18.50 32.52 -30.25
C ASN B 223 19.99 32.65 -30.58
N THR B 224 20.83 32.38 -29.58
CA THR B 224 22.26 32.34 -29.80
C THR B 224 22.58 31.40 -30.96
N PRO B 225 23.32 31.88 -31.95
CA PRO B 225 23.62 31.09 -33.16
C PRO B 225 24.31 29.76 -32.82
N GLY B 226 23.78 28.67 -33.36
CA GLY B 226 24.36 27.36 -33.13
C GLY B 226 23.57 26.55 -32.13
N VAL B 227 22.51 27.16 -31.59
CA VAL B 227 21.65 26.48 -30.63
C VAL B 227 20.37 26.01 -31.33
N THR B 228 20.04 24.74 -31.15
CA THR B 228 18.78 24.22 -31.65
C THR B 228 18.00 23.55 -30.53
N VAL B 229 16.78 24.01 -30.30
CA VAL B 229 15.92 23.39 -29.30
C VAL B 229 15.04 22.35 -29.98
N PHE B 230 15.29 21.08 -29.66
CA PHE B 230 14.50 19.98 -30.20
C PHE B 230 13.48 19.55 -29.16
N CYS B 231 12.21 19.88 -29.39
CA CYS B 231 11.15 19.55 -28.44
C CYS B 231 10.49 18.22 -28.76
N ARG B 232 10.05 17.54 -27.71
CA ARG B 232 9.14 16.40 -27.88
C ARG B 232 7.87 16.92 -28.55
N GLU B 233 7.01 16.03 -28.99
CA GLU B 233 5.81 16.47 -29.67
C GLU B 233 4.81 17.12 -28.71
N SER B 234 4.02 18.05 -29.21
CA SER B 234 3.09 18.81 -28.38
C SER B 234 1.74 18.11 -28.26
N THR B 235 1.18 18.11 -27.06
CA THR B 235 -0.06 17.40 -26.77
C THR B 235 -1.25 18.32 -26.52
N VAL B 236 -1.22 19.52 -27.10
CA VAL B 236 -2.32 20.46 -26.92
C VAL B 236 -3.55 20.09 -27.75
N LYS B 237 -4.71 20.14 -27.11
CA LYS B 237 -5.96 19.85 -27.79
C LYS B 237 -6.48 21.09 -28.49
N ASN B 238 -7.21 20.91 -29.58
CA ASN B 238 -7.67 22.03 -30.39
C ASN B 238 -9.11 22.45 -30.10
N ASP B 239 -9.80 21.63 -29.32
CA ASP B 239 -11.20 21.93 -28.98
C ASP B 239 -11.35 22.27 -27.50
N PRO B 240 -11.36 23.56 -27.18
CA PRO B 240 -11.49 24.06 -25.81
C PRO B 240 -12.76 23.60 -25.12
N ALA B 241 -13.85 23.47 -25.88
CA ALA B 241 -15.11 23.04 -25.32
C ALA B 241 -15.02 21.63 -24.73
N GLU B 242 -14.31 20.75 -25.43
CA GLU B 242 -14.21 19.35 -25.03
C GLU B 242 -13.04 19.13 -24.07
N HIS B 243 -12.06 20.03 -24.11
CA HIS B 243 -10.88 19.93 -23.27
C HIS B 243 -10.50 21.29 -22.69
N PRO B 244 -11.11 21.65 -21.55
CA PRO B 244 -10.95 22.99 -20.97
C PRO B 244 -9.51 23.26 -20.53
N LEU B 245 -8.81 22.22 -20.09
CA LEU B 245 -7.44 22.38 -19.61
C LEU B 245 -6.39 21.99 -20.64
N ALA B 246 -6.58 20.83 -21.28
CA ALA B 246 -5.59 20.31 -22.21
C ALA B 246 -5.39 21.23 -23.42
N SER B 247 -6.43 21.97 -23.79
CA SER B 247 -6.34 22.88 -24.93
C SER B 247 -5.60 24.19 -24.59
N GLN B 248 -5.18 24.34 -23.34
CA GLN B 248 -4.58 25.61 -22.91
C GLN B 248 -3.08 25.73 -23.17
N GLY B 249 -2.42 24.61 -23.45
CA GLY B 249 -1.02 24.65 -23.83
C GLY B 249 -0.15 23.60 -23.18
N ASP B 250 0.83 23.10 -23.93
CA ASP B 250 1.74 22.08 -23.46
C ASP B 250 3.07 22.70 -23.07
N GLU B 251 3.42 22.59 -21.80
CA GLU B 251 4.72 23.03 -21.31
C GLU B 251 5.79 22.09 -21.84
N LEU B 252 6.32 22.39 -23.03
CA LEU B 252 7.20 21.48 -23.73
C LEU B 252 8.54 21.22 -23.03
N ASP B 253 8.99 19.98 -23.11
CA ASP B 253 10.34 19.61 -22.70
C ASP B 253 11.17 19.41 -23.96
N SER B 254 12.47 19.58 -23.86
CA SER B 254 13.32 19.54 -25.05
C SER B 254 14.75 19.14 -24.75
N THR B 255 15.44 18.68 -25.79
CA THR B 255 16.87 18.48 -25.69
C THR B 255 17.51 19.58 -26.53
N THR B 256 18.51 20.23 -25.96
CA THR B 256 19.12 21.41 -26.58
C THR B 256 20.48 21.07 -27.16
N VAL B 257 20.62 21.24 -28.46
CA VAL B 257 21.88 20.97 -29.15
C VAL B 257 22.72 22.24 -29.31
N PHE B 258 23.93 22.20 -28.78
CA PHE B 258 24.89 23.29 -28.94
C PHE B 258 25.93 22.93 -29.99
N ASP B 259 25.83 23.57 -31.16
CA ASP B 259 26.73 23.30 -32.27
C ASP B 259 27.90 24.28 -32.29
N ASN B 260 28.96 23.94 -31.56
CA ASN B 260 30.12 24.83 -31.43
C ASN B 260 29.68 26.28 -31.25
N VAL B 261 28.83 26.53 -30.25
CA VAL B 261 28.30 27.86 -30.04
C VAL B 261 29.27 28.71 -29.23
N PHE B 262 29.39 29.97 -29.62
CA PHE B 262 30.25 30.90 -28.92
C PHE B 262 29.51 31.57 -27.77
N ILE B 263 30.10 31.49 -26.59
CA ILE B 263 29.55 32.18 -25.42
C ILE B 263 30.53 33.26 -24.99
N PRO B 264 30.11 34.52 -25.06
CA PRO B 264 30.97 35.64 -24.68
C PRO B 264 31.33 35.54 -23.21
N TRP B 265 32.55 35.92 -22.84
CA TRP B 265 32.96 35.90 -21.45
C TRP B 265 31.93 36.57 -20.54
N GLU B 266 31.28 37.61 -21.07
CA GLU B 266 30.34 38.41 -20.29
C GLU B 266 29.15 37.58 -19.82
N GLN B 267 28.87 36.48 -20.49
CA GLN B 267 27.69 35.67 -20.20
C GLN B 267 27.99 34.43 -19.36
N VAL B 268 29.24 34.29 -18.92
CA VAL B 268 29.62 33.12 -18.12
C VAL B 268 29.73 33.47 -16.64
N PHE B 269 29.29 32.55 -15.79
CA PHE B 269 29.35 32.76 -14.34
C PHE B 269 30.45 31.93 -13.70
N HIS B 270 30.66 30.73 -14.22
CA HIS B 270 31.68 29.84 -13.69
C HIS B 270 32.01 28.72 -14.66
N ILE B 271 33.27 28.28 -14.67
CA ILE B 271 33.68 27.12 -15.46
C ILE B 271 34.84 26.39 -14.79
N GLY B 272 34.91 25.08 -15.01
CA GLY B 272 36.12 24.33 -14.78
C GLY B 272 36.32 23.60 -13.46
N ASN B 273 35.45 23.85 -12.48
CA ASN B 273 35.68 23.28 -11.15
C ASN B 273 34.64 22.25 -10.71
N PRO B 274 34.93 20.96 -10.91
CA PRO B 274 34.07 19.85 -10.49
C PRO B 274 33.74 19.89 -8.99
N GLU B 275 34.66 20.42 -8.20
CA GLU B 275 34.46 20.53 -6.76
C GLU B 275 33.40 21.56 -6.43
N HIS B 276 33.39 22.66 -7.19
CA HIS B 276 32.43 23.73 -6.99
C HIS B 276 31.04 23.30 -7.45
N ALA B 277 30.99 22.42 -8.44
CA ALA B 277 29.74 21.88 -8.96
C ALA B 277 29.14 20.88 -7.97
N LYS B 278 29.86 20.65 -6.87
CA LYS B 278 29.38 19.82 -5.79
C LYS B 278 28.75 20.71 -4.72
N LEU B 279 27.42 20.68 -4.65
CA LEU B 279 26.64 21.41 -3.64
C LEU B 279 26.11 22.79 -4.06
N TYR B 280 26.85 23.52 -4.90
CA TYR B 280 26.37 24.83 -5.33
C TYR B 280 25.25 24.74 -6.38
N PRO B 281 25.40 23.86 -7.38
CA PRO B 281 24.28 23.57 -8.28
C PRO B 281 23.08 23.03 -7.50
N GLN B 282 23.36 22.35 -6.40
CA GLN B 282 22.33 21.79 -5.53
C GLN B 282 21.46 22.90 -4.95
N ARG B 283 22.11 23.99 -4.54
CA ARG B 283 21.40 25.13 -3.97
C ARG B 283 20.53 25.83 -5.02
N ILE B 284 20.99 25.81 -6.26
CA ILE B 284 20.24 26.40 -7.35
C ILE B 284 18.83 25.81 -7.47
N PHE B 285 18.71 24.52 -7.13
CA PHE B 285 17.43 23.82 -7.28
C PHE B 285 16.56 23.86 -6.02
N ASP B 286 17.07 24.45 -4.95
CA ASP B 286 16.31 24.55 -3.71
C ASP B 286 14.94 25.21 -3.90
N TRP B 287 14.92 26.39 -4.53
CA TRP B 287 13.68 27.15 -4.68
C TRP B 287 12.75 26.49 -5.69
N VAL B 288 13.33 25.78 -6.65
CA VAL B 288 12.54 25.03 -7.60
C VAL B 288 11.81 23.91 -6.87
N HIS B 289 12.55 23.19 -6.03
CA HIS B 289 11.97 22.09 -5.28
C HIS B 289 10.89 22.60 -4.32
N TYR B 290 11.13 23.75 -3.71
CA TYR B 290 10.14 24.35 -2.83
C TYR B 290 8.89 24.71 -3.62
N HIS B 291 9.09 25.26 -4.81
CA HIS B 291 7.96 25.65 -5.65
C HIS B 291 7.12 24.44 -6.07
N ILE B 292 7.80 23.34 -6.36
CA ILE B 292 7.12 22.09 -6.70
C ILE B 292 6.17 21.65 -5.58
N LEU B 293 6.65 21.69 -4.34
CA LEU B 293 5.82 21.35 -3.19
C LEU B 293 4.55 22.21 -3.17
N ILE B 294 4.72 23.52 -3.41
CA ILE B 294 3.56 24.42 -3.46
C ILE B 294 2.56 23.95 -4.50
N ARG B 295 3.06 23.62 -5.69
CA ARG B 295 2.22 23.14 -6.78
C ARG B 295 1.55 21.82 -6.39
N GLN B 296 2.32 20.93 -5.78
CA GLN B 296 1.80 19.65 -5.33
C GLN B 296 0.67 19.78 -4.31
N VAL B 297 0.85 20.67 -3.33
CA VAL B 297 -0.20 20.89 -2.32
C VAL B 297 -1.50 21.40 -2.94
N LEU B 298 -1.39 22.31 -3.90
CA LEU B 298 -2.56 22.85 -4.60
C LEU B 298 -3.28 21.77 -5.40
N ARG B 299 -2.50 20.87 -5.98
CA ARG B 299 -3.04 19.78 -6.77
C ARG B 299 -3.84 18.84 -5.88
N ALA B 300 -3.29 18.53 -4.72
CA ALA B 300 -3.98 17.70 -3.73
C ALA B 300 -5.30 18.34 -3.34
N GLU B 301 -5.30 19.67 -3.24
CA GLU B 301 -6.51 20.41 -2.89
C GLU B 301 -7.56 20.32 -4.01
N LEU B 302 -7.10 20.42 -5.25
CA LEU B 302 -7.97 20.34 -6.41
C LEU B 302 -8.64 18.97 -6.50
N ILE B 303 -7.87 17.92 -6.27
CA ILE B 303 -8.38 16.55 -6.32
C ILE B 303 -9.47 16.30 -5.27
N VAL B 304 -9.31 16.88 -4.09
CA VAL B 304 -10.33 16.75 -3.05
C VAL B 304 -11.62 17.42 -3.52
N GLY B 305 -11.48 18.65 -4.02
CA GLY B 305 -12.61 19.37 -4.56
C GLY B 305 -13.32 18.61 -5.66
N LEU B 306 -12.56 18.13 -6.64
CA LEU B 306 -13.14 17.39 -7.76
C LEU B 306 -13.91 16.19 -7.26
N ALA B 307 -13.37 15.55 -6.23
CA ALA B 307 -13.95 14.35 -5.67
C ALA B 307 -15.25 14.69 -4.96
N ILE B 308 -15.23 15.77 -4.19
CA ILE B 308 -16.43 16.23 -3.50
C ILE B 308 -17.51 16.64 -4.49
N LEU B 309 -17.13 17.34 -5.56
CA LEU B 309 -18.08 17.83 -6.55
C LEU B 309 -18.73 16.71 -7.35
N ILE B 310 -17.92 15.83 -7.94
CA ILE B 310 -18.46 14.79 -8.80
C ILE B 310 -19.34 13.85 -7.98
N THR B 311 -18.97 13.69 -6.72
CA THR B 311 -19.58 12.70 -5.85
C THR B 311 -20.89 13.23 -5.27
N GLU B 312 -20.95 14.53 -4.99
CA GLU B 312 -22.19 15.16 -4.56
C GLU B 312 -23.16 15.28 -5.73
N HIS B 313 -22.64 15.46 -6.94
CA HIS B 313 -23.48 15.63 -8.11
C HIS B 313 -24.21 14.34 -8.47
N ILE B 314 -23.53 13.21 -8.35
CA ILE B 314 -24.13 11.92 -8.65
C ILE B 314 -25.01 11.44 -7.49
N GLY B 315 -24.68 11.88 -6.28
CA GLY B 315 -25.47 11.55 -5.11
C GLY B 315 -24.93 10.38 -4.32
N THR B 316 -23.64 10.07 -4.50
CA THR B 316 -23.00 8.99 -3.77
C THR B 316 -22.22 9.49 -2.55
N SER B 317 -22.21 10.80 -2.36
CA SER B 317 -21.36 11.44 -1.35
C SER B 317 -21.67 11.04 0.10
N LYS B 318 -22.90 10.63 0.36
CA LYS B 318 -23.30 10.30 1.72
C LYS B 318 -23.16 8.82 2.07
N LEU B 319 -22.75 8.02 1.08
CA LEU B 319 -22.44 6.61 1.31
C LEU B 319 -21.17 6.49 2.15
N PRO B 320 -21.21 5.67 3.22
CA PRO B 320 -20.06 5.42 4.08
C PRO B 320 -18.83 5.01 3.29
N THR B 321 -19.03 4.15 2.31
CA THR B 321 -17.94 3.67 1.47
C THR B 321 -17.24 4.81 0.74
N VAL B 322 -18.05 5.67 0.12
CA VAL B 322 -17.55 6.82 -0.62
C VAL B 322 -16.84 7.84 0.28
N SER B 323 -17.52 8.25 1.35
CA SER B 323 -16.97 9.25 2.25
C SER B 323 -15.62 8.81 2.81
N ALA B 324 -15.50 7.52 3.10
CA ALA B 324 -14.24 6.99 3.60
C ALA B 324 -13.13 7.16 2.57
N ARG B 325 -13.48 7.05 1.30
CA ARG B 325 -12.49 7.26 0.24
C ARG B 325 -12.16 8.75 0.09
N VAL B 326 -13.16 9.61 0.26
CA VAL B 326 -12.91 11.05 0.25
C VAL B 326 -11.98 11.43 1.39
N ALA B 327 -12.10 10.73 2.51
CA ALA B 327 -11.27 10.98 3.68
C ALA B 327 -9.79 10.75 3.37
N LYS B 328 -9.50 9.79 2.49
CA LYS B 328 -8.14 9.50 2.08
C LYS B 328 -7.56 10.65 1.27
N LEU B 329 -8.39 11.25 0.44
CA LEU B 329 -7.98 12.39 -0.38
C LEU B 329 -7.67 13.59 0.51
N VAL B 330 -8.54 13.85 1.47
CA VAL B 330 -8.29 14.93 2.44
C VAL B 330 -7.00 14.65 3.20
N ALA B 331 -6.83 13.42 3.65
CA ALA B 331 -5.62 13.02 4.38
C ALA B 331 -4.38 13.37 3.58
N PHE B 332 -4.37 12.93 2.32
CA PHE B 332 -3.27 13.21 1.41
C PHE B 332 -2.95 14.69 1.34
N HIS B 333 -3.99 15.52 1.17
CA HIS B 333 -3.79 16.96 1.09
C HIS B 333 -3.18 17.49 2.38
N LEU B 334 -3.77 17.13 3.52
CA LEU B 334 -3.27 17.57 4.82
C LEU B 334 -1.83 17.13 5.05
N ALA B 335 -1.47 15.98 4.49
CA ALA B 335 -0.11 15.47 4.64
C ALA B 335 0.86 16.30 3.81
N MET B 336 0.46 16.61 2.58
CA MET B 336 1.27 17.45 1.71
C MET B 336 1.41 18.83 2.32
N GLN B 337 0.29 19.41 2.74
CA GLN B 337 0.26 20.74 3.33
C GLN B 337 1.12 20.84 4.59
N ALA B 338 1.18 19.76 5.37
CA ALA B 338 1.91 19.76 6.63
C ALA B 338 3.41 19.79 6.40
N HIS B 339 3.87 19.10 5.36
CA HIS B 339 5.27 19.14 4.98
C HIS B 339 5.63 20.56 4.57
N LEU B 340 4.75 21.19 3.81
CA LEU B 340 4.93 22.56 3.35
C LEU B 340 5.05 23.53 4.53
N ILE B 341 4.06 23.48 5.44
CA ILE B 341 4.05 24.39 6.57
C ILE B 341 5.23 24.15 7.52
N ALA B 342 5.48 22.88 7.84
CA ALA B 342 6.58 22.53 8.72
C ALA B 342 7.95 22.95 8.16
N SER B 343 8.11 22.83 6.84
CA SER B 343 9.36 23.21 6.20
C SER B 343 9.57 24.72 6.32
N GLU B 344 8.49 25.48 6.16
CA GLU B 344 8.53 26.94 6.22
C GLU B 344 8.82 27.43 7.62
N GLU B 345 8.55 26.60 8.62
CA GLU B 345 8.70 27.01 10.01
C GLU B 345 10.09 26.70 10.53
N THR B 346 10.78 25.79 9.85
CA THR B 346 12.09 25.34 10.30
C THR B 346 13.20 25.72 9.32
N GLY B 347 13.06 26.89 8.72
CA GLY B 347 14.01 27.36 7.73
C GLY B 347 15.27 27.99 8.32
N PHE B 348 16.11 28.54 7.45
CA PHE B 348 17.36 29.17 7.84
C PHE B 348 17.62 30.37 6.93
N HIS B 349 18.71 31.09 7.19
CA HIS B 349 19.07 32.24 6.38
C HIS B 349 20.30 32.01 5.51
N THR B 350 20.20 32.36 4.24
CA THR B 350 21.34 32.31 3.33
C THR B 350 22.33 33.44 3.66
N LYS B 351 23.50 33.41 3.02
CA LYS B 351 24.47 34.49 3.19
C LYS B 351 23.82 35.82 2.86
N GLY B 352 23.03 35.84 1.79
CA GLY B 352 22.36 37.05 1.36
C GLY B 352 21.23 37.49 2.27
N GLY B 353 21.03 36.76 3.36
CA GLY B 353 20.00 37.08 4.34
C GLY B 353 18.61 36.61 3.94
N ARG B 354 18.52 35.79 2.90
CA ARG B 354 17.23 35.28 2.46
C ARG B 354 16.82 34.10 3.32
N TYR B 355 15.53 34.03 3.65
CA TYR B 355 15.00 32.98 4.49
C TYR B 355 14.56 31.78 3.63
N LYS B 356 15.24 30.66 3.82
CA LYS B 356 15.02 29.48 3.00
C LYS B 356 14.26 28.42 3.80
N PRO B 357 13.28 27.77 3.16
CA PRO B 357 12.52 26.71 3.85
C PRO B 357 13.40 25.48 4.07
N ASN B 358 13.03 24.64 5.04
CA ASN B 358 13.78 23.43 5.36
C ASN B 358 13.71 22.39 4.25
N PRO B 359 14.85 22.09 3.61
CA PRO B 359 14.92 21.19 2.46
C PRO B 359 14.64 19.72 2.81
N LEU B 360 15.09 19.28 3.99
CA LEU B 360 14.86 17.92 4.42
C LEU B 360 13.35 17.64 4.42
N ILE B 361 12.58 18.60 4.92
CA ILE B 361 11.14 18.42 5.04
C ILE B 361 10.38 18.55 3.72
N TYR B 362 10.68 19.57 2.93
CA TYR B 362 9.96 19.71 1.66
C TYR B 362 10.40 18.68 0.61
N ASP B 363 11.64 18.22 0.69
CA ASP B 363 12.08 17.17 -0.23
C ASP B 363 11.40 15.84 0.07
N PHE B 364 11.21 15.53 1.35
CA PHE B 364 10.44 14.36 1.74
C PHE B 364 8.97 14.61 1.44
N GLY B 365 8.55 15.86 1.53
CA GLY B 365 7.21 16.23 1.12
C GLY B 365 6.98 15.86 -0.33
N ARG B 366 7.96 16.15 -1.18
CA ARG B 366 7.87 15.81 -2.60
C ARG B 366 7.87 14.30 -2.82
N ALA B 367 8.71 13.60 -2.07
CA ALA B 367 8.73 12.15 -2.13
C ALA B 367 7.35 11.60 -1.77
N HIS B 368 6.73 12.19 -0.76
CA HIS B 368 5.40 11.74 -0.36
C HIS B 368 4.38 11.87 -1.49
N PHE B 369 4.46 12.96 -2.25
CA PHE B 369 3.55 13.16 -3.36
C PHE B 369 3.79 12.11 -4.45
N LEU B 370 5.05 11.94 -4.84
CA LEU B 370 5.41 11.02 -5.92
C LEU B 370 4.99 9.59 -5.61
N GLN B 371 5.08 9.22 -4.34
CA GLN B 371 4.79 7.86 -3.93
C GLN B 371 3.30 7.57 -3.80
N ASN B 372 2.49 8.62 -3.69
CA ASN B 372 1.06 8.41 -3.45
C ASN B 372 0.14 8.95 -4.55
N GLN B 373 0.71 9.69 -5.50
CA GLN B 373 -0.08 10.27 -6.58
C GLN B 373 -0.91 9.20 -7.30
N MET B 374 -0.32 8.03 -7.50
CA MET B 374 -1.00 6.91 -8.16
C MET B 374 -2.23 6.48 -7.37
N SER B 375 -2.05 6.31 -6.06
CA SER B 375 -3.13 5.99 -5.16
C SER B 375 -4.30 6.96 -5.29
N VAL B 376 -4.02 8.26 -5.13
CA VAL B 376 -5.09 9.26 -5.15
C VAL B 376 -5.72 9.40 -6.54
N MET B 377 -4.92 9.29 -7.59
CA MET B 377 -5.45 9.33 -8.94
C MET B 377 -6.50 8.24 -9.12
N TYR B 378 -6.16 7.03 -8.67
CA TYR B 378 -7.05 5.89 -8.76
C TYR B 378 -8.35 6.10 -8.00
N GLU B 379 -8.26 6.78 -6.86
CA GLU B 379 -9.43 7.04 -6.04
C GLU B 379 -10.36 8.04 -6.72
N LEU B 380 -9.78 9.12 -7.25
CA LEU B 380 -10.56 10.13 -7.96
C LEU B 380 -11.25 9.49 -9.14
N LEU B 381 -10.50 8.68 -9.89
CA LEU B 381 -11.04 8.02 -11.07
C LEU B 381 -12.18 7.07 -10.71
N ASP B 382 -12.04 6.40 -9.58
CA ASP B 382 -13.05 5.45 -9.15
C ASP B 382 -14.33 6.17 -8.74
N LEU B 383 -14.16 7.30 -8.05
CA LEU B 383 -15.30 8.11 -7.61
C LEU B 383 -16.04 8.74 -8.77
N ALA B 384 -15.32 9.04 -9.85
CA ALA B 384 -15.92 9.71 -11.00
C ALA B 384 -16.73 8.76 -11.90
N GLY B 385 -16.33 7.49 -11.94
CA GLY B 385 -17.02 6.53 -12.78
C GLY B 385 -16.93 6.87 -14.26
N ARG B 386 -18.06 6.73 -14.96
CA ARG B 386 -18.08 6.95 -16.41
C ARG B 386 -18.00 8.42 -16.79
N SER B 387 -18.13 9.31 -15.80
CA SER B 387 -18.13 10.74 -16.05
C SER B 387 -16.86 11.27 -16.71
N SER B 388 -15.77 10.50 -16.61
CA SER B 388 -14.51 10.87 -17.21
C SER B 388 -14.27 10.16 -18.55
N LEU B 389 -15.20 9.27 -18.91
CA LEU B 389 -15.09 8.49 -20.14
C LEU B 389 -16.23 8.81 -21.11
N MET B 390 -17.44 8.49 -20.69
CA MET B 390 -18.62 8.72 -21.51
C MET B 390 -19.08 10.16 -21.39
N ILE B 391 -18.27 11.06 -21.94
CA ILE B 391 -18.60 12.48 -21.93
C ILE B 391 -19.22 12.83 -23.27
N PRO B 392 -20.47 13.31 -23.25
CA PRO B 392 -21.15 13.70 -24.50
C PRO B 392 -20.54 14.99 -25.02
N SER B 393 -20.19 15.02 -26.29
CA SER B 393 -19.67 16.25 -26.89
C SER B 393 -20.76 17.32 -26.90
N GLU B 394 -20.39 18.53 -27.28
CA GLU B 394 -21.37 19.62 -27.39
C GLU B 394 -22.40 19.33 -28.47
N GLY B 395 -21.94 18.82 -29.60
CA GLY B 395 -22.84 18.49 -30.70
C GLY B 395 -23.91 17.50 -30.32
N GLN B 396 -23.54 16.49 -29.54
CA GLN B 396 -24.48 15.45 -29.09
C GLN B 396 -25.43 16.01 -28.05
N TRP B 397 -24.89 16.82 -27.13
CA TRP B 397 -25.69 17.47 -26.11
C TRP B 397 -26.73 18.42 -26.74
N ASP B 398 -26.26 19.22 -27.69
CA ASP B 398 -27.11 20.23 -28.34
C ASP B 398 -27.99 19.66 -29.45
N ASP B 399 -27.95 18.35 -29.64
CA ASP B 399 -28.74 17.73 -30.70
C ASP B 399 -30.24 17.89 -30.45
N SER B 400 -30.97 18.25 -31.50
CA SER B 400 -32.40 18.48 -31.39
C SER B 400 -33.16 17.21 -31.00
N GLN B 401 -32.83 16.10 -31.65
CA GLN B 401 -33.58 14.87 -31.45
C GLN B 401 -33.23 14.12 -30.16
N SER B 402 -31.94 14.03 -29.86
CA SER B 402 -31.48 13.18 -28.76
C SER B 402 -30.89 13.95 -27.56
N GLY B 403 -30.64 15.24 -27.75
CA GLY B 403 -30.04 16.05 -26.72
C GLY B 403 -30.65 15.86 -25.34
N GLN B 404 -31.95 15.64 -25.29
CA GLN B 404 -32.67 15.51 -24.02
C GLN B 404 -32.32 14.24 -23.25
N TRP B 405 -31.83 13.22 -23.95
CA TRP B 405 -31.42 11.98 -23.31
C TRP B 405 -30.18 12.21 -22.44
N PHE B 406 -29.25 13.01 -22.95
CA PHE B 406 -28.03 13.34 -22.22
C PHE B 406 -28.32 14.14 -20.96
N VAL B 407 -29.29 15.05 -21.04
CA VAL B 407 -29.70 15.83 -19.87
C VAL B 407 -30.19 14.91 -18.76
N LYS B 408 -30.96 13.88 -19.14
CA LYS B 408 -31.50 12.93 -18.17
C LYS B 408 -30.43 12.01 -17.60
N LEU B 409 -29.42 11.68 -18.40
CA LEU B 409 -28.35 10.80 -17.96
C LEU B 409 -27.49 11.47 -16.90
N ASN B 410 -27.43 12.80 -16.94
CA ASN B 410 -26.53 13.55 -16.09
C ASN B 410 -27.21 14.33 -14.97
N ASN B 411 -28.53 14.18 -14.85
CA ASN B 411 -29.26 14.87 -13.80
C ASN B 411 -29.08 14.19 -12.46
N GLY B 412 -28.98 14.98 -11.39
CA GLY B 412 -28.78 14.44 -10.06
C GLY B 412 -29.55 15.15 -8.97
N PRO B 413 -29.27 14.78 -7.71
CA PRO B 413 -29.94 15.33 -6.52
C PRO B 413 -29.75 16.84 -6.38
N LYS B 414 -28.84 17.41 -7.17
CA LYS B 414 -28.57 18.85 -7.09
C LYS B 414 -28.88 19.52 -8.43
N GLY B 415 -29.52 18.78 -9.32
CA GLY B 415 -29.86 19.28 -10.65
C GLY B 415 -28.62 19.67 -11.43
N ASN B 416 -28.81 20.55 -12.41
CA ASN B 416 -27.70 21.07 -13.21
C ASN B 416 -26.84 20.01 -13.91
N PRO B 417 -27.46 19.22 -14.78
CA PRO B 417 -26.80 18.15 -15.54
C PRO B 417 -25.47 18.59 -16.19
N ARG B 418 -25.43 19.80 -16.75
CA ARG B 418 -24.22 20.32 -17.38
C ARG B 418 -22.99 20.16 -16.50
N GLU B 419 -23.17 20.33 -15.19
CA GLU B 419 -22.06 20.27 -14.25
C GLU B 419 -21.34 18.93 -14.24
N ARG B 420 -22.07 17.85 -14.51
CA ARG B 420 -21.47 16.53 -14.53
C ARG B 420 -20.41 16.45 -15.63
N VAL B 421 -20.77 16.93 -16.81
CA VAL B 421 -19.86 16.93 -17.96
C VAL B 421 -18.68 17.87 -17.71
N GLN B 422 -18.97 19.07 -17.22
CA GLN B 422 -17.92 20.03 -16.91
C GLN B 422 -16.87 19.43 -15.98
N ILE B 423 -17.33 18.78 -14.92
CA ILE B 423 -16.43 18.15 -13.96
C ILE B 423 -15.68 16.99 -14.63
N GLY B 424 -16.44 16.14 -15.32
CA GLY B 424 -15.86 14.99 -16.00
C GLY B 424 -14.77 15.37 -16.98
N ARG B 425 -14.95 16.50 -17.66
CA ARG B 425 -13.98 16.96 -18.65
C ARG B 425 -12.68 17.42 -18.01
N VAL B 426 -12.77 17.97 -16.81
CA VAL B 426 -11.58 18.37 -16.07
C VAL B 426 -10.79 17.15 -15.63
N ILE B 427 -11.50 16.17 -15.06
CA ILE B 427 -10.87 14.92 -14.64
C ILE B 427 -10.24 14.18 -15.82
N ARG B 428 -10.93 14.17 -16.95
CA ARG B 428 -10.39 13.55 -18.16
C ARG B 428 -9.09 14.21 -18.61
N ASP B 429 -9.11 15.53 -18.79
CA ASP B 429 -7.92 16.26 -19.21
C ASP B 429 -6.74 15.97 -18.29
N LEU B 430 -7.02 15.99 -16.98
CA LEU B 430 -6.01 15.79 -15.95
C LEU B 430 -5.41 14.38 -15.93
N TYR B 431 -6.24 13.36 -16.07
CA TYR B 431 -5.78 11.99 -15.83
C TYR B 431 -5.89 11.01 -17.00
N LEU B 432 -6.67 11.37 -18.02
CA LEU B 432 -6.93 10.45 -19.12
C LEU B 432 -6.54 11.08 -20.46
N THR B 433 -5.43 11.80 -20.45
CA THR B 433 -5.01 12.58 -21.59
C THR B 433 -3.49 12.57 -21.68
N ASP B 434 -2.95 12.72 -22.89
CA ASP B 434 -1.50 12.80 -23.07
C ASP B 434 -0.97 13.92 -22.20
N TRP B 435 -1.58 15.09 -22.37
CA TRP B 435 -1.23 16.31 -21.65
C TRP B 435 -1.25 16.13 -20.14
N GLY B 436 -2.26 15.43 -19.63
CA GLY B 436 -2.37 15.17 -18.21
C GLY B 436 -1.35 14.15 -17.76
N GLY B 437 -0.97 13.26 -18.66
CA GLY B 437 0.01 12.23 -18.38
C GLY B 437 1.40 12.75 -18.11
N ARG B 438 1.86 13.72 -18.90
CA ARG B 438 3.19 14.27 -18.71
C ARG B 438 3.33 14.96 -17.35
N GLN B 439 2.22 15.09 -16.64
CA GLN B 439 2.24 15.73 -15.33
C GLN B 439 2.63 14.77 -14.19
N PHE B 440 2.62 13.46 -14.46
CA PHE B 440 3.35 12.53 -13.61
C PHE B 440 4.80 12.73 -14.00
N MET B 441 5.10 12.27 -15.22
CA MET B 441 6.42 12.31 -15.84
C MET B 441 7.30 13.49 -15.42
N PHE B 442 6.76 14.70 -15.43
CA PHE B 442 7.51 15.89 -15.01
C PHE B 442 8.22 15.63 -13.68
N GLU B 443 7.51 15.77 -12.57
CA GLU B 443 8.00 15.29 -11.29
C GLU B 443 7.90 13.77 -11.27
N ASN B 444 8.99 13.12 -11.65
CA ASN B 444 9.04 11.66 -11.71
C ASN B 444 10.49 11.22 -11.76
N PHE B 445 11.14 11.45 -12.89
CA PHE B 445 12.58 11.21 -13.02
C PHE B 445 13.31 12.30 -12.24
N ASN B 446 12.58 13.35 -11.89
CA ASN B 446 13.12 14.44 -11.07
C ASN B 446 13.55 13.96 -9.70
N GLY B 447 12.99 12.84 -9.27
CA GLY B 447 13.26 12.35 -7.92
C GLY B 447 13.46 10.85 -7.81
N THR B 448 12.38 10.09 -7.91
CA THR B 448 12.39 8.67 -7.58
C THR B 448 12.82 8.51 -6.12
N PRO B 449 11.86 8.61 -5.19
CA PRO B 449 12.07 8.65 -3.74
C PRO B 449 13.18 7.73 -3.25
N LEU B 450 12.87 6.47 -3.00
CA LEU B 450 13.83 5.50 -2.49
C LEU B 450 15.25 5.74 -3.05
N PHE B 451 15.34 5.89 -4.36
CA PHE B 451 16.61 6.17 -5.04
C PHE B 451 17.27 7.44 -4.51
N ALA B 452 16.76 8.58 -4.97
CA ALA B 452 17.37 9.87 -4.68
C ALA B 452 17.38 10.22 -3.19
N VAL B 453 16.21 10.23 -2.55
CA VAL B 453 16.06 10.81 -1.21
C VAL B 453 17.13 10.42 -0.20
N PHE B 454 17.50 9.13 -0.12
CA PHE B 454 18.51 8.74 0.86
C PHE B 454 19.92 9.00 0.35
N ALA B 455 20.03 9.32 -0.93
CA ALA B 455 21.25 9.86 -1.47
C ALA B 455 21.18 11.38 -1.32
N ALA B 456 20.03 11.85 -0.85
CA ALA B 456 19.78 13.28 -0.67
C ALA B 456 19.45 13.64 0.79
N THR B 457 19.67 12.67 1.68
CA THR B 457 19.52 12.91 3.11
C THR B 457 20.89 13.01 3.75
N MET B 458 21.68 11.95 3.59
CA MET B 458 23.01 11.88 4.18
C MET B 458 24.00 12.73 3.39
N THR B 459 23.45 13.70 2.64
CA THR B 459 24.27 14.64 1.87
C THR B 459 24.50 15.94 2.64
N ARG B 460 23.41 16.53 3.14
CA ARG B 460 23.49 17.72 3.98
C ARG B 460 23.16 17.34 5.42
N ASP B 461 22.66 16.12 5.61
CA ASP B 461 22.21 15.66 6.91
C ASP B 461 22.92 14.39 7.36
N ASP B 462 22.67 13.98 8.60
CA ASP B 462 23.33 12.83 9.18
C ASP B 462 22.34 11.75 9.63
N MET B 463 22.24 10.69 8.82
CA MET B 463 21.37 9.56 9.13
C MET B 463 22.16 8.37 9.64
N SER B 464 23.04 8.60 10.60
CA SER B 464 23.83 7.53 11.19
C SER B 464 23.58 7.46 12.70
N ALA B 465 24.14 6.44 13.35
CA ALA B 465 23.96 6.24 14.77
C ALA B 465 24.45 7.44 15.58
N ALA B 466 25.31 8.24 14.96
CA ALA B 466 25.88 9.42 15.62
C ALA B 466 25.03 10.66 15.39
N GLY B 467 24.09 10.57 14.44
CA GLY B 467 23.20 11.67 14.13
C GLY B 467 22.06 11.83 15.12
N THR B 468 21.09 12.67 14.77
CA THR B 468 19.99 13.00 15.67
C THR B 468 19.11 11.82 16.05
N TYR B 469 18.95 10.85 15.15
CA TYR B 469 18.10 9.70 15.43
C TYR B 469 18.77 8.68 16.35
N GLY B 470 20.04 8.90 16.68
CA GLY B 470 20.76 7.98 17.53
C GLY B 470 20.60 8.22 19.02
N LYS B 471 20.25 9.45 19.41
CA LYS B 471 20.18 9.79 20.83
C LYS B 471 19.15 8.94 21.60
N PHE B 472 17.90 9.05 21.21
CA PHE B 472 16.80 8.42 21.92
C PHE B 472 16.93 6.89 21.99
N ALA B 473 17.11 6.25 20.83
CA ALA B 473 17.30 4.80 20.80
C ALA B 473 18.48 4.33 21.65
N SER B 474 19.60 5.03 21.56
CA SER B 474 20.79 4.64 22.31
C SER B 474 20.51 4.67 23.80
N GLN B 475 19.88 5.74 24.25
CA GLN B 475 19.53 5.92 25.65
C GLN B 475 18.62 4.77 26.10
N VAL B 476 17.63 4.47 25.27
CA VAL B 476 16.66 3.43 25.59
C VAL B 476 17.33 2.07 25.65
N CYS B 477 18.32 1.86 24.80
CA CYS B 477 19.04 0.58 24.78
C CYS B 477 20.19 0.52 25.79
N GLY B 478 20.47 1.65 26.43
CA GLY B 478 21.53 1.71 27.42
C GLY B 478 22.91 1.82 26.80
N ILE B 479 22.97 2.39 25.60
CA ILE B 479 24.23 2.54 24.87
C ILE B 479 24.70 4.00 24.89
N GLU B 480 25.99 4.21 25.07
CA GLU B 480 26.55 5.56 25.05
C GLU B 480 26.32 6.24 23.72
N PHE B 481 26.02 7.54 23.78
CA PHE B 481 25.84 8.35 22.59
C PHE B 481 26.67 9.62 22.72
N GLY B 482 27.51 9.89 21.73
CA GLY B 482 28.39 11.04 21.76
C GLY B 482 29.73 10.73 22.40
N MET C 1 -15.98 -19.19 -42.51
CA MET C 1 -15.28 -18.20 -41.71
C MET C 1 -15.25 -16.85 -42.43
N ARG C 2 -15.79 -15.82 -41.80
CA ARG C 2 -15.93 -14.53 -42.46
C ARG C 2 -14.57 -13.93 -42.80
N THR C 3 -14.58 -13.03 -43.77
CA THR C 3 -13.36 -12.38 -44.23
C THR C 3 -13.32 -10.95 -43.72
N GLY C 4 -12.12 -10.41 -43.50
CA GLY C 4 -11.98 -9.02 -43.10
C GLY C 4 -12.70 -8.10 -44.08
N LYS C 5 -12.47 -8.35 -45.36
CA LYS C 5 -13.12 -7.60 -46.43
C LYS C 5 -14.64 -7.67 -46.29
N GLN C 6 -15.16 -8.88 -46.13
CA GLN C 6 -16.59 -9.09 -45.96
C GLN C 6 -17.12 -8.32 -44.76
N TYR C 7 -16.38 -8.36 -43.65
CA TYR C 7 -16.79 -7.66 -42.45
C TYR C 7 -16.81 -6.14 -42.67
N LEU C 8 -15.77 -5.62 -43.32
CA LEU C 8 -15.68 -4.20 -43.62
C LEU C 8 -16.89 -3.72 -44.43
N GLU C 9 -17.31 -4.52 -45.40
CA GLU C 9 -18.40 -4.13 -46.27
C GLU C 9 -19.74 -4.17 -45.54
N SER C 10 -19.85 -5.03 -44.53
CA SER C 10 -21.08 -5.14 -43.77
C SER C 10 -21.33 -3.90 -42.92
N LEU C 11 -20.27 -3.14 -42.65
CA LEU C 11 -20.35 -1.95 -41.80
C LEU C 11 -21.10 -0.82 -42.49
N ASN C 12 -20.99 -0.75 -43.81
CA ASN C 12 -21.64 0.29 -44.59
C ASN C 12 -23.11 -0.05 -44.85
N ASP C 13 -23.93 -0.02 -43.79
CA ASP C 13 -25.31 -0.47 -43.89
C ASP C 13 -26.30 0.59 -43.43
N GLY C 14 -25.86 1.84 -43.40
CA GLY C 14 -26.73 2.94 -43.03
C GLY C 14 -27.02 3.02 -41.55
N ARG C 15 -26.15 2.42 -40.73
CA ARG C 15 -26.25 2.59 -39.30
C ARG C 15 -25.93 4.04 -38.97
N VAL C 16 -26.70 4.63 -38.06
CA VAL C 16 -26.47 6.01 -37.65
C VAL C 16 -25.63 6.08 -36.37
N VAL C 17 -24.40 6.55 -36.51
CA VAL C 17 -23.44 6.60 -35.42
C VAL C 17 -22.67 7.91 -35.39
N TRP C 18 -22.51 8.48 -34.20
CA TRP C 18 -21.71 9.68 -34.01
C TRP C 18 -20.43 9.33 -33.26
N VAL C 19 -19.31 9.89 -33.70
CA VAL C 19 -18.11 9.91 -32.89
C VAL C 19 -17.88 11.36 -32.48
N GLY C 20 -18.26 11.68 -31.24
CA GLY C 20 -18.28 13.06 -30.79
C GLY C 20 -19.28 13.87 -31.58
N ASN C 21 -18.80 14.94 -32.22
CA ASN C 21 -19.66 15.81 -33.02
C ASN C 21 -19.90 15.25 -34.42
N GLU C 22 -19.02 14.36 -34.86
CA GLU C 22 -19.05 13.80 -36.22
C GLU C 22 -20.06 12.66 -36.41
N LYS C 23 -20.98 12.85 -37.35
CA LYS C 23 -21.81 11.75 -37.82
C LYS C 23 -20.98 10.90 -38.79
N ILE C 24 -21.01 9.59 -38.60
CA ILE C 24 -20.17 8.71 -39.41
C ILE C 24 -20.93 8.11 -40.58
N ASP C 25 -20.46 8.37 -41.80
CA ASP C 25 -21.10 7.85 -43.00
C ASP C 25 -20.80 6.37 -43.19
N ASN C 26 -19.54 6.01 -42.99
CA ASN C 26 -19.10 4.62 -43.07
C ASN C 26 -18.04 4.30 -42.02
N VAL C 27 -18.45 3.52 -41.03
CA VAL C 27 -17.57 3.09 -39.96
C VAL C 27 -16.30 2.43 -40.49
N ALA C 28 -16.40 1.75 -41.62
CA ALA C 28 -15.27 1.03 -42.19
C ALA C 28 -14.20 1.95 -42.79
N THR C 29 -14.59 3.18 -43.15
CA THR C 29 -13.71 4.04 -43.93
C THR C 29 -13.39 5.39 -43.29
N HIS C 30 -14.25 5.83 -42.36
CA HIS C 30 -14.05 7.12 -41.71
C HIS C 30 -12.75 7.16 -40.92
N PRO C 31 -12.04 8.28 -41.00
CA PRO C 31 -10.75 8.47 -40.32
C PRO C 31 -10.81 8.22 -38.81
N LEU C 32 -11.96 8.50 -38.19
CA LEU C 32 -12.08 8.36 -36.74
C LEU C 32 -12.32 6.92 -36.31
N THR C 33 -12.61 6.06 -37.28
CA THR C 33 -13.16 4.74 -36.98
C THR C 33 -12.50 3.57 -37.74
N ARG C 34 -12.02 3.86 -38.95
CA ARG C 34 -11.54 2.83 -39.87
C ARG C 34 -10.43 1.95 -39.30
N ASP C 35 -9.61 2.51 -38.42
CA ASP C 35 -8.48 1.79 -37.85
C ASP C 35 -8.91 0.65 -36.93
N TYR C 36 -9.83 0.93 -36.02
CA TYR C 36 -10.34 -0.13 -35.18
C TYR C 36 -11.09 -1.15 -36.03
N ALA C 37 -11.88 -0.65 -36.98
CA ALA C 37 -12.64 -1.53 -37.87
C ALA C 37 -11.71 -2.48 -38.61
N GLU C 38 -10.50 -2.01 -38.95
CA GLU C 38 -9.53 -2.85 -39.64
C GLU C 38 -8.85 -3.82 -38.68
N ARG C 39 -8.96 -3.55 -37.38
CA ARG C 39 -8.49 -4.48 -36.36
C ARG C 39 -9.46 -5.65 -36.25
N VAL C 40 -10.75 -5.34 -36.34
CA VAL C 40 -11.75 -6.40 -36.32
C VAL C 40 -11.64 -7.21 -37.60
N ALA C 41 -11.32 -6.52 -38.69
CA ALA C 41 -11.04 -7.16 -39.97
C ALA C 41 -9.80 -8.05 -39.85
N GLN C 42 -8.78 -7.55 -39.18
CA GLN C 42 -7.55 -8.32 -38.95
C GLN C 42 -7.86 -9.59 -38.18
N PHE C 43 -8.75 -9.47 -37.20
CA PHE C 43 -9.19 -10.60 -36.39
C PHE C 43 -9.74 -11.72 -37.27
N TYR C 44 -10.56 -11.36 -38.25
CA TYR C 44 -11.14 -12.35 -39.15
C TYR C 44 -10.12 -12.96 -40.12
N ASP C 45 -9.27 -12.11 -40.70
CA ASP C 45 -8.23 -12.59 -41.62
C ASP C 45 -7.23 -13.51 -40.94
N LEU C 46 -6.97 -13.28 -39.64
CA LEU C 46 -6.07 -14.13 -38.88
C LEU C 46 -6.48 -15.60 -38.97
N HIS C 47 -7.78 -15.84 -39.04
CA HIS C 47 -8.32 -17.19 -39.04
C HIS C 47 -8.05 -17.90 -40.37
N HIS C 48 -7.69 -17.14 -41.40
CA HIS C 48 -7.44 -17.72 -42.72
C HIS C 48 -5.96 -17.99 -42.97
N ARG C 49 -5.10 -17.55 -42.07
CA ARG C 49 -3.68 -17.85 -42.17
C ARG C 49 -3.41 -19.34 -42.00
N PRO C 50 -2.76 -19.96 -43.00
CA PRO C 50 -2.48 -21.40 -43.03
C PRO C 50 -1.64 -21.84 -41.84
N ASP C 51 -0.75 -20.97 -41.39
CA ASP C 51 0.13 -21.31 -40.27
C ASP C 51 -0.59 -21.30 -38.92
N LEU C 52 -1.83 -20.83 -38.91
CA LEU C 52 -2.59 -20.74 -37.67
C LEU C 52 -3.86 -21.58 -37.68
N GLN C 53 -4.06 -22.36 -38.73
CA GLN C 53 -5.27 -23.16 -38.84
C GLN C 53 -5.47 -24.04 -37.60
N ASP C 54 -4.40 -24.64 -37.12
CA ASP C 54 -4.49 -25.55 -35.99
C ASP C 54 -5.03 -24.85 -34.75
N VAL C 55 -4.39 -23.73 -34.39
CA VAL C 55 -4.70 -23.05 -33.13
C VAL C 55 -5.97 -22.19 -33.19
N LEU C 56 -6.35 -21.71 -34.38
CA LEU C 56 -7.48 -20.79 -34.49
C LEU C 56 -8.77 -21.42 -34.98
N THR C 57 -8.67 -22.59 -35.63
CA THR C 57 -9.84 -23.18 -36.26
C THR C 57 -10.05 -24.64 -35.86
N PHE C 58 -11.27 -25.12 -36.02
CA PHE C 58 -11.59 -26.52 -35.79
C PHE C 58 -12.71 -26.97 -36.73
N VAL C 59 -12.87 -28.28 -36.89
CA VAL C 59 -14.00 -28.80 -37.65
C VAL C 59 -15.17 -29.02 -36.69
N ASP C 60 -16.26 -28.30 -36.94
CA ASP C 60 -17.42 -28.33 -36.05
C ASP C 60 -18.22 -29.62 -36.23
N ALA C 61 -19.35 -29.73 -35.53
CA ALA C 61 -20.13 -30.95 -35.52
C ALA C 61 -20.80 -31.21 -36.87
N ASP C 62 -21.03 -30.14 -37.62
CA ASP C 62 -21.69 -30.25 -38.91
C ASP C 62 -20.69 -30.49 -40.04
N GLY C 63 -19.42 -30.63 -39.69
CA GLY C 63 -18.38 -30.90 -40.66
C GLY C 63 -17.69 -29.65 -41.16
N VAL C 64 -18.19 -28.49 -40.74
CA VAL C 64 -17.69 -27.22 -41.25
C VAL C 64 -16.56 -26.65 -40.40
N ARG C 65 -15.45 -26.31 -41.03
CA ARG C 65 -14.37 -25.65 -40.34
C ARG C 65 -14.78 -24.25 -39.90
N ARG C 66 -14.58 -23.95 -38.61
CA ARG C 66 -14.93 -22.65 -38.06
C ARG C 66 -13.86 -22.17 -37.10
N SER C 67 -13.98 -20.91 -36.70
CA SER C 67 -13.11 -20.33 -35.68
C SER C 67 -13.34 -21.04 -34.35
N ARG C 68 -12.27 -21.24 -33.59
CA ARG C 68 -12.39 -21.87 -32.29
C ARG C 68 -13.15 -21.01 -31.27
N GLN C 69 -13.62 -19.83 -31.70
CA GLN C 69 -14.42 -19.00 -30.80
C GLN C 69 -15.80 -19.63 -30.63
N TRP C 70 -16.15 -20.51 -31.56
CA TRP C 70 -17.45 -21.17 -31.54
C TRP C 70 -17.38 -22.54 -30.88
N GLN C 71 -16.17 -22.94 -30.47
CA GLN C 71 -15.95 -24.25 -29.88
C GLN C 71 -16.26 -24.28 -28.38
N ASP C 72 -16.79 -25.40 -27.91
CA ASP C 72 -17.16 -25.57 -26.50
C ASP C 72 -16.16 -26.42 -25.75
N PRO C 73 -15.65 -25.92 -24.62
CA PRO C 73 -14.78 -26.70 -23.73
C PRO C 73 -15.61 -27.67 -22.89
N LYS C 74 -15.20 -28.93 -22.86
CA LYS C 74 -15.93 -29.95 -22.10
C LYS C 74 -15.14 -30.40 -20.88
N ASP C 75 -13.88 -29.97 -20.79
CA ASP C 75 -13.05 -30.23 -19.62
C ASP C 75 -11.91 -29.23 -19.52
N ALA C 76 -11.02 -29.44 -18.56
CA ALA C 76 -9.95 -28.48 -18.27
C ALA C 76 -8.97 -28.37 -19.44
N ALA C 77 -8.66 -29.50 -20.05
CA ALA C 77 -7.77 -29.52 -21.20
C ALA C 77 -8.40 -28.74 -22.35
N GLY C 78 -9.71 -28.92 -22.53
CA GLY C 78 -10.45 -28.20 -23.55
C GLY C 78 -10.43 -26.70 -23.32
N LEU C 79 -10.55 -26.31 -22.05
CA LEU C 79 -10.53 -24.90 -21.68
C LEU C 79 -9.18 -24.27 -22.01
N ARG C 80 -8.11 -25.06 -21.85
CA ARG C 80 -6.77 -24.58 -22.16
C ARG C 80 -6.59 -24.35 -23.65
N VAL C 81 -7.24 -25.18 -24.47
CA VAL C 81 -7.24 -25.00 -25.91
C VAL C 81 -7.94 -23.70 -26.29
N LYS C 82 -9.05 -23.44 -25.63
CA LYS C 82 -9.77 -22.18 -25.80
C LYS C 82 -8.93 -20.97 -25.36
N ARG C 83 -8.24 -21.11 -24.23
CA ARG C 83 -7.36 -20.04 -23.76
C ARG C 83 -6.26 -19.76 -24.78
N LYS C 84 -5.68 -20.82 -25.33
CA LYS C 84 -4.63 -20.67 -26.33
C LYS C 84 -5.16 -19.99 -27.59
N TYR C 85 -6.43 -20.24 -27.90
CA TYR C 85 -7.06 -19.54 -29.00
C TYR C 85 -7.09 -18.04 -28.73
N HIS C 86 -7.70 -17.66 -27.60
CA HIS C 86 -7.85 -16.25 -27.26
C HIS C 86 -6.52 -15.50 -27.17
N GLU C 87 -5.53 -16.12 -26.54
CA GLU C 87 -4.22 -15.50 -26.38
C GLU C 87 -3.52 -15.30 -27.71
N THR C 88 -3.71 -16.24 -28.64
CA THR C 88 -3.11 -16.11 -29.95
C THR C 88 -3.65 -14.85 -30.62
N ILE C 89 -4.96 -14.63 -30.49
CA ILE C 89 -5.59 -13.42 -31.02
C ILE C 89 -5.01 -12.17 -30.38
N LEU C 90 -4.99 -12.15 -29.05
CA LEU C 90 -4.52 -10.99 -28.31
C LEU C 90 -3.06 -10.65 -28.61
N ARG C 91 -2.22 -11.67 -28.70
CA ARG C 91 -0.79 -11.43 -28.91
C ARG C 91 -0.52 -10.94 -30.33
N GLU C 92 -1.47 -11.17 -31.22
CA GLU C 92 -1.34 -10.79 -32.62
C GLU C 92 -1.86 -9.38 -32.92
N ILE C 93 -2.79 -8.89 -32.11
CA ILE C 93 -3.46 -7.64 -32.42
C ILE C 93 -3.21 -6.56 -31.37
N ALA C 94 -2.33 -5.62 -31.71
CA ALA C 94 -2.08 -4.43 -30.91
C ALA C 94 -1.71 -4.73 -29.46
N ALA C 95 -0.83 -5.70 -29.25
CA ALA C 95 -0.30 -6.00 -27.92
C ALA C 95 -1.40 -6.32 -26.90
N GLY C 96 -2.45 -6.99 -27.37
CA GLY C 96 -3.55 -7.40 -26.50
C GLY C 96 -4.27 -6.24 -25.85
N SER C 97 -4.42 -5.14 -26.58
CA SER C 97 -5.00 -3.93 -26.03
C SER C 97 -6.53 -3.87 -26.14
N TYR C 98 -7.10 -4.66 -27.05
CA TYR C 98 -8.53 -4.63 -27.28
C TYR C 98 -9.26 -5.69 -26.47
N GLY C 99 -10.33 -5.28 -25.79
CA GLY C 99 -11.02 -6.15 -24.86
C GLY C 99 -12.36 -6.66 -25.34
N ARG C 100 -12.79 -6.23 -26.51
CA ARG C 100 -14.10 -6.62 -27.02
C ARG C 100 -14.11 -7.01 -28.50
N LEU C 101 -13.01 -7.60 -28.95
CA LEU C 101 -13.02 -8.24 -30.26
C LEU C 101 -14.08 -9.36 -30.23
N PRO C 102 -14.59 -9.75 -31.41
CA PRO C 102 -15.76 -10.63 -31.48
C PRO C 102 -15.71 -11.87 -30.59
N ASP C 103 -14.54 -12.49 -30.45
CA ASP C 103 -14.43 -13.68 -29.60
C ASP C 103 -14.69 -13.39 -28.11
N ALA C 104 -14.48 -12.15 -27.69
CA ALA C 104 -14.68 -11.79 -26.29
C ALA C 104 -16.14 -11.86 -25.82
N HIS C 105 -17.04 -11.26 -26.59
CA HIS C 105 -18.44 -11.17 -26.18
C HIS C 105 -19.38 -12.16 -26.88
N ASN C 106 -18.98 -12.66 -28.05
CA ASN C 106 -19.82 -13.59 -28.79
C ASN C 106 -20.15 -14.87 -28.02
N TYR C 107 -19.17 -15.39 -27.29
CA TYR C 107 -19.33 -16.65 -26.58
C TYR C 107 -20.31 -16.59 -25.41
N THR C 108 -20.71 -15.38 -25.02
CA THR C 108 -21.64 -15.21 -23.91
C THR C 108 -23.03 -15.73 -24.26
N PHE C 109 -23.30 -15.89 -25.55
CA PHE C 109 -24.58 -16.43 -26.00
C PHE C 109 -24.76 -17.90 -25.63
N THR C 110 -23.67 -18.58 -25.30
CA THR C 110 -23.76 -19.98 -24.89
C THR C 110 -24.55 -20.10 -23.58
N THR C 111 -24.66 -19.00 -22.87
CA THR C 111 -25.49 -18.95 -21.66
C THR C 111 -26.89 -19.39 -22.02
N TYR C 112 -27.45 -18.79 -23.06
CA TYR C 112 -28.76 -19.18 -23.56
C TYR C 112 -28.78 -20.66 -23.94
N ALA C 113 -27.73 -21.10 -24.61
CA ALA C 113 -27.63 -22.48 -25.08
C ALA C 113 -27.64 -23.50 -23.92
N ASP C 114 -27.10 -23.11 -22.77
CA ASP C 114 -27.05 -23.99 -21.61
C ASP C 114 -28.46 -24.38 -21.15
N ASP C 115 -29.40 -23.46 -21.30
CA ASP C 115 -30.78 -23.67 -20.85
C ASP C 115 -31.71 -22.68 -21.54
N PRO C 116 -32.17 -23.03 -22.76
CA PRO C 116 -32.94 -22.12 -23.62
C PRO C 116 -34.34 -21.83 -23.10
N GLU C 117 -35.03 -22.85 -22.61
CA GLU C 117 -36.43 -22.73 -22.24
C GLU C 117 -36.68 -21.71 -21.13
N VAL C 118 -35.80 -21.66 -20.14
CA VAL C 118 -36.01 -20.84 -18.96
C VAL C 118 -36.24 -19.37 -19.29
N TRP C 119 -35.69 -18.92 -20.41
CA TRP C 119 -35.81 -17.51 -20.81
C TRP C 119 -37.21 -17.16 -21.28
N GLU C 120 -37.93 -18.15 -21.82
CA GLU C 120 -39.31 -17.96 -22.23
C GLU C 120 -40.25 -18.17 -21.06
N LYS C 121 -40.10 -19.30 -20.38
CA LYS C 121 -40.97 -19.66 -19.27
C LYS C 121 -41.02 -18.59 -18.20
N GLN C 122 -39.96 -17.80 -18.10
CA GLN C 122 -39.85 -16.77 -17.06
C GLN C 122 -40.27 -15.39 -17.54
N SER C 123 -40.61 -15.29 -18.82
CA SER C 123 -41.07 -14.01 -19.37
C SER C 123 -42.42 -13.61 -18.82
N ILE C 124 -42.66 -12.31 -18.74
CA ILE C 124 -43.95 -11.77 -18.35
C ILE C 124 -44.37 -10.70 -19.34
N GLY C 125 -45.61 -10.78 -19.80
CA GLY C 125 -46.11 -9.84 -20.79
C GLY C 125 -45.84 -10.32 -22.21
N ALA C 126 -45.38 -11.56 -22.31
CA ALA C 126 -45.15 -12.17 -23.63
C ALA C 126 -45.92 -13.48 -23.74
N GLU C 127 -46.93 -13.65 -22.88
CA GLU C 127 -47.75 -14.86 -22.88
C GLU C 127 -48.21 -15.23 -24.27
N GLY C 128 -47.95 -16.48 -24.67
CA GLY C 128 -48.38 -16.97 -25.96
C GLY C 128 -47.30 -16.93 -27.02
N ARG C 129 -46.20 -16.25 -26.73
CA ARG C 129 -45.10 -16.13 -27.68
C ARG C 129 -44.11 -17.28 -27.52
N ASN C 130 -43.56 -17.75 -28.63
CA ASN C 130 -42.46 -18.70 -28.58
C ASN C 130 -41.12 -17.99 -28.74
N LEU C 131 -40.43 -17.80 -27.63
CA LEU C 131 -39.14 -17.11 -27.60
C LEU C 131 -37.98 -18.09 -27.70
N THR C 132 -38.19 -19.29 -27.15
CA THR C 132 -37.16 -20.33 -27.15
C THR C 132 -36.58 -20.58 -28.54
N GLN C 133 -37.46 -20.71 -29.52
CA GLN C 133 -37.06 -20.92 -30.91
C GLN C 133 -36.19 -19.79 -31.42
N ASN C 134 -36.37 -18.60 -30.87
CA ASN C 134 -35.60 -17.44 -31.27
C ASN C 134 -34.14 -17.58 -30.87
N ILE C 135 -33.92 -18.12 -29.68
CA ILE C 135 -32.58 -18.37 -29.20
C ILE C 135 -31.82 -19.29 -30.16
N HIS C 136 -32.44 -20.42 -30.49
CA HIS C 136 -31.83 -21.37 -31.41
C HIS C 136 -31.61 -20.74 -32.79
N ASN C 137 -32.57 -19.93 -33.21
CA ASN C 137 -32.47 -19.25 -34.50
C ASN C 137 -31.27 -18.31 -34.57
N PHE C 138 -31.21 -17.36 -33.64
CA PHE C 138 -30.11 -16.41 -33.63
C PHE C 138 -28.77 -17.09 -33.37
N LEU C 139 -28.78 -18.09 -32.49
CA LEU C 139 -27.56 -18.83 -32.20
C LEU C 139 -26.98 -19.44 -33.48
N LYS C 140 -27.83 -20.04 -34.29
CA LYS C 140 -27.40 -20.59 -35.58
C LYS C 140 -26.90 -19.48 -36.50
N LEU C 141 -27.66 -18.39 -36.56
CA LEU C 141 -27.30 -17.23 -37.38
C LEU C 141 -25.93 -16.68 -36.97
N LEU C 142 -25.78 -16.45 -35.66
CA LEU C 142 -24.54 -15.94 -35.09
C LEU C 142 -23.33 -16.74 -35.59
N ARG C 143 -23.42 -18.06 -35.45
CA ARG C 143 -22.30 -18.97 -35.70
C ARG C 143 -22.02 -19.20 -37.19
N GLU C 144 -23.07 -19.36 -37.99
CA GLU C 144 -22.90 -19.72 -39.38
C GLU C 144 -22.55 -18.51 -40.26
N LYS C 145 -23.18 -17.38 -39.98
CA LYS C 145 -22.85 -16.14 -40.68
C LYS C 145 -21.63 -15.48 -40.06
N ASP C 146 -21.17 -16.04 -38.93
CA ASP C 146 -19.96 -15.56 -38.28
C ASP C 146 -20.11 -14.08 -37.92
N LEU C 147 -21.24 -13.76 -37.28
CA LEU C 147 -21.55 -12.38 -36.93
C LEU C 147 -20.80 -11.88 -35.70
N ASN C 148 -20.75 -10.56 -35.55
CA ASN C 148 -20.14 -9.93 -34.39
C ASN C 148 -21.20 -9.19 -33.59
N CYS C 149 -21.42 -9.62 -32.36
CA CYS C 149 -22.54 -9.11 -31.56
C CYS C 149 -22.13 -8.61 -30.17
N PRO C 150 -21.70 -7.34 -30.09
CA PRO C 150 -21.30 -6.66 -28.85
C PRO C 150 -22.41 -6.60 -27.79
N LEU C 151 -22.01 -6.52 -26.52
CA LEU C 151 -22.94 -6.44 -25.41
C LEU C 151 -23.46 -5.03 -25.19
N ASN C 152 -24.71 -4.92 -24.74
CA ASN C 152 -25.30 -3.62 -24.42
C ASN C 152 -26.21 -3.78 -23.22
N PHE C 153 -25.59 -3.98 -22.05
CA PHE C 153 -26.31 -4.34 -20.83
C PHE C 153 -26.35 -3.22 -19.80
N VAL C 154 -25.34 -2.36 -19.82
CA VAL C 154 -25.19 -1.36 -18.77
C VAL C 154 -26.25 -0.26 -18.85
N ASP C 155 -26.86 0.03 -17.70
CA ASP C 155 -27.92 1.01 -17.63
C ASP C 155 -27.43 2.32 -17.01
N PRO C 156 -28.18 3.42 -17.26
CA PRO C 156 -27.88 4.70 -16.63
C PRO C 156 -27.79 4.58 -15.12
N GLN C 157 -26.84 5.30 -14.52
CA GLN C 157 -26.65 5.29 -13.07
C GLN C 157 -27.94 5.70 -12.38
N THR C 158 -28.43 4.85 -11.48
CA THR C 158 -29.69 5.11 -10.80
C THR C 158 -29.57 6.29 -9.83
N ASP C 159 -29.66 7.49 -10.38
CA ASP C 159 -29.49 8.72 -9.62
C ASP C 159 -30.54 8.88 -8.52
N ARG C 160 -30.08 9.23 -7.33
CA ARG C 160 -30.96 9.37 -6.16
C ARG C 160 -31.70 10.71 -6.14
N SER C 161 -31.99 11.24 -7.32
CA SER C 161 -32.80 12.44 -7.44
C SER C 161 -34.14 12.19 -6.74
N SER C 162 -35.04 11.51 -7.46
CA SER C 162 -36.34 11.09 -6.94
C SER C 162 -37.16 10.50 -8.07
N ASP C 163 -37.54 11.34 -9.03
CA ASP C 163 -38.33 10.91 -10.17
C ASP C 163 -37.43 10.63 -11.38
N ALA C 164 -36.12 10.77 -11.17
CA ALA C 164 -35.13 10.36 -12.16
C ALA C 164 -34.89 8.86 -11.99
N ALA C 165 -34.88 8.41 -10.74
CA ALA C 165 -34.78 7.00 -10.42
C ALA C 165 -36.18 6.41 -10.23
N GLN C 166 -37.18 7.15 -10.71
CA GLN C 166 -38.57 6.73 -10.60
C GLN C 166 -39.34 7.05 -11.88
N ALA C 167 -39.55 6.02 -12.70
CA ALA C 167 -40.36 6.13 -13.91
C ALA C 167 -39.71 6.97 -15.01
N ARG C 168 -39.41 8.23 -14.71
CA ARG C 168 -38.88 9.16 -15.71
C ARG C 168 -37.38 8.95 -15.99
N SER C 169 -36.95 7.70 -15.90
CA SER C 169 -35.56 7.36 -16.17
C SER C 169 -35.25 7.49 -17.66
N PRO C 170 -33.95 7.57 -17.99
CA PRO C 170 -33.50 7.42 -19.38
C PRO C 170 -33.44 5.93 -19.72
N ASN C 171 -33.67 5.09 -18.70
CA ASN C 171 -33.60 3.65 -18.85
C ASN C 171 -34.48 3.13 -19.97
N LEU C 172 -33.95 2.20 -20.76
CA LEU C 172 -34.72 1.57 -21.82
C LEU C 172 -35.88 0.76 -21.23
N ARG C 173 -37.10 1.05 -21.71
CA ARG C 173 -38.28 0.36 -21.22
C ARG C 173 -39.20 0.02 -22.38
N ILE C 174 -40.01 -1.02 -22.19
CA ILE C 174 -41.01 -1.40 -23.17
C ILE C 174 -42.19 -0.44 -23.08
N VAL C 175 -42.43 0.29 -24.16
CA VAL C 175 -43.51 1.26 -24.17
C VAL C 175 -44.74 0.73 -24.89
N GLU C 176 -44.53 -0.14 -25.87
CA GLU C 176 -45.61 -0.65 -26.71
C GLU C 176 -45.43 -2.14 -26.99
N LYS C 177 -46.50 -2.91 -26.79
CA LYS C 177 -46.51 -4.32 -27.16
C LYS C 177 -47.43 -4.55 -28.36
N THR C 178 -46.83 -4.70 -29.54
CA THR C 178 -47.56 -5.00 -30.75
C THR C 178 -47.68 -6.52 -30.89
N ASP C 179 -48.48 -6.99 -31.84
CA ASP C 179 -48.58 -8.42 -32.11
C ASP C 179 -47.49 -8.88 -33.07
N ASP C 180 -46.71 -7.93 -33.58
CA ASP C 180 -45.61 -8.21 -34.48
C ASP C 180 -44.27 -8.14 -33.74
N GLY C 181 -44.29 -7.44 -32.61
CA GLY C 181 -43.11 -7.30 -31.78
C GLY C 181 -43.37 -6.33 -30.64
N ILE C 182 -42.30 -5.75 -30.10
CA ILE C 182 -42.42 -4.72 -29.07
C ILE C 182 -41.74 -3.43 -29.51
N ILE C 183 -42.13 -2.33 -28.87
CA ILE C 183 -41.51 -1.04 -29.13
C ILE C 183 -40.81 -0.56 -27.87
N VAL C 184 -39.55 -0.18 -28.02
CA VAL C 184 -38.70 0.12 -26.87
C VAL C 184 -38.15 1.54 -26.98
N ASN C 185 -37.99 2.20 -25.83
CA ASN C 185 -37.59 3.60 -25.80
C ASN C 185 -36.72 3.89 -24.58
N GLY C 186 -35.60 4.55 -24.81
CA GLY C 186 -34.67 4.86 -23.73
C GLY C 186 -33.21 4.70 -24.12
N VAL C 187 -32.37 4.43 -23.13
CA VAL C 187 -30.94 4.44 -23.32
C VAL C 187 -30.26 3.18 -22.77
N LYS C 188 -29.24 2.72 -23.48
CA LYS C 188 -28.28 1.80 -22.91
C LYS C 188 -27.00 2.60 -22.67
N ALA C 189 -26.60 2.68 -21.40
CA ALA C 189 -25.57 3.63 -20.97
C ALA C 189 -24.23 3.41 -21.63
N VAL C 190 -23.51 2.37 -21.20
CA VAL C 190 -22.17 2.13 -21.72
C VAL C 190 -22.14 0.85 -22.54
N GLY C 191 -21.48 0.93 -23.68
CA GLY C 191 -21.37 -0.19 -24.59
C GLY C 191 -20.08 -0.06 -25.36
N THR C 192 -19.32 -1.13 -25.43
CA THR C 192 -18.04 -1.10 -26.11
C THR C 192 -18.14 -1.79 -27.47
N GLY C 193 -17.72 -1.09 -28.51
CA GLY C 193 -17.67 -1.66 -29.84
C GLY C 193 -19.03 -1.86 -30.49
N ILE C 194 -20.05 -1.20 -29.94
CA ILE C 194 -21.40 -1.29 -30.49
C ILE C 194 -21.44 -0.84 -31.94
N ALA C 195 -20.69 0.24 -32.24
CA ALA C 195 -20.68 0.80 -33.59
C ALA C 195 -19.96 -0.09 -34.59
N PHE C 196 -19.45 -1.23 -34.12
CA PHE C 196 -18.65 -2.10 -34.97
C PHE C 196 -19.23 -3.51 -35.09
N GLY C 197 -20.39 -3.74 -34.49
CA GLY C 197 -21.01 -5.05 -34.54
C GLY C 197 -22.04 -5.16 -35.65
N ASP C 198 -22.38 -6.39 -36.01
CA ASP C 198 -23.49 -6.62 -36.94
C ASP C 198 -24.80 -6.51 -36.17
N TYR C 199 -24.79 -7.01 -34.94
CA TYR C 199 -25.94 -6.97 -34.05
C TYR C 199 -25.51 -6.41 -32.70
N MET C 200 -26.48 -6.01 -31.88
CA MET C 200 -26.18 -5.69 -30.50
C MET C 200 -26.94 -6.60 -29.56
N HIS C 201 -26.26 -7.07 -28.52
CA HIS C 201 -26.83 -7.96 -27.54
C HIS C 201 -27.47 -7.12 -26.44
N ILE C 202 -28.75 -6.82 -26.58
CA ILE C 202 -29.47 -6.06 -25.57
C ILE C 202 -29.78 -6.92 -24.36
N GLY C 203 -29.63 -6.34 -23.17
CA GLY C 203 -29.87 -7.06 -21.93
C GLY C 203 -29.78 -6.10 -20.77
N CYS C 204 -29.96 -6.60 -19.56
CA CYS C 204 -29.88 -5.76 -18.38
C CYS C 204 -29.46 -6.56 -17.16
N LEU C 205 -29.02 -5.85 -16.13
CA LEU C 205 -28.62 -6.47 -14.87
C LEU C 205 -29.60 -6.02 -13.80
N TYR C 206 -29.94 -6.92 -12.87
CA TYR C 206 -30.89 -6.59 -11.82
C TYR C 206 -30.36 -5.51 -10.88
N ARG C 207 -31.29 -4.70 -10.38
CA ARG C 207 -31.00 -3.74 -9.33
C ARG C 207 -32.28 -3.59 -8.53
N PRO C 208 -32.15 -3.38 -7.20
CA PRO C 208 -33.36 -3.26 -6.38
C PRO C 208 -34.40 -2.37 -7.03
N GLY C 209 -35.62 -2.88 -7.16
CA GLY C 209 -36.75 -2.09 -7.62
C GLY C 209 -36.75 -1.74 -9.10
N ILE C 210 -36.21 -2.62 -9.93
CA ILE C 210 -36.24 -2.39 -11.38
C ILE C 210 -37.60 -2.81 -11.95
N PRO C 211 -38.20 -1.94 -12.78
CA PRO C 211 -39.48 -2.25 -13.41
C PRO C 211 -39.37 -3.48 -14.30
N GLY C 212 -40.46 -4.23 -14.43
CA GLY C 212 -40.47 -5.38 -15.31
C GLY C 212 -40.37 -4.96 -16.76
N GLU C 213 -40.84 -3.75 -17.04
CA GLU C 213 -40.85 -3.21 -18.40
C GLU C 213 -39.46 -2.83 -18.89
N GLN C 214 -38.49 -2.79 -17.98
CA GLN C 214 -37.11 -2.47 -18.33
C GLN C 214 -36.26 -3.74 -18.42
N VAL C 215 -36.89 -4.87 -18.17
CA VAL C 215 -36.20 -6.15 -18.24
C VAL C 215 -36.37 -6.77 -19.62
N ILE C 216 -35.48 -6.41 -20.53
CA ILE C 216 -35.55 -6.90 -21.91
C ILE C 216 -34.23 -7.50 -22.40
N PHE C 217 -34.31 -8.67 -23.01
CA PHE C 217 -33.18 -9.35 -23.63
C PHE C 217 -33.46 -9.66 -25.09
N ALA C 218 -32.54 -9.28 -25.97
CA ALA C 218 -32.74 -9.44 -27.41
C ALA C 218 -31.45 -9.22 -28.18
N ALA C 219 -31.51 -9.49 -29.48
CA ALA C 219 -30.40 -9.18 -30.37
C ALA C 219 -30.94 -8.60 -31.67
N ILE C 220 -30.68 -7.32 -31.89
CA ILE C 220 -31.17 -6.62 -33.06
C ILE C 220 -30.01 -6.11 -33.89
N PRO C 221 -30.22 -5.95 -35.21
CA PRO C 221 -29.16 -5.40 -36.05
C PRO C 221 -28.76 -4.00 -35.57
N THR C 222 -27.50 -3.63 -35.80
CA THR C 222 -27.01 -2.33 -35.37
C THR C 222 -27.66 -1.21 -36.17
N ASN C 223 -28.03 -1.49 -37.42
CA ASN C 223 -28.65 -0.50 -38.28
C ASN C 223 -30.18 -0.51 -38.21
N THR C 224 -30.72 -1.02 -37.10
CA THR C 224 -32.15 -0.96 -36.87
C THR C 224 -32.61 0.49 -36.81
N PRO C 225 -33.74 0.80 -37.45
CA PRO C 225 -34.30 2.16 -37.43
C PRO C 225 -34.63 2.62 -36.00
N GLY C 226 -34.27 3.85 -35.67
CA GLY C 226 -34.58 4.43 -34.38
C GLY C 226 -33.45 4.32 -33.39
N VAL C 227 -32.38 3.62 -33.79
CA VAL C 227 -31.24 3.42 -32.92
C VAL C 227 -30.09 4.32 -33.33
N THR C 228 -29.59 5.11 -32.38
CA THR C 228 -28.43 5.95 -32.63
C THR C 228 -27.31 5.60 -31.66
N VAL C 229 -26.15 5.28 -32.20
CA VAL C 229 -24.99 4.98 -31.36
C VAL C 229 -24.16 6.25 -31.21
N PHE C 230 -24.16 6.80 -29.99
CA PHE C 230 -23.38 7.98 -29.70
C PHE C 230 -22.06 7.63 -29.02
N CYS C 231 -20.96 7.79 -29.74
CA CYS C 231 -19.65 7.41 -29.22
C CYS C 231 -18.90 8.60 -28.61
N ARG C 232 -18.10 8.32 -27.59
CA ARG C 232 -17.15 9.30 -27.07
C ARG C 232 -16.18 9.64 -28.19
N GLU C 233 -15.48 10.77 -28.07
CA GLU C 233 -14.52 11.15 -29.10
C GLU C 233 -13.43 10.09 -29.22
N SER C 234 -12.91 9.91 -30.43
CA SER C 234 -11.93 8.87 -30.72
C SER C 234 -10.51 9.34 -30.45
N THR C 235 -9.66 8.45 -29.93
CA THR C 235 -8.31 8.82 -29.52
C THR C 235 -7.21 8.25 -30.42
N VAL C 236 -7.60 7.82 -31.62
CA VAL C 236 -6.65 7.22 -32.56
C VAL C 236 -5.57 8.21 -32.99
N LYS C 237 -4.32 7.78 -32.96
CA LYS C 237 -3.20 8.61 -33.41
C LYS C 237 -2.99 8.51 -34.92
N ASN C 238 -2.41 9.56 -35.50
CA ASN C 238 -2.25 9.66 -36.94
C ASN C 238 -0.92 9.11 -37.46
N ASP C 239 0.12 9.20 -36.64
CA ASP C 239 1.45 8.81 -37.07
C ASP C 239 1.92 7.53 -36.39
N PRO C 240 1.95 6.42 -37.16
CA PRO C 240 2.36 5.09 -36.68
C PRO C 240 3.85 5.02 -36.34
N ALA C 241 4.65 5.93 -36.88
CA ALA C 241 6.08 5.94 -36.61
C ALA C 241 6.35 6.49 -35.22
N GLU C 242 5.47 7.37 -34.75
CA GLU C 242 5.61 7.93 -33.40
C GLU C 242 4.70 7.20 -32.43
N HIS C 243 3.60 6.63 -32.94
CA HIS C 243 2.66 5.91 -32.09
C HIS C 243 2.31 4.54 -32.69
N PRO C 244 3.15 3.54 -32.41
CA PRO C 244 3.04 2.18 -32.96
C PRO C 244 1.76 1.47 -32.51
N LEU C 245 1.28 1.80 -31.32
CA LEU C 245 0.08 1.17 -30.78
C LEU C 245 -1.17 2.05 -30.92
N ALA C 246 -1.06 3.29 -30.46
CA ALA C 246 -2.21 4.19 -30.42
C ALA C 246 -2.75 4.53 -31.81
N SER C 247 -1.96 4.29 -32.85
CA SER C 247 -2.39 4.58 -34.21
C SER C 247 -3.19 3.42 -34.81
N GLN C 248 -3.26 2.31 -34.08
CA GLN C 248 -3.86 1.09 -34.63
C GLN C 248 -5.38 1.03 -34.52
N GLY C 249 -5.96 1.88 -33.68
CA GLY C 249 -7.41 1.92 -33.58
C GLY C 249 -7.90 2.13 -32.17
N ASP C 250 -9.02 2.83 -32.05
CA ASP C 250 -9.63 3.09 -30.76
C ASP C 250 -10.92 2.27 -30.60
N GLU C 251 -10.92 1.38 -29.62
CA GLU C 251 -12.08 0.55 -29.31
C GLU C 251 -13.14 1.41 -28.62
N LEU C 252 -13.97 2.08 -29.42
CA LEU C 252 -14.88 3.10 -28.89
C LEU C 252 -15.91 2.56 -27.91
N ASP C 253 -16.36 3.45 -27.03
CA ASP C 253 -17.42 3.14 -26.07
C ASP C 253 -18.60 4.08 -26.36
N SER C 254 -19.82 3.59 -26.13
CA SER C 254 -21.00 4.30 -26.63
C SER C 254 -22.12 4.44 -25.62
N THR C 255 -22.98 5.43 -25.84
CA THR C 255 -24.32 5.43 -25.28
C THR C 255 -25.27 5.24 -26.45
N THR C 256 -26.12 4.22 -26.38
CA THR C 256 -27.04 3.93 -27.47
C THR C 256 -28.43 4.41 -27.10
N VAL C 257 -29.02 5.23 -27.95
CA VAL C 257 -30.37 5.73 -27.71
C VAL C 257 -31.39 5.05 -28.63
N PHE C 258 -32.49 4.61 -28.03
CA PHE C 258 -33.56 3.97 -28.76
C PHE C 258 -34.77 4.88 -28.79
N ASP C 259 -34.95 5.59 -29.90
CA ASP C 259 -36.12 6.44 -30.06
C ASP C 259 -37.27 5.65 -30.66
N ASN C 260 -38.07 5.05 -29.78
CA ASN C 260 -39.21 4.23 -30.18
C ASN C 260 -38.85 3.27 -31.32
N VAL C 261 -37.88 2.41 -31.07
CA VAL C 261 -37.49 1.41 -32.05
C VAL C 261 -38.40 0.20 -31.89
N PHE C 262 -38.68 -0.48 -33.00
CA PHE C 262 -39.53 -1.65 -32.98
C PHE C 262 -38.68 -2.91 -33.07
N ILE C 263 -38.79 -3.75 -32.05
CA ILE C 263 -38.12 -5.05 -32.10
C ILE C 263 -39.11 -6.16 -32.41
N PRO C 264 -38.89 -6.88 -33.51
CA PRO C 264 -39.73 -8.01 -33.92
C PRO C 264 -39.67 -9.12 -32.88
N TRP C 265 -40.78 -9.81 -32.65
CA TRP C 265 -40.82 -10.88 -31.66
C TRP C 265 -39.70 -11.90 -31.88
N GLU C 266 -39.36 -12.17 -33.13
CA GLU C 266 -38.36 -13.18 -33.44
C GLU C 266 -36.93 -12.75 -33.09
N GLN C 267 -36.81 -11.69 -32.31
CA GLN C 267 -35.50 -11.23 -31.85
C GLN C 267 -35.47 -11.07 -30.34
N VAL C 268 -36.59 -11.39 -29.69
CA VAL C 268 -36.70 -11.27 -28.25
C VAL C 268 -36.39 -12.60 -27.54
N PHE C 269 -35.63 -12.52 -26.45
CA PHE C 269 -35.25 -13.71 -25.68
C PHE C 269 -35.97 -13.77 -24.33
N HIS C 270 -36.28 -12.62 -23.75
CA HIS C 270 -37.00 -12.55 -22.49
C HIS C 270 -37.43 -11.14 -22.16
N ILE C 271 -38.56 -11.00 -21.48
CA ILE C 271 -39.04 -9.71 -21.00
C ILE C 271 -39.83 -9.83 -19.71
N GLY C 272 -39.83 -8.76 -18.92
CA GLY C 272 -40.80 -8.58 -17.86
C GLY C 272 -40.46 -9.05 -16.46
N ASN C 273 -39.48 -9.94 -16.32
CA ASN C 273 -39.22 -10.56 -15.03
C ASN C 273 -37.89 -10.13 -14.39
N PRO C 274 -37.97 -9.30 -13.33
CA PRO C 274 -36.82 -8.87 -12.53
C PRO C 274 -36.15 -10.00 -11.74
N GLU C 275 -36.92 -11.01 -11.35
CA GLU C 275 -36.36 -12.14 -10.63
C GLU C 275 -35.42 -12.96 -11.50
N HIS C 276 -35.70 -12.97 -12.80
CA HIS C 276 -34.86 -13.67 -13.76
C HIS C 276 -33.59 -12.89 -13.99
N ALA C 277 -33.69 -11.57 -13.86
CA ALA C 277 -32.56 -10.68 -14.11
C ALA C 277 -31.54 -10.72 -12.98
N LYS C 278 -31.78 -11.58 -11.99
CA LYS C 278 -30.91 -11.66 -10.83
C LYS C 278 -29.64 -12.48 -11.10
N LEU C 279 -29.82 -13.75 -11.46
CA LEU C 279 -28.68 -14.65 -11.61
C LEU C 279 -28.27 -14.91 -13.05
N TYR C 280 -29.23 -14.81 -13.97
CA TYR C 280 -28.95 -15.18 -15.36
C TYR C 280 -28.11 -14.16 -16.14
N PRO C 281 -28.30 -12.86 -15.87
CA PRO C 281 -27.38 -11.88 -16.44
C PRO C 281 -25.96 -12.04 -15.87
N GLN C 282 -25.85 -12.59 -14.66
CA GLN C 282 -24.55 -12.86 -14.06
C GLN C 282 -23.83 -13.93 -14.86
N ARG C 283 -24.58 -14.93 -15.31
CA ARG C 283 -24.02 -16.02 -16.09
C ARG C 283 -23.60 -15.54 -17.48
N ILE C 284 -24.38 -14.61 -18.04
CA ILE C 284 -24.03 -13.97 -19.30
C ILE C 284 -22.62 -13.40 -19.26
N PHE C 285 -22.26 -12.76 -18.16
CA PHE C 285 -20.98 -12.05 -18.09
C PHE C 285 -19.82 -12.93 -17.65
N ASP C 286 -20.11 -14.18 -17.29
CA ASP C 286 -19.09 -15.11 -16.85
C ASP C 286 -17.91 -15.21 -17.82
N TRP C 287 -18.20 -15.63 -19.04
CA TRP C 287 -17.13 -15.85 -20.03
C TRP C 287 -16.40 -14.56 -20.40
N VAL C 288 -17.08 -13.43 -20.33
CA VAL C 288 -16.42 -12.14 -20.57
C VAL C 288 -15.40 -11.90 -19.47
N HIS C 289 -15.82 -12.08 -18.22
CA HIS C 289 -14.91 -11.90 -17.08
C HIS C 289 -13.68 -12.78 -17.22
N TYR C 290 -13.88 -14.01 -17.66
CA TYR C 290 -12.77 -14.95 -17.86
C TYR C 290 -11.82 -14.44 -18.94
N HIS C 291 -12.39 -13.96 -20.04
CA HIS C 291 -11.58 -13.43 -21.13
C HIS C 291 -10.76 -12.23 -20.67
N ILE C 292 -11.38 -11.35 -19.89
CA ILE C 292 -10.69 -10.19 -19.34
C ILE C 292 -9.44 -10.62 -18.55
N LEU C 293 -9.59 -11.64 -17.72
CA LEU C 293 -8.48 -12.16 -16.93
C LEU C 293 -7.34 -12.65 -17.84
N ILE C 294 -7.70 -13.40 -18.87
CA ILE C 294 -6.71 -13.84 -19.85
C ILE C 294 -5.94 -12.65 -20.40
N ARG C 295 -6.67 -11.57 -20.68
CA ARG C 295 -6.08 -10.37 -21.26
C ARG C 295 -5.20 -9.65 -20.24
N GLN C 296 -5.62 -9.69 -18.99
CA GLN C 296 -4.90 -9.02 -17.92
C GLN C 296 -3.58 -9.73 -17.60
N VAL C 297 -3.57 -11.06 -17.75
CA VAL C 297 -2.36 -11.83 -17.51
C VAL C 297 -1.33 -11.55 -18.61
N LEU C 298 -1.81 -11.35 -19.83
CA LEU C 298 -0.92 -10.99 -20.94
C LEU C 298 -0.27 -9.63 -20.75
N ARG C 299 -1.09 -8.64 -20.35
CA ARG C 299 -0.59 -7.29 -20.10
C ARG C 299 0.45 -7.27 -18.98
N ALA C 300 0.19 -8.04 -17.92
CA ALA C 300 1.17 -8.16 -16.84
C ALA C 300 2.46 -8.76 -17.36
N GLU C 301 2.33 -9.71 -18.28
CA GLU C 301 3.49 -10.31 -18.90
C GLU C 301 4.23 -9.28 -19.75
N LEU C 302 3.46 -8.52 -20.53
CA LEU C 302 4.03 -7.48 -21.37
C LEU C 302 4.80 -6.49 -20.53
N ILE C 303 4.19 -6.08 -19.42
CA ILE C 303 4.79 -5.07 -18.53
C ILE C 303 6.13 -5.52 -17.96
N VAL C 304 6.23 -6.78 -17.57
CA VAL C 304 7.49 -7.31 -17.08
C VAL C 304 8.54 -7.20 -18.19
N GLY C 305 8.17 -7.60 -19.40
CA GLY C 305 9.06 -7.53 -20.55
C GLY C 305 9.59 -6.14 -20.84
N LEU C 306 8.69 -5.15 -20.87
CA LEU C 306 9.11 -3.78 -21.16
C LEU C 306 10.10 -3.30 -20.10
N ALA C 307 9.81 -3.63 -18.85
CA ALA C 307 10.64 -3.23 -17.72
C ALA C 307 12.03 -3.84 -17.82
N ILE C 308 12.08 -5.12 -18.20
CA ILE C 308 13.36 -5.78 -18.41
C ILE C 308 14.12 -5.13 -19.57
N LEU C 309 13.45 -4.97 -20.70
CA LEU C 309 14.09 -4.41 -21.89
C LEU C 309 14.68 -3.02 -21.66
N ILE C 310 13.86 -2.10 -21.16
CA ILE C 310 14.32 -0.71 -21.01
C ILE C 310 15.41 -0.63 -19.95
N THR C 311 15.24 -1.42 -18.90
CA THR C 311 16.16 -1.41 -17.79
C THR C 311 17.53 -1.98 -18.21
N GLU C 312 17.50 -2.96 -19.11
CA GLU C 312 18.73 -3.55 -19.63
C GLU C 312 19.41 -2.62 -20.64
N HIS C 313 18.62 -1.97 -21.49
CA HIS C 313 19.17 -1.09 -22.51
C HIS C 313 19.80 0.17 -21.91
N ILE C 314 19.22 0.65 -20.82
CA ILE C 314 19.77 1.79 -20.10
C ILE C 314 20.98 1.36 -19.26
N GLY C 315 21.05 0.09 -18.94
CA GLY C 315 22.14 -0.45 -18.16
C GLY C 315 21.93 -0.29 -16.66
N THR C 316 20.67 -0.19 -16.27
CA THR C 316 20.33 0.01 -14.87
C THR C 316 19.83 -1.29 -14.23
N SER C 317 19.83 -2.37 -15.01
CA SER C 317 19.22 -3.64 -14.59
C SER C 317 19.97 -4.38 -13.50
N LYS C 318 21.26 -4.11 -13.35
CA LYS C 318 22.08 -4.83 -12.37
C LYS C 318 21.95 -4.25 -10.97
N LEU C 319 21.51 -2.99 -10.89
CA LEU C 319 21.33 -2.34 -9.59
C LEU C 319 20.35 -3.11 -8.72
N PRO C 320 20.77 -3.42 -7.47
CA PRO C 320 19.98 -4.17 -6.50
C PRO C 320 18.58 -3.57 -6.29
N THR C 321 18.50 -2.25 -6.15
CA THR C 321 17.22 -1.60 -5.95
C THR C 321 16.31 -1.76 -7.16
N VAL C 322 16.90 -1.80 -8.35
CA VAL C 322 16.16 -1.92 -9.59
C VAL C 322 15.66 -3.34 -9.83
N SER C 323 16.56 -4.31 -9.67
CA SER C 323 16.19 -5.71 -9.86
C SER C 323 15.15 -6.13 -8.82
N ALA C 324 15.17 -5.49 -7.65
CA ALA C 324 14.15 -5.73 -6.65
C ALA C 324 12.79 -5.30 -7.19
N ARG C 325 12.77 -4.17 -7.87
CA ARG C 325 11.54 -3.63 -8.42
C ARG C 325 10.99 -4.49 -9.56
N VAL C 326 11.88 -4.95 -10.45
CA VAL C 326 11.49 -5.83 -11.54
C VAL C 326 10.90 -7.13 -10.98
N ALA C 327 11.47 -7.62 -9.88
CA ALA C 327 10.96 -8.81 -9.22
C ALA C 327 9.52 -8.63 -8.73
N LYS C 328 9.19 -7.41 -8.32
CA LYS C 328 7.83 -7.08 -7.92
C LYS C 328 6.88 -7.20 -9.12
N LEU C 329 7.36 -6.78 -10.29
CA LEU C 329 6.58 -6.87 -11.52
C LEU C 329 6.35 -8.32 -11.89
N VAL C 330 7.40 -9.13 -11.82
CA VAL C 330 7.28 -10.57 -12.04
C VAL C 330 6.29 -11.17 -11.05
N ALA C 331 6.31 -10.69 -9.82
CA ALA C 331 5.39 -11.16 -8.78
C ALA C 331 3.95 -10.87 -9.14
N PHE C 332 3.71 -9.68 -9.69
CA PHE C 332 2.37 -9.31 -10.12
C PHE C 332 1.85 -10.26 -11.20
N HIS C 333 2.67 -10.53 -12.20
CA HIS C 333 2.30 -11.44 -13.29
C HIS C 333 2.06 -12.85 -12.77
N LEU C 334 2.97 -13.34 -11.95
CA LEU C 334 2.82 -14.66 -11.35
C LEU C 334 1.50 -14.77 -10.58
N ALA C 335 1.22 -13.76 -9.76
CA ALA C 335 -0.03 -13.71 -8.99
C ALA C 335 -1.26 -13.72 -9.89
N MET C 336 -1.24 -12.89 -10.94
CA MET C 336 -2.34 -12.84 -11.90
C MET C 336 -2.52 -14.19 -12.58
N GLN C 337 -1.41 -14.74 -13.04
CA GLN C 337 -1.41 -16.02 -13.74
C GLN C 337 -1.91 -17.15 -12.84
N ALA C 338 -1.59 -17.08 -11.55
CA ALA C 338 -2.00 -18.12 -10.62
C ALA C 338 -3.52 -18.14 -10.45
N HIS C 339 -4.12 -16.95 -10.40
CA HIS C 339 -5.58 -16.85 -10.35
C HIS C 339 -6.17 -17.52 -11.59
N LEU C 340 -5.54 -17.27 -12.74
CA LEU C 340 -5.98 -17.85 -13.99
C LEU C 340 -5.90 -19.37 -13.95
N ILE C 341 -4.73 -19.91 -13.63
CA ILE C 341 -4.54 -21.35 -13.55
C ILE C 341 -5.55 -21.98 -12.59
N ALA C 342 -5.61 -21.46 -11.37
CA ALA C 342 -6.46 -22.00 -10.32
C ALA C 342 -7.94 -22.03 -10.69
N SER C 343 -8.39 -20.99 -11.39
CA SER C 343 -9.79 -20.92 -11.81
C SER C 343 -10.09 -22.04 -12.81
N GLU C 344 -9.13 -22.33 -13.68
CA GLU C 344 -9.29 -23.34 -14.72
C GLU C 344 -9.26 -24.75 -14.15
N GLU C 345 -8.58 -24.92 -13.01
CA GLU C 345 -8.47 -26.23 -12.37
C GLU C 345 -9.64 -26.54 -11.46
N THR C 346 -10.39 -25.51 -11.05
CA THR C 346 -11.47 -25.69 -10.10
C THR C 346 -12.84 -25.30 -10.68
N GLY C 347 -13.01 -25.50 -11.98
CA GLY C 347 -14.26 -25.17 -12.63
C GLY C 347 -15.34 -26.23 -12.50
N PHE C 348 -16.46 -26.03 -13.19
CA PHE C 348 -17.58 -26.95 -13.14
C PHE C 348 -18.25 -27.04 -14.50
N HIS C 349 -19.24 -27.91 -14.63
CA HIS C 349 -19.98 -28.04 -15.87
C HIS C 349 -21.33 -27.32 -15.81
N THR C 350 -21.71 -26.73 -16.94
CA THR C 350 -23.02 -26.12 -17.08
C THR C 350 -24.03 -27.20 -17.47
N LYS C 351 -25.31 -26.85 -17.49
CA LYS C 351 -26.33 -27.80 -17.94
C LYS C 351 -26.00 -28.28 -19.34
N GLY C 352 -25.41 -27.40 -20.15
CA GLY C 352 -25.08 -27.70 -21.52
C GLY C 352 -23.82 -28.52 -21.71
N GLY C 353 -23.20 -28.94 -20.60
CA GLY C 353 -22.01 -29.75 -20.66
C GLY C 353 -20.74 -28.95 -20.87
N ARG C 354 -20.85 -27.63 -20.81
CA ARG C 354 -19.70 -26.76 -20.98
C ARG C 354 -18.93 -26.61 -19.68
N TYR C 355 -17.61 -26.77 -19.75
CA TYR C 355 -16.76 -26.64 -18.58
C TYR C 355 -16.38 -25.19 -18.37
N LYS C 356 -16.96 -24.57 -17.34
CA LYS C 356 -16.69 -23.17 -17.03
C LYS C 356 -15.66 -23.03 -15.91
N PRO C 357 -14.76 -22.03 -16.03
CA PRO C 357 -13.77 -21.78 -14.99
C PRO C 357 -14.43 -21.33 -13.69
N ASN C 358 -13.67 -21.31 -12.60
CA ASN C 358 -14.20 -20.91 -11.29
C ASN C 358 -14.25 -19.38 -11.15
N PRO C 359 -15.47 -18.82 -11.17
CA PRO C 359 -15.72 -17.37 -11.18
C PRO C 359 -15.22 -16.66 -9.92
N LEU C 360 -15.39 -17.29 -8.77
CA LEU C 360 -14.90 -16.72 -7.51
C LEU C 360 -13.43 -16.35 -7.65
N ILE C 361 -12.66 -17.25 -8.25
CA ILE C 361 -11.22 -17.07 -8.38
C ILE C 361 -10.83 -16.08 -9.49
N TYR C 362 -11.41 -16.22 -10.68
CA TYR C 362 -11.04 -15.30 -11.76
C TYR C 362 -11.61 -13.89 -11.58
N ASP C 363 -12.69 -13.78 -10.81
CA ASP C 363 -13.23 -12.46 -10.50
C ASP C 363 -12.39 -11.73 -9.45
N PHE C 364 -11.89 -12.47 -8.46
CA PHE C 364 -10.94 -11.88 -7.52
C PHE C 364 -9.61 -11.63 -8.22
N GLY C 365 -9.33 -12.44 -9.23
CA GLY C 365 -8.19 -12.21 -10.11
C GLY C 365 -8.29 -10.85 -10.79
N ARG C 366 -9.41 -10.59 -11.45
CA ARG C 366 -9.64 -9.28 -12.06
C ARG C 366 -9.50 -8.15 -11.05
N ALA C 367 -10.12 -8.32 -9.88
CA ALA C 367 -10.04 -7.32 -8.82
C ALA C 367 -8.59 -7.02 -8.44
N HIS C 368 -7.76 -8.06 -8.35
CA HIS C 368 -6.36 -7.90 -8.01
C HIS C 368 -5.63 -7.04 -9.04
N PHE C 369 -6.02 -7.18 -10.31
CA PHE C 369 -5.45 -6.38 -11.38
C PHE C 369 -5.92 -4.93 -11.30
N LEU C 370 -7.22 -4.75 -11.08
CA LEU C 370 -7.80 -3.42 -11.04
C LEU C 370 -7.21 -2.58 -9.91
N GLN C 371 -6.91 -3.24 -8.80
CA GLN C 371 -6.37 -2.55 -7.64
C GLN C 371 -4.90 -2.15 -7.82
N ASN C 372 -4.13 -3.03 -8.45
CA ASN C 372 -2.69 -2.84 -8.53
C ASN C 372 -2.19 -2.26 -9.85
N GLN C 373 -3.10 -2.12 -10.82
CA GLN C 373 -2.70 -1.69 -12.16
C GLN C 373 -2.03 -0.32 -12.18
N MET C 374 -2.45 0.58 -11.30
CA MET C 374 -1.91 1.93 -11.27
C MET C 374 -0.48 1.93 -10.73
N SER C 375 -0.27 1.21 -9.63
CA SER C 375 1.04 1.15 -9.03
C SER C 375 2.07 0.49 -9.95
N VAL C 376 1.69 -0.62 -10.60
CA VAL C 376 2.64 -1.29 -11.48
C VAL C 376 2.90 -0.46 -12.74
N MET C 377 1.94 0.38 -13.12
CA MET C 377 2.17 1.33 -14.22
C MET C 377 3.25 2.33 -13.83
N TYR C 378 3.09 2.90 -12.64
CA TYR C 378 4.05 3.86 -12.10
C TYR C 378 5.46 3.27 -12.06
N GLU C 379 5.57 2.03 -11.59
CA GLU C 379 6.87 1.36 -11.54
C GLU C 379 7.49 1.24 -12.93
N LEU C 380 6.67 0.91 -13.93
CA LEU C 380 7.17 0.80 -15.29
C LEU C 380 7.72 2.14 -15.74
N LEU C 381 6.94 3.19 -15.51
CA LEU C 381 7.29 4.52 -15.98
C LEU C 381 8.52 5.06 -15.25
N ASP C 382 8.57 4.83 -13.94
CA ASP C 382 9.70 5.27 -13.13
C ASP C 382 10.97 4.53 -13.55
N LEU C 383 10.82 3.28 -13.95
CA LEU C 383 11.95 2.47 -14.43
C LEU C 383 12.43 2.93 -15.80
N ALA C 384 11.50 3.41 -16.62
CA ALA C 384 11.82 3.82 -17.98
C ALA C 384 12.52 5.18 -18.04
N GLY C 385 12.24 6.05 -17.08
CA GLY C 385 12.85 7.36 -17.03
C GLY C 385 12.34 8.32 -18.09
N ARG C 386 13.23 9.10 -18.67
CA ARG C 386 12.86 10.06 -19.71
C ARG C 386 12.56 9.38 -21.04
N SER C 387 12.83 8.09 -21.14
CA SER C 387 12.67 7.36 -22.39
C SER C 387 11.24 7.36 -22.90
N SER C 388 10.29 7.50 -21.99
CA SER C 388 8.88 7.48 -22.35
C SER C 388 8.34 8.89 -22.58
N LEU C 389 9.25 9.87 -22.51
CA LEU C 389 8.89 11.29 -22.62
C LEU C 389 9.75 11.98 -23.68
N MET C 390 11.05 12.05 -23.43
CA MET C 390 11.98 12.68 -24.35
C MET C 390 12.26 11.80 -25.56
N ILE C 391 11.26 11.64 -26.41
CA ILE C 391 11.40 10.78 -27.58
C ILE C 391 11.62 11.62 -28.84
N PRO C 392 12.78 11.44 -29.48
CA PRO C 392 13.09 12.16 -30.72
C PRO C 392 12.23 11.62 -31.83
N SER C 393 11.46 12.49 -32.49
CA SER C 393 10.63 12.04 -33.59
C SER C 393 11.51 11.52 -34.72
N GLU C 394 10.90 10.94 -35.73
CA GLU C 394 11.65 10.43 -36.88
C GLU C 394 12.51 11.52 -37.49
N GLY C 395 11.90 12.67 -37.78
CA GLY C 395 12.59 13.78 -38.41
C GLY C 395 13.82 14.26 -37.67
N GLN C 396 13.76 14.24 -36.34
CA GLN C 396 14.88 14.66 -35.52
C GLN C 396 16.00 13.62 -35.51
N TRP C 397 15.60 12.35 -35.54
CA TRP C 397 16.56 11.25 -35.55
C TRP C 397 17.29 11.19 -36.90
N ASP C 398 16.57 11.47 -37.98
CA ASP C 398 17.12 11.42 -39.33
C ASP C 398 17.89 12.68 -39.71
N ASP C 399 17.72 13.75 -38.93
CA ASP C 399 18.36 15.02 -39.22
C ASP C 399 19.85 14.85 -39.50
N SER C 400 20.32 15.48 -40.57
CA SER C 400 21.71 15.31 -41.03
C SER C 400 22.74 16.01 -40.15
N GLN C 401 22.36 17.16 -39.58
CA GLN C 401 23.29 17.94 -38.77
C GLN C 401 23.32 17.46 -37.33
N SER C 402 22.16 17.08 -36.80
CA SER C 402 22.01 16.83 -35.37
C SER C 402 21.68 15.39 -35.00
N GLY C 403 21.03 14.67 -35.91
CA GLY C 403 20.65 13.29 -35.68
C GLY C 403 21.66 12.51 -34.85
N GLN C 404 22.93 12.63 -35.24
CA GLN C 404 24.03 11.97 -34.54
C GLN C 404 23.93 12.11 -33.02
N TRP C 405 23.48 13.28 -32.57
CA TRP C 405 23.40 13.57 -31.13
C TRP C 405 22.36 12.71 -30.43
N PHE C 406 21.23 12.47 -31.09
CA PHE C 406 20.18 11.62 -30.54
C PHE C 406 20.66 10.17 -30.45
N VAL C 407 21.45 9.75 -31.44
CA VAL C 407 22.02 8.41 -31.44
C VAL C 407 22.95 8.23 -30.24
N LYS C 408 23.80 9.21 -29.99
CA LYS C 408 24.73 9.14 -28.86
C LYS C 408 23.95 9.24 -27.54
N LEU C 409 22.81 9.91 -27.61
CA LEU C 409 21.98 10.14 -26.44
C LEU C 409 21.29 8.85 -25.98
N ASN C 410 20.89 8.04 -26.95
CA ASN C 410 20.17 6.80 -26.66
C ASN C 410 21.07 5.56 -26.67
N ASN C 411 22.37 5.78 -26.73
CA ASN C 411 23.32 4.67 -26.68
C ASN C 411 23.47 4.15 -25.26
N GLY C 412 23.48 2.82 -25.12
CA GLY C 412 23.61 2.22 -23.81
C GLY C 412 24.57 1.05 -23.82
N PRO C 413 24.71 0.38 -22.67
CA PRO C 413 25.63 -0.74 -22.48
C PRO C 413 25.44 -1.87 -23.49
N LYS C 414 24.32 -1.85 -24.23
CA LYS C 414 24.03 -2.91 -25.19
C LYS C 414 23.96 -2.38 -26.62
N GLY C 415 24.33 -1.12 -26.81
CA GLY C 415 24.24 -0.49 -28.11
C GLY C 415 22.82 -0.41 -28.62
N ASN C 416 22.66 -0.48 -29.94
CA ASN C 416 21.35 -0.44 -30.56
C ASN C 416 20.48 0.74 -30.08
N PRO C 417 21.02 1.96 -30.21
CA PRO C 417 20.32 3.18 -29.79
C PRO C 417 18.85 3.23 -30.18
N ARG C 418 18.54 2.78 -31.39
CA ARG C 418 17.17 2.82 -31.90
C ARG C 418 16.17 2.11 -30.99
N GLU C 419 16.64 1.11 -30.25
CA GLU C 419 15.75 0.31 -29.42
C GLU C 419 15.17 1.10 -28.25
N ARG C 420 15.99 1.98 -27.66
CA ARG C 420 15.53 2.83 -26.57
C ARG C 420 14.29 3.60 -27.00
N VAL C 421 14.31 4.09 -28.24
CA VAL C 421 13.19 4.83 -28.81
C VAL C 421 11.99 3.92 -29.06
N GLN C 422 12.25 2.72 -29.58
CA GLN C 422 11.19 1.78 -29.90
C GLN C 422 10.44 1.31 -28.65
N ILE C 423 11.20 0.97 -27.61
CA ILE C 423 10.60 0.58 -26.34
C ILE C 423 9.88 1.77 -25.74
N GLY C 424 10.53 2.93 -25.78
CA GLY C 424 9.99 4.15 -25.22
C GLY C 424 8.65 4.55 -25.81
N ARG C 425 8.50 4.37 -27.12
CA ARG C 425 7.26 4.70 -27.82
C ARG C 425 6.11 3.77 -27.41
N VAL C 426 6.43 2.50 -27.22
CA VAL C 426 5.45 1.51 -26.81
C VAL C 426 4.92 1.84 -25.41
N ILE C 427 5.82 2.23 -24.53
CA ILE C 427 5.45 2.59 -23.16
C ILE C 427 4.63 3.86 -23.12
N ARG C 428 5.01 4.85 -23.92
CA ARG C 428 4.28 6.11 -23.98
C ARG C 428 2.85 5.89 -24.46
N ASP C 429 2.68 5.06 -25.48
CA ASP C 429 1.36 4.77 -26.00
C ASP C 429 0.50 4.07 -24.95
N LEU C 430 1.12 3.15 -24.23
CA LEU C 430 0.43 2.37 -23.22
C LEU C 430 -0.08 3.20 -22.05
N TYR C 431 0.74 4.13 -21.56
CA TYR C 431 0.42 4.80 -20.30
C TYR C 431 0.49 6.33 -20.32
N LEU C 432 0.95 6.91 -21.42
CA LEU C 432 1.07 8.37 -21.51
C LEU C 432 0.24 8.99 -22.64
N THR C 433 -0.80 8.28 -23.07
CA THR C 433 -1.74 8.80 -24.07
C THR C 433 -3.15 8.53 -23.59
N ASP C 434 -4.13 9.21 -24.18
CA ASP C 434 -5.53 9.00 -23.81
C ASP C 434 -6.00 7.62 -24.27
N TRP C 435 -5.52 7.19 -25.44
CA TRP C 435 -5.79 5.85 -25.94
C TRP C 435 -5.40 4.81 -24.89
N GLY C 436 -4.24 5.02 -24.26
CA GLY C 436 -3.77 4.13 -23.22
C GLY C 436 -4.58 4.24 -21.93
N GLY C 437 -4.87 5.46 -21.52
CA GLY C 437 -5.61 5.72 -20.29
C GLY C 437 -7.01 5.13 -20.30
N ARG C 438 -7.64 5.09 -21.47
CA ARG C 438 -8.92 4.42 -21.64
C ARG C 438 -8.85 2.98 -21.12
N GLN C 439 -7.68 2.36 -21.26
CA GLN C 439 -7.53 0.95 -20.90
C GLN C 439 -7.60 0.71 -19.38
N PHE C 440 -7.12 1.65 -18.59
CA PHE C 440 -7.25 1.53 -17.13
C PHE C 440 -8.40 2.38 -16.56
N MET C 441 -9.61 2.08 -17.02
CA MET C 441 -10.79 2.84 -16.63
C MET C 441 -12.01 2.13 -17.22
N PHE C 442 -12.01 1.98 -18.54
CA PHE C 442 -13.03 1.20 -19.24
C PHE C 442 -13.25 -0.14 -18.56
N GLU C 443 -12.22 -0.64 -17.88
CA GLU C 443 -12.33 -1.87 -17.12
C GLU C 443 -13.31 -1.70 -15.95
N ASN C 444 -12.92 -0.85 -14.99
CA ASN C 444 -13.77 -0.56 -13.84
C ASN C 444 -14.38 0.83 -13.87
N PHE C 445 -15.70 0.91 -13.84
CA PHE C 445 -16.42 2.18 -13.84
C PHE C 445 -17.71 2.08 -13.05
N ASN C 446 -18.03 0.86 -12.62
CA ASN C 446 -19.31 0.56 -11.98
C ASN C 446 -19.31 0.88 -10.48
N GLY C 447 -18.16 0.76 -9.84
CA GLY C 447 -18.03 1.01 -8.41
C GLY C 447 -16.65 0.69 -7.89
N THR C 448 -16.56 -0.15 -6.86
CA THR C 448 -15.27 -0.58 -6.33
C THR C 448 -15.05 -2.07 -6.57
N PRO C 449 -13.98 -2.40 -7.31
CA PRO C 449 -13.62 -3.77 -7.70
C PRO C 449 -13.81 -4.78 -6.58
N LEU C 450 -12.99 -4.70 -5.54
CA LEU C 450 -12.99 -5.70 -4.46
C LEU C 450 -14.34 -5.84 -3.77
N PHE C 451 -14.99 -4.72 -3.48
CA PHE C 451 -16.29 -4.73 -2.82
C PHE C 451 -17.39 -5.31 -3.71
N ALA C 452 -17.56 -4.72 -4.89
CA ALA C 452 -18.57 -5.17 -5.84
C ALA C 452 -18.35 -6.63 -6.23
N VAL C 453 -17.09 -7.00 -6.45
CA VAL C 453 -16.73 -8.38 -6.78
C VAL C 453 -17.15 -9.32 -5.66
N PHE C 454 -17.00 -8.86 -4.42
CA PHE C 454 -17.38 -9.68 -3.26
C PHE C 454 -18.88 -9.64 -3.01
N ALA C 455 -19.50 -8.50 -3.30
CA ALA C 455 -20.94 -8.36 -3.20
C ALA C 455 -21.61 -9.31 -4.20
N ALA C 456 -21.06 -9.37 -5.41
CA ALA C 456 -21.54 -10.28 -6.43
C ALA C 456 -21.12 -11.71 -6.10
N THR C 457 -20.11 -11.84 -5.24
CA THR C 457 -19.61 -13.13 -4.80
C THR C 457 -20.50 -13.77 -3.75
N MET C 458 -20.93 -12.98 -2.77
CA MET C 458 -21.80 -13.48 -1.72
C MET C 458 -23.05 -14.12 -2.30
N THR C 459 -23.42 -13.69 -3.50
CA THR C 459 -24.60 -14.22 -4.19
C THR C 459 -24.35 -15.61 -4.77
N ARG C 460 -23.14 -15.82 -5.28
CA ARG C 460 -22.78 -17.09 -5.90
C ARG C 460 -22.23 -18.10 -4.90
N ASP C 461 -21.44 -17.60 -3.94
CA ASP C 461 -20.87 -18.45 -2.90
C ASP C 461 -21.40 -18.04 -1.53
N ASP C 462 -21.47 -19.00 -0.61
CA ASP C 462 -21.88 -18.69 0.75
C ASP C 462 -20.69 -18.21 1.57
N MET C 463 -20.67 -16.91 1.88
CA MET C 463 -19.55 -16.33 2.59
C MET C 463 -19.92 -15.94 4.03
N SER C 464 -20.93 -16.62 4.56
CA SER C 464 -21.33 -16.42 5.94
C SER C 464 -20.59 -17.42 6.84
N ALA C 465 -20.91 -17.42 8.12
CA ALA C 465 -20.29 -18.35 9.07
C ALA C 465 -20.76 -19.78 8.85
N ALA C 466 -21.85 -19.92 8.10
CA ALA C 466 -22.36 -21.25 7.76
C ALA C 466 -21.68 -21.75 6.48
N GLY C 467 -20.94 -20.86 5.83
CA GLY C 467 -20.20 -21.19 4.62
C GLY C 467 -18.91 -21.94 4.88
N THR C 468 -18.10 -22.08 3.84
CA THR C 468 -16.89 -22.88 3.92
C THR C 468 -15.81 -22.25 4.81
N TYR C 469 -15.81 -20.93 4.91
CA TYR C 469 -14.81 -20.25 5.72
C TYR C 469 -15.11 -20.32 7.22
N GLY C 470 -16.33 -20.74 7.57
CA GLY C 470 -16.74 -20.76 8.96
C GLY C 470 -16.25 -21.98 9.71
N LYS C 471 -15.89 -23.03 8.97
CA LYS C 471 -15.55 -24.31 9.57
C LYS C 471 -14.31 -24.27 10.46
N PHE C 472 -13.17 -23.92 9.88
CA PHE C 472 -11.90 -23.96 10.59
C PHE C 472 -11.87 -23.03 11.81
N ALA C 473 -12.20 -21.77 11.61
CA ALA C 473 -12.23 -20.80 12.70
C ALA C 473 -13.18 -21.20 13.82
N SER C 474 -14.30 -21.82 13.47
CA SER C 474 -15.29 -22.23 14.46
C SER C 474 -14.73 -23.30 15.41
N GLN C 475 -14.04 -24.28 14.84
CA GLN C 475 -13.45 -25.35 15.66
C GLN C 475 -12.40 -24.77 16.57
N VAL C 476 -11.61 -23.84 16.04
CA VAL C 476 -10.54 -23.23 16.79
C VAL C 476 -11.10 -22.42 17.96
N CYS C 477 -12.24 -21.78 17.74
CA CYS C 477 -12.90 -20.98 18.78
C CYS C 477 -13.82 -21.80 19.68
N GLY C 478 -13.93 -23.10 19.41
CA GLY C 478 -14.79 -23.97 20.18
C GLY C 478 -16.27 -23.69 19.95
N ILE C 479 -16.59 -23.24 18.74
CA ILE C 479 -17.98 -22.90 18.42
C ILE C 479 -18.56 -23.90 17.44
N GLU C 480 -19.79 -24.35 17.72
CA GLU C 480 -20.44 -25.34 16.88
C GLU C 480 -20.62 -24.81 15.46
N PHE C 481 -20.28 -25.65 14.49
CA PHE C 481 -20.39 -25.27 13.08
C PHE C 481 -21.41 -26.13 12.34
N GLY C 482 -22.34 -25.47 11.65
CA GLY C 482 -23.33 -26.15 10.84
C GLY C 482 -23.64 -25.37 9.58
N MET D 1 4.12 20.17 45.04
CA MET D 1 4.13 19.10 44.05
C MET D 1 4.17 17.75 44.75
N ARG D 2 3.23 16.88 44.38
CA ARG D 2 3.13 15.56 44.99
C ARG D 2 4.37 14.70 44.72
N THR D 3 4.71 13.86 45.68
CA THR D 3 5.80 12.90 45.53
C THR D 3 5.22 11.55 45.12
N GLY D 4 6.06 10.68 44.56
CA GLY D 4 5.65 9.32 44.23
C GLY D 4 5.19 8.59 45.48
N LYS D 5 5.87 8.84 46.59
CA LYS D 5 5.54 8.25 47.89
C LYS D 5 4.10 8.54 48.30
N GLN D 6 3.71 9.82 48.23
CA GLN D 6 2.35 10.21 48.54
C GLN D 6 1.36 9.57 47.57
N TYR D 7 1.72 9.52 46.30
CA TYR D 7 0.87 8.92 45.28
C TYR D 7 0.62 7.44 45.61
N LEU D 8 1.70 6.69 45.75
CA LEU D 8 1.61 5.27 46.10
C LEU D 8 0.73 5.02 47.32
N GLU D 9 0.85 5.87 48.33
CA GLU D 9 0.04 5.75 49.54
C GLU D 9 -1.44 5.96 49.24
N SER D 10 -1.73 6.87 48.31
CA SER D 10 -3.12 7.21 47.99
C SER D 10 -3.85 6.10 47.26
N LEU D 11 -3.10 5.13 46.75
CA LEU D 11 -3.66 3.99 46.02
C LEU D 11 -4.34 3.01 46.97
N ASN D 12 -3.83 2.91 48.18
CA ASN D 12 -4.37 1.98 49.16
C ASN D 12 -5.57 2.58 49.89
N ASP D 13 -6.68 2.77 49.17
CA ASP D 13 -7.82 3.48 49.71
C ASP D 13 -9.11 2.66 49.68
N GLY D 14 -8.98 1.36 49.45
CA GLY D 14 -10.14 0.48 49.44
C GLY D 14 -10.90 0.44 48.11
N ARG D 15 -10.31 1.02 47.07
CA ARG D 15 -10.89 0.92 45.72
C ARG D 15 -11.07 -0.55 45.37
N VAL D 16 -12.12 -0.87 44.62
CA VAL D 16 -12.34 -2.25 44.19
C VAL D 16 -11.87 -2.45 42.75
N VAL D 17 -10.76 -3.16 42.60
CA VAL D 17 -10.10 -3.35 41.33
C VAL D 17 -9.82 -4.83 41.05
N TRP D 18 -10.31 -5.32 39.92
CA TRP D 18 -9.97 -6.67 39.47
C TRP D 18 -8.90 -6.61 38.40
N VAL D 19 -7.91 -7.48 38.51
CA VAL D 19 -6.99 -7.72 37.42
C VAL D 19 -7.12 -9.20 37.12
N GLY D 20 -7.78 -9.51 36.01
CA GLY D 20 -8.12 -10.89 35.71
C GLY D 20 -9.04 -11.43 36.79
N ASN D 21 -8.71 -12.61 37.31
CA ASN D 21 -9.55 -13.28 38.29
C ASN D 21 -9.41 -12.74 39.72
N GLU D 22 -8.45 -11.85 39.94
CA GLU D 22 -8.11 -11.44 41.30
C GLU D 22 -8.51 -10.02 41.67
N LYS D 23 -9.16 -9.89 42.82
CA LYS D 23 -9.39 -8.60 43.45
C LYS D 23 -8.10 -8.14 44.12
N ILE D 24 -7.62 -6.96 43.77
CA ILE D 24 -6.34 -6.43 44.24
C ILE D 24 -6.49 -5.68 45.57
N ASP D 25 -5.75 -6.11 46.58
CA ASP D 25 -5.84 -5.45 47.89
C ASP D 25 -5.14 -4.10 47.91
N ASN D 26 -3.98 -4.01 47.26
CA ASN D 26 -3.29 -2.75 47.14
C ASN D 26 -2.61 -2.63 45.78
N VAL D 27 -3.20 -1.78 44.93
CA VAL D 27 -2.67 -1.53 43.59
C VAL D 27 -1.21 -1.04 43.60
N ALA D 28 -0.85 -0.27 44.62
CA ALA D 28 0.51 0.27 44.73
C ALA D 28 1.56 -0.82 44.95
N THR D 29 1.10 -1.99 45.40
CA THR D 29 1.99 -2.99 45.97
C THR D 29 1.92 -4.34 45.27
N HIS D 30 0.76 -4.65 44.70
CA HIS D 30 0.55 -5.93 44.06
C HIS D 30 1.52 -6.16 42.90
N PRO D 31 2.05 -7.38 42.79
CA PRO D 31 2.99 -7.74 41.71
C PRO D 31 2.43 -7.45 40.33
N LEU D 32 1.11 -7.54 40.17
CA LEU D 32 0.46 -7.32 38.89
C LEU D 32 0.33 -5.84 38.52
N THR D 33 0.42 -4.95 39.51
CA THR D 33 0.11 -3.54 39.28
C THR D 33 1.19 -2.57 39.79
N ARG D 34 2.04 -3.04 40.70
CA ARG D 34 2.99 -2.18 41.39
C ARG D 34 3.97 -1.48 40.46
N ASP D 35 4.31 -2.14 39.36
CA ASP D 35 5.32 -1.60 38.45
C ASP D 35 4.81 -0.37 37.74
N TYR D 36 3.60 -0.44 37.20
CA TYR D 36 3.04 0.72 36.53
C TYR D 36 2.77 1.83 37.53
N ALA D 37 2.31 1.45 38.72
CA ALA D 37 2.10 2.41 39.80
C ALA D 37 3.38 3.19 40.07
N GLU D 38 4.50 2.48 40.07
CA GLU D 38 5.80 3.13 40.30
C GLU D 38 6.24 3.97 39.10
N ARG D 39 5.67 3.72 37.94
CA ARG D 39 5.91 4.58 36.79
C ARG D 39 5.19 5.91 37.01
N VAL D 40 3.97 5.85 37.55
CA VAL D 40 3.26 7.07 37.92
C VAL D 40 3.98 7.78 39.08
N ALA D 41 4.43 7.01 40.06
CA ALA D 41 5.25 7.55 41.14
C ALA D 41 6.49 8.23 40.57
N GLN D 42 7.10 7.59 39.57
CA GLN D 42 8.27 8.14 38.91
C GLN D 42 7.93 9.45 38.21
N PHE D 43 6.76 9.48 37.57
CA PHE D 43 6.26 10.70 36.93
C PHE D 43 6.31 11.85 37.93
N TYR D 44 5.75 11.63 39.12
CA TYR D 44 5.71 12.67 40.14
C TYR D 44 7.08 13.07 40.68
N ASP D 45 7.93 12.09 40.99
CA ASP D 45 9.24 12.35 41.56
C ASP D 45 10.12 13.13 40.59
N LEU D 46 9.91 12.90 39.31
CA LEU D 46 10.67 13.54 38.26
C LEU D 46 10.65 15.05 38.45
N HIS D 47 9.51 15.59 38.88
CA HIS D 47 9.33 17.04 39.00
C HIS D 47 10.12 17.65 40.15
N HIS D 48 10.66 16.80 41.02
CA HIS D 48 11.47 17.24 42.15
C HIS D 48 12.96 17.16 41.86
N ARG D 49 13.30 16.67 40.67
CA ARG D 49 14.69 16.63 40.21
C ARG D 49 15.24 18.04 40.03
N PRO D 50 16.30 18.38 40.80
CA PRO D 50 16.89 19.72 40.79
C PRO D 50 17.28 20.17 39.38
N ASP D 51 17.83 19.25 38.59
CA ASP D 51 18.28 19.57 37.25
C ASP D 51 17.14 19.70 36.25
N LEU D 52 15.93 19.31 36.65
CA LEU D 52 14.78 19.34 35.75
C LEU D 52 13.78 20.44 36.13
N GLN D 53 14.15 21.27 37.10
CA GLN D 53 13.26 22.29 37.62
C GLN D 53 12.74 23.25 36.55
N ASP D 54 13.58 23.57 35.58
CA ASP D 54 13.18 24.51 34.52
C ASP D 54 12.19 23.91 33.52
N VAL D 55 12.51 22.75 32.94
CA VAL D 55 11.64 22.13 31.95
C VAL D 55 10.31 21.66 32.53
N LEU D 56 10.31 21.27 33.81
CA LEU D 56 9.19 20.53 34.37
C LEU D 56 8.30 21.33 35.31
N THR D 57 8.82 22.44 35.83
CA THR D 57 8.05 23.23 36.79
C THR D 57 8.01 24.70 36.40
N PHE D 58 7.04 25.41 36.98
CA PHE D 58 6.93 26.85 36.81
C PHE D 58 6.30 27.49 38.05
N VAL D 59 6.41 28.81 38.16
CA VAL D 59 5.78 29.51 39.28
C VAL D 59 4.38 29.93 38.87
N ASP D 60 3.39 29.46 39.60
CA ASP D 60 1.99 29.73 39.30
C ASP D 60 1.64 31.18 39.64
N ALA D 61 0.43 31.60 39.26
CA ALA D 61 -0.02 32.96 39.52
C ALA D 61 -0.19 33.23 41.02
N ASP D 62 -0.38 32.17 41.79
CA ASP D 62 -0.50 32.28 43.24
C ASP D 62 0.85 32.17 43.92
N GLY D 63 1.93 32.32 43.15
CA GLY D 63 3.27 32.24 43.71
C GLY D 63 3.69 30.86 44.18
N VAL D 64 3.09 29.82 43.60
CA VAL D 64 3.41 28.44 43.96
C VAL D 64 4.11 27.70 42.84
N ARG D 65 5.24 27.07 43.13
CA ARG D 65 5.91 26.25 42.13
C ARG D 65 5.12 24.97 41.88
N ARG D 66 4.65 24.79 40.66
CA ARG D 66 3.87 23.61 40.31
C ARG D 66 4.42 22.98 39.05
N SER D 67 3.95 21.78 38.74
CA SER D 67 4.32 21.11 37.50
C SER D 67 3.80 21.89 36.30
N ARG D 68 4.56 21.88 35.21
CA ARG D 68 4.13 22.60 34.02
C ARG D 68 2.93 21.92 33.36
N GLN D 69 2.49 20.79 33.92
CA GLN D 69 1.28 20.16 33.40
C GLN D 69 0.07 21.07 33.64
N TRP D 70 0.20 21.96 34.62
CA TRP D 70 -0.89 22.86 34.99
C TRP D 70 -0.77 24.22 34.30
N GLN D 71 0.25 24.38 33.48
CA GLN D 71 0.53 25.65 32.82
C GLN D 71 -0.23 25.82 31.51
N ASP D 72 -0.71 27.04 31.24
CA ASP D 72 -1.46 27.32 30.03
C ASP D 72 -0.61 27.96 28.94
N PRO D 73 -0.61 27.36 27.73
CA PRO D 73 0.03 27.96 26.55
C PRO D 73 -0.85 29.10 26.06
N LYS D 74 -0.24 30.22 25.70
CA LYS D 74 -1.02 31.37 25.29
C LYS D 74 -0.64 31.81 23.88
N ASP D 75 0.40 31.19 23.35
CA ASP D 75 0.81 31.39 21.98
C ASP D 75 1.65 30.20 21.54
N ALA D 76 1.97 30.13 20.26
CA ALA D 76 2.72 29.01 19.70
C ALA D 76 3.99 28.71 20.51
N ALA D 77 4.75 29.75 20.83
CA ALA D 77 6.00 29.58 21.58
C ALA D 77 5.73 28.89 22.92
N GLY D 78 4.66 29.31 23.58
CA GLY D 78 4.27 28.73 24.84
C GLY D 78 3.85 27.27 24.67
N LEU D 79 3.21 26.97 23.55
CA LEU D 79 2.80 25.60 23.26
C LEU D 79 4.03 24.69 23.14
N ARG D 80 5.09 25.20 22.52
CA ARG D 80 6.31 24.42 22.37
C ARG D 80 7.01 24.17 23.70
N VAL D 81 6.83 25.09 24.65
CA VAL D 81 7.31 24.88 26.02
C VAL D 81 6.52 23.74 26.65
N LYS D 82 5.20 23.74 26.44
CA LYS D 82 4.32 22.67 26.90
C LYS D 82 4.76 21.34 26.34
N ARG D 83 4.92 21.28 25.01
CA ARG D 83 5.32 20.04 24.35
C ARG D 83 6.67 19.54 24.87
N LYS D 84 7.63 20.46 25.04
CA LYS D 84 8.93 20.10 25.58
C LYS D 84 8.80 19.49 26.97
N TYR D 85 7.83 19.99 27.73
CA TYR D 85 7.52 19.41 29.03
C TYR D 85 7.09 17.96 28.88
N HIS D 86 6.09 17.73 28.03
CA HIS D 86 5.57 16.39 27.81
C HIS D 86 6.64 15.44 27.29
N GLU D 87 7.44 15.90 26.33
CA GLU D 87 8.50 15.07 25.75
C GLU D 87 9.58 14.67 26.76
N THR D 88 9.86 15.55 27.70
CA THR D 88 10.86 15.27 28.73
C THR D 88 10.37 14.11 29.58
N ILE D 89 9.08 14.14 29.93
CA ILE D 89 8.43 13.05 30.65
C ILE D 89 8.48 11.75 29.83
N LEU D 90 8.05 11.83 28.58
CA LEU D 90 8.00 10.68 27.69
C LEU D 90 9.35 9.99 27.48
N ARG D 91 10.38 10.79 27.17
CA ARG D 91 11.70 10.24 26.91
C ARG D 91 12.28 9.56 28.17
N GLU D 92 11.81 10.00 29.34
CA GLU D 92 12.36 9.54 30.61
C GLU D 92 11.66 8.29 31.16
N ILE D 93 10.42 8.06 30.73
CA ILE D 93 9.64 6.98 31.28
C ILE D 93 9.31 5.92 30.21
N ALA D 94 9.94 4.76 30.35
CA ALA D 94 9.68 3.59 29.50
C ALA D 94 9.64 3.89 28.01
N ALA D 95 10.60 4.67 27.53
CA ALA D 95 10.70 4.94 26.09
C ALA D 95 9.41 5.49 25.49
N GLY D 96 8.71 6.34 26.26
CA GLY D 96 7.46 6.92 25.82
C GLY D 96 6.38 5.89 25.49
N SER D 97 6.30 4.83 26.29
CA SER D 97 5.37 3.74 26.02
C SER D 97 4.00 3.95 26.67
N TYR D 98 3.93 4.82 27.67
CA TYR D 98 2.68 5.01 28.41
C TYR D 98 1.89 6.20 27.90
N GLY D 99 0.61 5.98 27.65
CA GLY D 99 -0.21 6.97 26.97
C GLY D 99 -1.10 7.81 27.86
N ARG D 100 -1.25 7.41 29.12
CA ARG D 100 -2.16 8.12 30.02
C ARG D 100 -1.56 8.40 31.40
N LEU D 101 -0.32 8.87 31.43
CA LEU D 101 0.23 9.45 32.64
C LEU D 101 -0.56 10.74 32.92
N PRO D 102 -0.58 11.19 34.18
CA PRO D 102 -1.48 12.28 34.58
C PRO D 102 -1.46 13.50 33.67
N ASP D 103 -0.30 13.88 33.14
CA ASP D 103 -0.20 15.08 32.30
C ASP D 103 -0.90 14.93 30.96
N ALA D 104 -1.15 13.69 30.54
CA ALA D 104 -1.82 13.43 29.28
C ALA D 104 -3.32 13.71 29.31
N HIS D 105 -3.99 13.36 30.41
CA HIS D 105 -5.44 13.52 30.48
C HIS D 105 -5.94 14.60 31.46
N ASN D 106 -5.08 15.05 32.36
CA ASN D 106 -5.49 16.05 33.34
C ASN D 106 -5.80 17.41 32.72
N TYR D 107 -5.08 17.75 31.65
CA TYR D 107 -5.20 19.07 31.06
C TYR D 107 -6.52 19.27 30.32
N THR D 108 -7.22 18.17 30.04
CA THR D 108 -8.51 18.25 29.37
C THR D 108 -9.52 19.02 30.21
N PHE D 109 -9.29 19.08 31.52
CA PHE D 109 -10.19 19.81 32.41
C PHE D 109 -10.23 21.32 32.12
N THR D 110 -9.20 21.85 31.46
CA THR D 110 -9.21 23.26 31.10
C THR D 110 -10.38 23.58 30.15
N THR D 111 -10.91 22.56 29.48
CA THR D 111 -12.08 22.74 28.64
C THR D 111 -13.23 23.35 29.45
N TYR D 112 -13.40 22.88 30.68
CA TYR D 112 -14.41 23.44 31.58
C TYR D 112 -14.07 24.87 31.95
N ALA D 113 -12.80 25.12 32.25
CA ALA D 113 -12.35 26.46 32.62
C ALA D 113 -12.63 27.48 31.50
N ASP D 114 -12.43 27.06 30.26
CA ASP D 114 -12.64 27.93 29.11
C ASP D 114 -14.02 28.57 29.14
N ASP D 115 -15.00 27.80 29.59
CA ASP D 115 -16.37 28.29 29.73
C ASP D 115 -17.16 27.34 30.62
N PRO D 116 -17.20 27.64 31.93
CA PRO D 116 -17.85 26.82 32.96
C PRO D 116 -19.38 26.93 32.92
N GLU D 117 -19.90 28.11 32.60
CA GLU D 117 -21.34 28.36 32.69
C GLU D 117 -22.17 27.47 31.79
N VAL D 118 -21.67 27.23 30.58
CA VAL D 118 -22.42 26.49 29.57
C VAL D 118 -22.79 25.08 30.05
N TRP D 119 -21.90 24.47 30.84
CA TRP D 119 -22.14 23.13 31.36
C TRP D 119 -23.33 23.09 32.30
N GLU D 120 -23.50 24.16 33.07
CA GLU D 120 -24.65 24.27 33.95
C GLU D 120 -25.89 24.74 33.18
N LYS D 121 -25.73 25.82 32.43
CA LYS D 121 -26.83 26.41 31.66
C LYS D 121 -27.51 25.38 30.75
N GLN D 122 -26.73 24.51 30.12
CA GLN D 122 -27.27 23.55 29.16
C GLN D 122 -27.76 22.26 29.81
N SER D 123 -27.59 22.12 31.11
CA SER D 123 -28.04 20.91 31.81
C SER D 123 -29.56 20.86 31.83
N ILE D 124 -30.09 19.65 31.89
CA ILE D 124 -31.52 19.45 31.98
C ILE D 124 -31.82 18.60 33.21
N GLY D 125 -32.57 19.16 34.16
CA GLY D 125 -32.93 18.46 35.38
C GLY D 125 -31.99 18.69 36.54
N ALA D 126 -31.12 19.69 36.43
CA ALA D 126 -30.12 19.96 37.48
C ALA D 126 -30.21 21.39 37.99
N GLU D 127 -31.41 21.97 37.91
CA GLU D 127 -31.59 23.38 38.26
C GLU D 127 -31.56 23.58 39.78
N GLY D 128 -30.84 24.61 40.21
CA GLY D 128 -30.68 24.88 41.63
C GLY D 128 -29.42 24.21 42.16
N ARG D 129 -28.86 23.30 41.38
CA ARG D 129 -27.59 22.69 41.72
C ARG D 129 -26.49 23.53 41.08
N ASN D 130 -25.52 23.93 41.89
CA ASN D 130 -24.50 24.86 41.43
C ASN D 130 -23.37 24.17 40.68
N LEU D 131 -23.67 23.69 39.49
CA LEU D 131 -22.72 22.94 38.69
C LEU D 131 -21.49 23.77 38.36
N THR D 132 -21.70 25.05 38.08
CA THR D 132 -20.59 25.94 37.74
C THR D 132 -19.57 26.00 38.86
N GLN D 133 -20.05 26.13 40.09
CA GLN D 133 -19.18 26.16 41.26
C GLN D 133 -18.52 24.82 41.52
N ASN D 134 -19.21 23.74 41.17
CA ASN D 134 -18.65 22.39 41.24
C ASN D 134 -17.41 22.28 40.37
N ILE D 135 -17.49 22.83 39.17
CA ILE D 135 -16.38 22.85 38.24
C ILE D 135 -15.17 23.56 38.84
N HIS D 136 -15.37 24.80 39.28
CA HIS D 136 -14.30 25.58 39.88
C HIS D 136 -13.70 24.83 41.07
N ASN D 137 -14.57 24.27 41.90
CA ASN D 137 -14.10 23.54 43.08
C ASN D 137 -13.19 22.36 42.74
N PHE D 138 -13.56 21.58 41.73
CA PHE D 138 -12.74 20.43 41.37
C PHE D 138 -11.44 20.84 40.68
N LEU D 139 -11.51 21.80 39.76
CA LEU D 139 -10.32 22.34 39.13
C LEU D 139 -9.28 22.75 40.15
N LYS D 140 -9.74 23.40 41.22
CA LYS D 140 -8.87 23.84 42.31
C LYS D 140 -8.30 22.67 43.08
N LEU D 141 -9.15 21.68 43.35
CA LEU D 141 -8.73 20.49 44.08
C LEU D 141 -7.71 19.68 43.28
N LEU D 142 -8.06 19.41 42.03
CA LEU D 142 -7.21 18.65 41.11
C LEU D 142 -5.81 19.24 41.06
N ARG D 143 -5.75 20.55 40.92
CA ARG D 143 -4.49 21.27 40.78
C ARG D 143 -3.69 21.31 42.09
N GLU D 144 -4.34 21.74 43.16
CA GLU D 144 -3.66 21.96 44.44
C GLU D 144 -3.30 20.66 45.16
N LYS D 145 -4.10 19.61 44.98
CA LYS D 145 -3.77 18.32 45.54
C LYS D 145 -2.91 17.52 44.56
N ASP D 146 -2.74 18.04 43.35
CA ASP D 146 -1.91 17.39 42.35
C ASP D 146 -2.44 16.00 42.06
N LEU D 147 -3.75 15.91 41.83
CA LEU D 147 -4.40 14.62 41.64
C LEU D 147 -4.26 14.08 40.21
N ASN D 148 -4.51 12.77 40.07
CA ASN D 148 -4.44 12.11 38.78
C ASN D 148 -5.84 11.64 38.43
N CYS D 149 -6.40 12.17 37.34
CA CYS D 149 -7.80 11.93 37.02
C CYS D 149 -8.03 11.44 35.58
N PRO D 150 -7.84 10.14 35.35
CA PRO D 150 -8.02 9.49 34.03
C PRO D 150 -9.44 9.70 33.47
N LEU D 151 -9.53 9.79 32.16
CA LEU D 151 -10.81 9.86 31.47
C LEU D 151 -11.54 8.52 31.49
N ASN D 152 -12.83 8.57 31.78
CA ASN D 152 -13.69 7.40 31.64
C ASN D 152 -14.92 7.80 30.83
N PHE D 153 -14.74 7.90 29.51
CA PHE D 153 -15.77 8.40 28.59
C PHE D 153 -16.35 7.32 27.68
N VAL D 154 -15.57 6.28 27.41
CA VAL D 154 -15.92 5.32 26.36
C VAL D 154 -17.11 4.45 26.75
N ASP D 155 -18.05 4.30 25.81
CA ASP D 155 -19.28 3.55 26.06
C ASP D 155 -19.24 2.14 25.47
N PRO D 156 -20.10 1.25 25.96
CA PRO D 156 -20.26 -0.07 25.37
C PRO D 156 -20.68 0.03 23.91
N GLN D 157 -20.22 -0.92 23.08
CA GLN D 157 -20.72 -1.02 21.72
C GLN D 157 -22.24 -1.14 21.71
N THR D 158 -22.86 -0.68 20.63
CA THR D 158 -24.29 -0.84 20.46
C THR D 158 -24.67 -2.29 20.22
N ASP D 159 -25.67 -2.77 20.96
CA ASP D 159 -26.22 -4.10 20.73
C ASP D 159 -27.12 -4.06 19.50
N ARG D 160 -26.75 -4.83 18.48
CA ARG D 160 -27.46 -4.77 17.21
C ARG D 160 -28.57 -5.82 17.08
N SER D 161 -28.90 -6.46 18.19
CA SER D 161 -30.09 -7.30 18.24
C SER D 161 -31.31 -6.51 17.78
N SER D 162 -32.15 -7.14 16.99
CA SER D 162 -33.34 -6.50 16.43
C SER D 162 -34.22 -5.91 17.53
N ASP D 163 -34.14 -6.48 18.71
CA ASP D 163 -35.01 -6.12 19.83
C ASP D 163 -34.31 -5.29 20.90
N ALA D 164 -33.12 -4.78 20.57
CA ALA D 164 -32.33 -4.01 21.51
C ALA D 164 -33.09 -2.84 22.12
N ALA D 165 -33.88 -2.15 21.30
CA ALA D 165 -34.58 -0.95 21.73
C ALA D 165 -35.72 -1.22 22.71
N GLN D 166 -35.94 -2.49 23.03
CA GLN D 166 -37.01 -2.86 23.95
C GLN D 166 -36.49 -3.40 25.29
N ALA D 167 -35.18 -3.28 25.51
CA ALA D 167 -34.58 -3.64 26.78
C ALA D 167 -33.45 -2.68 27.12
N ARG D 168 -32.91 -2.81 28.33
CA ARG D 168 -31.84 -1.92 28.77
C ARG D 168 -30.55 -2.19 28.01
N SER D 169 -29.80 -1.13 27.74
CA SER D 169 -28.43 -1.27 27.28
C SER D 169 -27.52 -1.31 28.51
N PRO D 170 -26.24 -1.67 28.33
CA PRO D 170 -25.30 -1.68 29.46
C PRO D 170 -24.76 -0.29 29.82
N ASN D 171 -25.03 0.71 28.98
CA ASN D 171 -24.50 2.05 29.18
C ASN D 171 -24.78 2.62 30.58
N LEU D 172 -23.92 3.53 31.02
CA LEU D 172 -24.14 4.26 32.27
C LEU D 172 -25.29 5.24 32.11
N ARG D 173 -26.20 5.25 33.07
CA ARG D 173 -27.31 6.20 33.05
C ARG D 173 -27.75 6.62 34.43
N ILE D 174 -28.30 7.83 34.52
CA ILE D 174 -28.92 8.31 35.75
C ILE D 174 -30.19 7.52 35.98
N VAL D 175 -30.24 6.85 37.12
CA VAL D 175 -31.37 5.98 37.44
C VAL D 175 -32.28 6.64 38.49
N GLU D 176 -31.74 7.65 39.18
CA GLU D 176 -32.53 8.42 40.12
C GLU D 176 -31.86 9.74 40.48
N LYS D 177 -32.67 10.78 40.67
CA LYS D 177 -32.18 12.06 41.15
C LYS D 177 -32.81 12.38 42.49
N THR D 178 -31.99 12.85 43.42
CA THR D 178 -32.42 13.13 44.79
C THR D 178 -31.91 14.49 45.24
N ASP D 179 -32.26 14.88 46.46
CA ASP D 179 -31.80 16.14 47.03
C ASP D 179 -30.29 16.16 47.31
N ASP D 180 -29.69 14.97 47.41
CA ASP D 180 -28.27 14.86 47.69
C ASP D 180 -27.42 14.67 46.44
N GLY D 181 -28.00 14.15 45.37
CA GLY D 181 -27.25 13.91 44.15
C GLY D 181 -27.97 13.01 43.16
N ILE D 182 -27.19 12.21 42.44
CA ILE D 182 -27.73 11.30 41.43
C ILE D 182 -27.28 9.86 41.67
N ILE D 183 -28.15 8.90 41.37
CA ILE D 183 -27.76 7.51 41.40
C ILE D 183 -27.52 7.02 39.97
N VAL D 184 -26.45 6.27 39.79
CA VAL D 184 -25.95 5.97 38.47
C VAL D 184 -25.67 4.47 38.33
N ASN D 185 -26.12 3.89 37.23
CA ASN D 185 -26.02 2.44 37.04
C ASN D 185 -25.63 2.12 35.60
N GLY D 186 -24.62 1.26 35.43
CA GLY D 186 -24.18 0.91 34.10
C GLY D 186 -22.67 0.80 33.95
N VAL D 187 -22.21 0.87 32.70
CA VAL D 187 -20.81 0.56 32.37
C VAL D 187 -20.12 1.64 31.54
N LYS D 188 -18.87 1.95 31.88
CA LYS D 188 -17.97 2.64 30.96
C LYS D 188 -16.94 1.63 30.47
N ALA D 189 -16.69 1.61 29.17
CA ALA D 189 -15.78 0.63 28.58
C ALA D 189 -14.39 1.18 28.29
N VAL D 190 -13.46 0.28 27.98
CA VAL D 190 -12.09 0.61 27.58
C VAL D 190 -11.54 1.89 28.22
N GLY D 191 -11.56 1.95 29.54
CA GLY D 191 -10.91 3.04 30.26
C GLY D 191 -9.45 2.71 30.49
N THR D 192 -8.56 3.69 30.30
CA THR D 192 -7.14 3.46 30.48
C THR D 192 -6.60 4.11 31.76
N GLY D 193 -5.93 3.33 32.59
CA GLY D 193 -5.34 3.84 33.80
C GLY D 193 -6.32 4.22 34.90
N ILE D 194 -7.55 3.73 34.78
CA ILE D 194 -8.59 4.00 35.78
C ILE D 194 -8.18 3.53 37.18
N ALA D 195 -7.61 2.32 37.26
CA ALA D 195 -7.26 1.71 38.53
C ALA D 195 -6.17 2.49 39.26
N PHE D 196 -5.49 3.36 38.52
CA PHE D 196 -4.34 4.08 39.06
C PHE D 196 -4.63 5.57 39.28
N GLY D 197 -5.89 5.98 39.16
CA GLY D 197 -6.25 7.38 39.39
C GLY D 197 -6.71 7.65 40.81
N ASP D 198 -6.73 8.93 41.19
CA ASP D 198 -7.34 9.33 42.45
C ASP D 198 -8.84 9.49 42.21
N TYR D 199 -9.17 10.11 41.09
CA TYR D 199 -10.55 10.31 40.66
C TYR D 199 -10.71 9.73 39.25
N MET D 200 -11.94 9.56 38.81
CA MET D 200 -12.16 9.27 37.40
C MET D 200 -12.98 10.39 36.77
N HIS D 201 -12.64 10.74 35.53
CA HIS D 201 -13.31 11.80 34.79
C HIS D 201 -14.45 11.19 33.98
N ILE D 202 -15.66 11.21 34.54
CA ILE D 202 -16.80 10.61 33.87
C ILE D 202 -17.40 11.54 32.82
N GLY D 203 -17.67 10.99 31.65
CA GLY D 203 -18.25 11.76 30.56
C GLY D 203 -18.71 10.87 29.43
N CYS D 204 -19.18 11.48 28.35
CA CYS D 204 -19.68 10.73 27.22
C CYS D 204 -19.43 11.48 25.92
N LEU D 205 -19.39 10.75 24.82
CA LEU D 205 -19.36 11.34 23.50
C LEU D 205 -20.72 11.15 22.86
N TYR D 206 -21.16 12.13 22.07
CA TYR D 206 -22.46 12.04 21.43
C TYR D 206 -22.57 10.84 20.48
N ARG D 207 -23.77 10.30 20.37
CA ARG D 207 -24.08 9.29 19.36
C ARG D 207 -25.53 9.54 18.99
N PRO D 208 -25.90 9.24 17.74
CA PRO D 208 -27.29 9.41 17.37
C PRO D 208 -28.22 8.65 18.32
N GLY D 209 -29.25 9.35 18.81
CA GLY D 209 -30.24 8.73 19.68
C GLY D 209 -29.84 8.54 21.12
N ILE D 210 -28.69 9.08 21.53
CA ILE D 210 -28.27 8.97 22.93
C ILE D 210 -29.25 9.71 23.84
N PRO D 211 -29.82 9.01 24.83
CA PRO D 211 -30.87 9.55 25.69
C PRO D 211 -30.30 10.51 26.71
N GLY D 212 -31.11 11.46 27.16
CA GLY D 212 -30.66 12.47 28.11
C GLY D 212 -30.03 11.91 29.38
N GLU D 213 -30.58 10.82 29.88
CA GLU D 213 -30.14 10.28 31.18
C GLU D 213 -28.78 9.58 31.11
N GLN D 214 -28.27 9.38 29.89
CA GLN D 214 -26.93 8.83 29.70
C GLN D 214 -25.87 9.92 29.57
N VAL D 215 -26.32 11.18 29.50
CA VAL D 215 -25.40 12.30 29.34
C VAL D 215 -24.98 12.81 30.70
N ILE D 216 -23.80 12.37 31.15
CA ILE D 216 -23.32 12.64 32.49
C ILE D 216 -21.88 13.11 32.47
N PHE D 217 -21.61 14.25 33.10
CA PHE D 217 -20.24 14.71 33.26
C PHE D 217 -19.95 14.96 34.73
N ALA D 218 -18.93 14.28 35.25
CA ALA D 218 -18.60 14.34 36.67
C ALA D 218 -17.20 13.84 36.91
N ALA D 219 -16.69 14.10 38.12
CA ALA D 219 -15.43 13.54 38.56
C ALA D 219 -15.63 12.96 39.96
N ILE D 220 -15.42 11.65 40.09
CA ILE D 220 -15.64 11.01 41.37
C ILE D 220 -14.43 10.20 41.80
N PRO D 221 -14.24 10.07 43.12
CA PRO D 221 -13.14 9.27 43.67
C PRO D 221 -13.21 7.84 43.15
N THR D 222 -12.06 7.31 42.76
CA THR D 222 -11.98 5.95 42.24
C THR D 222 -12.57 4.92 43.20
N ASN D 223 -12.47 5.19 44.51
CA ASN D 223 -12.97 4.26 45.52
C ASN D 223 -14.39 4.57 45.98
N THR D 224 -15.17 5.23 45.14
CA THR D 224 -16.57 5.47 45.45
C THR D 224 -17.29 4.14 45.54
N PRO D 225 -18.06 3.94 46.62
CA PRO D 225 -18.82 2.69 46.81
C PRO D 225 -19.70 2.38 45.61
N GLY D 226 -19.62 1.14 45.12
CA GLY D 226 -20.41 0.71 43.99
C GLY D 226 -19.61 0.68 42.70
N VAL D 227 -18.41 1.25 42.74
CA VAL D 227 -17.52 1.24 41.58
C VAL D 227 -16.59 0.03 41.62
N THR D 228 -16.65 -0.78 40.57
CA THR D 228 -15.71 -1.88 40.39
C THR D 228 -14.96 -1.70 39.08
N VAL D 229 -13.64 -1.63 39.16
CA VAL D 229 -12.80 -1.50 37.98
C VAL D 229 -12.32 -2.88 37.55
N PHE D 230 -12.86 -3.37 36.44
CA PHE D 230 -12.46 -4.67 35.90
C PHE D 230 -11.37 -4.52 34.86
N CYS D 231 -10.12 -4.80 35.25
CA CYS D 231 -9.00 -4.70 34.33
C CYS D 231 -8.78 -5.97 33.52
N ARG D 232 -8.22 -5.82 32.33
CA ARG D 232 -7.71 -6.95 31.56
C ARG D 232 -6.53 -7.54 32.31
N GLU D 233 -6.13 -8.76 31.97
CA GLU D 233 -5.00 -9.39 32.66
C GLU D 233 -3.70 -8.61 32.41
N SER D 234 -2.83 -8.59 33.40
CA SER D 234 -1.60 -7.82 33.32
C SER D 234 -0.52 -8.56 32.54
N THR D 235 0.13 -7.85 31.62
CA THR D 235 1.18 -8.44 30.77
C THR D 235 2.58 -8.06 31.22
N VAL D 236 2.71 -7.55 32.44
CA VAL D 236 4.01 -7.14 32.94
C VAL D 236 4.98 -8.33 33.07
N LYS D 237 6.22 -8.13 32.64
CA LYS D 237 7.27 -9.15 32.74
C LYS D 237 8.04 -9.03 34.06
N ASN D 238 8.61 -10.14 34.52
CA ASN D 238 9.26 -10.17 35.84
C ASN D 238 10.77 -10.02 35.77
N ASP D 239 11.34 -10.23 34.58
CA ASP D 239 12.78 -10.23 34.41
C ASP D 239 13.27 -9.01 33.63
N PRO D 240 13.71 -7.97 34.36
CA PRO D 240 14.17 -6.71 33.77
C PRO D 240 15.43 -6.90 32.93
N ALA D 241 16.22 -7.92 33.26
CA ALA D 241 17.43 -8.21 32.52
C ALA D 241 17.10 -8.65 31.09
N GLU D 242 16.06 -9.46 30.95
CA GLU D 242 15.65 -9.98 29.66
C GLU D 242 14.62 -9.08 28.99
N HIS D 243 13.89 -8.31 29.80
CA HIS D 243 12.83 -7.45 29.29
C HIS D 243 12.91 -6.06 29.90
N PRO D 244 13.72 -5.20 29.28
CA PRO D 244 14.05 -3.86 29.79
C PRO D 244 12.85 -2.92 29.81
N LEU D 245 11.89 -3.15 28.91
CA LEU D 245 10.73 -2.29 28.81
C LEU D 245 9.47 -2.94 29.39
N ALA D 246 9.18 -4.17 28.98
CA ALA D 246 7.96 -4.86 29.39
C ALA D 246 7.91 -5.19 30.88
N SER D 247 9.05 -5.03 31.56
CA SER D 247 9.12 -5.32 32.98
C SER D 247 8.85 -4.07 33.80
N GLN D 248 8.62 -2.95 33.11
CA GLN D 248 8.53 -1.66 33.77
C GLN D 248 7.11 -1.28 34.19
N GLY D 249 6.13 -2.03 33.70
CA GLY D 249 4.77 -1.80 34.13
C GLY D 249 3.77 -1.88 33.00
N ASP D 250 2.60 -2.42 33.31
CA ASP D 250 1.52 -2.53 32.34
C ASP D 250 0.43 -1.48 32.60
N GLU D 251 0.26 -0.57 31.65
CA GLU D 251 -0.78 0.46 31.72
C GLU D 251 -2.15 -0.16 31.47
N LEU D 252 -2.76 -0.70 32.52
CA LEU D 252 -3.99 -1.48 32.37
C LEU D 252 -5.16 -0.72 31.75
N ASP D 253 -6.00 -1.46 31.06
CA ASP D 253 -7.24 -0.92 30.52
C ASP D 253 -8.38 -1.62 31.22
N SER D 254 -9.49 -0.92 31.39
CA SER D 254 -10.55 -1.38 32.29
C SER D 254 -11.95 -1.32 31.70
N THR D 255 -12.84 -2.10 32.28
CA THR D 255 -14.28 -1.95 32.11
C THR D 255 -14.80 -1.57 33.49
N THR D 256 -15.36 -0.36 33.61
CA THR D 256 -15.80 0.12 34.91
C THR D 256 -17.29 -0.10 35.10
N VAL D 257 -17.63 -0.86 36.15
CA VAL D 257 -19.03 -1.13 36.47
C VAL D 257 -19.51 -0.21 37.58
N PHE D 258 -20.68 0.39 37.37
CA PHE D 258 -21.30 1.22 38.39
C PHE D 258 -22.56 0.53 38.87
N ASP D 259 -22.49 -0.09 40.05
CA ASP D 259 -23.65 -0.72 40.65
C ASP D 259 -24.41 0.27 41.53
N ASN D 260 -25.36 0.99 40.93
CA ASN D 260 -26.14 1.99 41.65
C ASN D 260 -25.27 2.94 42.49
N VAL D 261 -24.30 3.54 41.83
CA VAL D 261 -23.35 4.44 42.48
C VAL D 261 -23.97 5.80 42.79
N PHE D 262 -23.88 6.21 44.04
CA PHE D 262 -24.35 7.54 44.43
C PHE D 262 -23.28 8.60 44.16
N ILE D 263 -23.66 9.62 43.41
CA ILE D 263 -22.76 10.74 43.15
C ILE D 263 -23.38 12.02 43.69
N PRO D 264 -22.72 12.65 44.67
CA PRO D 264 -23.23 13.89 45.26
C PRO D 264 -23.33 14.98 44.20
N TRP D 265 -24.32 15.86 44.31
CA TRP D 265 -24.44 16.98 43.39
C TRP D 265 -23.11 17.72 43.21
N GLU D 266 -22.32 17.81 44.28
CA GLU D 266 -21.07 18.58 44.28
C GLU D 266 -20.02 18.04 43.31
N GLN D 267 -20.19 16.81 42.85
CA GLN D 267 -19.22 16.20 41.94
C GLN D 267 -19.71 16.20 40.50
N VAL D 268 -20.85 16.85 40.25
CA VAL D 268 -21.48 16.84 38.94
C VAL D 268 -21.22 18.14 38.16
N PHE D 269 -20.88 17.99 36.88
CA PHE D 269 -20.61 19.15 36.02
C PHE D 269 -21.76 19.43 35.04
N HIS D 270 -22.39 18.37 34.56
CA HIS D 270 -23.49 18.49 33.60
C HIS D 270 -24.29 17.19 33.50
N ILE D 271 -25.62 17.31 33.41
CA ILE D 271 -26.46 16.15 33.10
C ILE D 271 -27.56 16.49 32.09
N GLY D 272 -27.95 15.49 31.30
CA GLY D 272 -29.23 15.53 30.60
C GLY D 272 -29.34 16.05 29.18
N ASN D 273 -28.33 16.73 28.66
CA ASN D 273 -28.47 17.35 27.34
C ASN D 273 -27.61 16.73 26.24
N PRO D 274 -28.23 15.88 25.40
CA PRO D 274 -27.57 15.26 24.24
C PRO D 274 -26.99 16.29 23.27
N GLU D 275 -27.71 17.38 23.02
CA GLU D 275 -27.24 18.44 22.13
C GLU D 275 -25.88 19.00 22.59
N HIS D 276 -25.71 19.10 23.90
CA HIS D 276 -24.49 19.61 24.49
C HIS D 276 -23.35 18.61 24.26
N ALA D 277 -23.70 17.33 24.23
CA ALA D 277 -22.72 16.27 24.07
C ALA D 277 -22.13 16.18 22.65
N LYS D 278 -22.58 17.08 21.78
CA LYS D 278 -22.11 17.09 20.39
C LYS D 278 -20.71 17.69 20.22
N LEU D 279 -20.57 18.97 20.49
CA LEU D 279 -19.29 19.65 20.28
C LEU D 279 -18.38 19.63 21.51
N TYR D 280 -18.96 19.69 22.70
CA TYR D 280 -18.18 19.89 23.91
C TYR D 280 -17.29 18.71 24.34
N PRO D 281 -17.84 17.49 24.33
CA PRO D 281 -16.98 16.34 24.64
C PRO D 281 -15.81 16.22 23.67
N GLN D 282 -15.99 16.71 22.44
CA GLN D 282 -14.91 16.70 21.47
C GLN D 282 -13.81 17.67 21.88
N ARG D 283 -14.22 18.79 22.46
CA ARG D 283 -13.27 19.77 22.97
C ARG D 283 -12.44 19.20 24.12
N ILE D 284 -13.07 18.36 24.94
CA ILE D 284 -12.39 17.71 26.04
C ILE D 284 -11.30 16.77 25.56
N PHE D 285 -11.56 16.07 24.47
CA PHE D 285 -10.59 15.13 23.93
C PHE D 285 -9.46 15.78 23.13
N ASP D 286 -9.65 17.03 22.73
CA ASP D 286 -8.66 17.77 21.94
C ASP D 286 -7.26 17.66 22.54
N TRP D 287 -7.12 18.05 23.79
CA TRP D 287 -5.80 18.12 24.40
C TRP D 287 -5.13 16.76 24.56
N VAL D 288 -5.93 15.72 24.81
CA VAL D 288 -5.36 14.39 24.95
C VAL D 288 -4.98 13.85 23.57
N HIS D 289 -5.79 14.16 22.57
CA HIS D 289 -5.49 13.81 21.19
C HIS D 289 -4.16 14.43 20.76
N TYR D 290 -3.93 15.67 21.17
CA TYR D 290 -2.69 16.37 20.84
C TYR D 290 -1.48 15.74 21.53
N HIS D 291 -1.69 15.26 22.75
CA HIS D 291 -0.62 14.59 23.49
C HIS D 291 -0.25 13.25 22.87
N ILE D 292 -1.25 12.50 22.42
CA ILE D 292 -1.03 11.26 21.71
C ILE D 292 -0.11 11.46 20.48
N LEU D 293 -0.38 12.51 19.72
CA LEU D 293 0.45 12.82 18.57
C LEU D 293 1.90 13.10 18.98
N ILE D 294 2.07 13.79 20.10
CA ILE D 294 3.41 14.08 20.60
C ILE D 294 4.13 12.76 20.88
N ARG D 295 3.41 11.84 21.53
CA ARG D 295 3.96 10.53 21.85
C ARG D 295 4.23 9.72 20.58
N GLN D 296 3.33 9.82 19.61
CA GLN D 296 3.50 9.11 18.34
C GLN D 296 4.74 9.58 17.57
N VAL D 297 5.01 10.88 17.62
CA VAL D 297 6.19 11.42 16.95
C VAL D 297 7.49 10.91 17.60
N LEU D 298 7.50 10.84 18.92
CA LEU D 298 8.65 10.26 19.62
C LEU D 298 8.85 8.80 19.25
N ARG D 299 7.75 8.05 19.16
CA ARG D 299 7.83 6.63 18.82
C ARG D 299 8.39 6.42 17.41
N ALA D 300 7.92 7.22 16.46
CA ALA D 300 8.48 7.21 15.12
C ALA D 300 9.99 7.52 15.17
N GLU D 301 10.36 8.45 16.04
CA GLU D 301 11.78 8.80 16.22
C GLU D 301 12.57 7.62 16.80
N LEU D 302 11.97 6.92 17.76
CA LEU D 302 12.60 5.76 18.37
C LEU D 302 12.80 4.65 17.34
N ILE D 303 11.79 4.42 16.52
CA ILE D 303 11.83 3.37 15.52
C ILE D 303 12.98 3.56 14.52
N VAL D 304 13.16 4.80 14.05
CA VAL D 304 14.24 5.10 13.12
C VAL D 304 15.59 4.87 13.78
N GLY D 305 15.72 5.30 15.04
CA GLY D 305 16.95 5.10 15.79
C GLY D 305 17.32 3.63 15.91
N LEU D 306 16.35 2.81 16.33
CA LEU D 306 16.58 1.38 16.45
C LEU D 306 16.97 0.76 15.11
N ALA D 307 16.32 1.20 14.04
CA ALA D 307 16.63 0.72 12.70
C ALA D 307 18.09 1.03 12.33
N ILE D 308 18.51 2.27 12.60
CA ILE D 308 19.86 2.67 12.28
C ILE D 308 20.87 1.90 13.11
N LEU D 309 20.61 1.81 14.42
CA LEU D 309 21.48 1.07 15.34
C LEU D 309 21.70 -0.37 14.92
N ILE D 310 20.61 -1.13 14.83
CA ILE D 310 20.72 -2.56 14.57
C ILE D 310 21.27 -2.81 13.17
N THR D 311 20.97 -1.89 12.26
CA THR D 311 21.38 -2.04 10.88
C THR D 311 22.88 -1.77 10.72
N GLU D 312 23.40 -0.83 11.50
CA GLU D 312 24.84 -0.53 11.49
C GLU D 312 25.65 -1.57 12.25
N HIS D 313 25.06 -2.12 13.30
CA HIS D 313 25.74 -3.13 14.11
C HIS D 313 25.95 -4.45 13.34
N ILE D 314 24.92 -4.88 12.62
CA ILE D 314 25.00 -6.09 11.80
C ILE D 314 25.91 -5.89 10.59
N GLY D 315 25.90 -4.68 10.03
CA GLY D 315 26.73 -4.36 8.88
C GLY D 315 25.98 -4.38 7.56
N THR D 316 24.67 -4.17 7.63
CA THR D 316 23.84 -4.18 6.43
C THR D 316 23.43 -2.76 6.05
N SER D 317 23.80 -1.80 6.88
CA SER D 317 23.45 -0.38 6.69
C SER D 317 23.93 0.17 5.35
N LYS D 318 24.97 -0.44 4.80
CA LYS D 318 25.60 0.03 3.56
C LYS D 318 24.84 -0.38 2.31
N LEU D 319 24.17 -1.54 2.37
CA LEU D 319 23.36 -2.02 1.25
C LEU D 319 22.32 -1.00 0.83
N PRO D 320 22.24 -0.72 -0.48
CA PRO D 320 21.29 0.28 -1.00
C PRO D 320 19.83 -0.10 -0.71
N THR D 321 19.47 -1.37 -0.82
CA THR D 321 18.10 -1.79 -0.52
C THR D 321 17.78 -1.53 0.95
N VAL D 322 18.79 -1.67 1.81
CA VAL D 322 18.59 -1.46 3.23
C VAL D 322 18.51 0.03 3.56
N SER D 323 19.36 0.82 2.93
CA SER D 323 19.35 2.26 3.12
C SER D 323 18.02 2.87 2.71
N ALA D 324 17.45 2.36 1.63
CA ALA D 324 16.17 2.84 1.12
C ALA D 324 15.04 2.56 2.12
N ARG D 325 15.13 1.43 2.81
CA ARG D 325 14.12 1.06 3.79
C ARG D 325 14.23 1.92 5.05
N VAL D 326 15.45 2.21 5.47
CA VAL D 326 15.67 3.10 6.60
C VAL D 326 15.17 4.50 6.26
N ALA D 327 15.35 4.89 5.00
CA ALA D 327 14.93 6.20 4.51
C ALA D 327 13.42 6.36 4.60
N LYS D 328 12.69 5.30 4.26
CA LYS D 328 11.24 5.33 4.29
C LYS D 328 10.72 5.35 5.73
N LEU D 329 11.57 4.94 6.67
CA LEU D 329 11.26 5.07 8.09
C LEU D 329 11.49 6.51 8.50
N VAL D 330 12.56 7.10 7.98
CA VAL D 330 12.81 8.52 8.20
C VAL D 330 11.63 9.33 7.65
N ALA D 331 11.15 8.93 6.48
CA ALA D 331 9.98 9.55 5.86
C ALA D 331 8.78 9.55 6.81
N PHE D 332 8.54 8.41 7.43
CA PHE D 332 7.41 8.26 8.35
C PHE D 332 7.51 9.24 9.52
N HIS D 333 8.67 9.26 10.18
CA HIS D 333 8.88 10.20 11.27
C HIS D 333 8.66 11.65 10.83
N LEU D 334 9.24 11.99 9.69
CA LEU D 334 9.16 13.33 9.14
C LEU D 334 7.71 13.72 8.83
N ALA D 335 6.92 12.74 8.42
CA ALA D 335 5.51 12.99 8.12
C ALA D 335 4.71 13.18 9.41
N MET D 336 5.03 12.38 10.42
CA MET D 336 4.39 12.52 11.72
C MET D 336 4.74 13.89 12.29
N GLN D 337 6.03 14.19 12.30
CA GLN D 337 6.52 15.45 12.83
C GLN D 337 5.94 16.65 12.10
N ALA D 338 5.82 16.54 10.78
CA ALA D 338 5.24 17.63 9.98
C ALA D 338 3.81 17.94 10.42
N HIS D 339 3.01 16.91 10.66
CA HIS D 339 1.66 17.09 11.19
C HIS D 339 1.69 17.81 12.53
N LEU D 340 2.60 17.38 13.40
CA LEU D 340 2.74 17.99 14.72
C LEU D 340 3.05 19.48 14.61
N ILE D 341 4.07 19.81 13.81
CA ILE D 341 4.52 21.18 13.69
C ILE D 341 3.51 22.08 12.97
N ALA D 342 2.87 21.55 11.94
CA ALA D 342 1.85 22.30 11.20
C ALA D 342 0.63 22.63 12.05
N SER D 343 0.26 21.72 12.96
CA SER D 343 -0.90 21.92 13.81
C SER D 343 -0.61 22.98 14.86
N GLU D 344 0.65 23.03 15.29
CA GLU D 344 1.09 24.02 16.27
C GLU D 344 1.18 25.43 15.68
N GLU D 345 1.41 25.51 14.37
CA GLU D 345 1.52 26.80 13.71
C GLU D 345 0.18 27.39 13.26
N THR D 346 -0.84 26.54 13.14
CA THR D 346 -2.15 26.99 12.67
C THR D 346 -3.22 26.84 13.74
N GLY D 347 -2.84 27.03 14.99
CA GLY D 347 -3.76 26.89 16.11
C GLY D 347 -4.68 28.09 16.26
N PHE D 348 -5.51 28.05 17.30
CA PHE D 348 -6.45 29.12 17.61
C PHE D 348 -6.55 29.26 19.11
N HIS D 349 -7.23 30.31 19.58
CA HIS D 349 -7.40 30.55 21.01
C HIS D 349 -8.81 30.19 21.48
N THR D 350 -8.87 29.56 22.65
CA THR D 350 -10.15 29.30 23.32
C THR D 350 -10.66 30.57 23.97
N LYS D 351 -11.85 30.49 24.55
CA LYS D 351 -12.43 31.63 25.25
C LYS D 351 -11.59 32.03 26.46
N GLY D 352 -10.84 31.07 27.00
CA GLY D 352 -9.98 31.30 28.14
C GLY D 352 -8.60 31.81 27.77
N GLY D 353 -8.39 32.11 26.49
CA GLY D 353 -7.13 32.65 26.04
C GLY D 353 -6.06 31.59 25.84
N ARG D 354 -6.46 30.33 25.88
CA ARG D 354 -5.53 29.21 25.71
C ARG D 354 -5.31 28.88 24.24
N TYR D 355 -4.05 28.72 23.86
CA TYR D 355 -3.70 28.45 22.47
C TYR D 355 -3.73 26.95 22.15
N LYS D 356 -4.71 26.54 21.37
CA LYS D 356 -4.86 25.14 20.96
C LYS D 356 -4.27 24.91 19.57
N PRO D 357 -3.58 23.77 19.39
CA PRO D 357 -3.10 23.38 18.06
C PRO D 357 -4.27 23.06 17.12
N ASN D 358 -4.01 22.97 15.83
CA ASN D 358 -5.06 22.69 14.86
C ASN D 358 -5.50 21.23 14.87
N PRO D 359 -6.73 20.96 15.35
CA PRO D 359 -7.26 19.60 15.53
C PRO D 359 -7.42 18.84 14.21
N LEU D 360 -7.71 19.55 13.13
CA LEU D 360 -7.86 18.94 11.82
C LEU D 360 -6.55 18.24 11.46
N ILE D 361 -5.45 18.94 11.68
CA ILE D 361 -4.14 18.47 11.25
C ILE D 361 -3.57 17.41 12.18
N TYR D 362 -3.59 17.67 13.49
CA TYR D 362 -3.05 16.68 14.43
C TYR D 362 -3.90 15.41 14.53
N ASP D 363 -5.20 15.53 14.27
CA ASP D 363 -6.05 14.34 14.28
C ASP D 363 -5.86 13.47 13.03
N PHE D 364 -5.61 14.10 11.89
CA PHE D 364 -5.27 13.33 10.69
C PHE D 364 -3.84 12.79 10.83
N GLY D 365 -3.02 13.48 11.60
CA GLY D 365 -1.69 12.99 11.94
C GLY D 365 -1.77 11.71 12.75
N ARG D 366 -2.68 11.66 13.72
CA ARG D 366 -2.90 10.46 14.50
C ARG D 366 -3.34 9.30 13.61
N ALA D 367 -4.28 9.59 12.72
CA ALA D 367 -4.81 8.58 11.81
C ALA D 367 -3.73 8.04 10.88
N HIS D 368 -2.75 8.87 10.56
CA HIS D 368 -1.65 8.43 9.72
C HIS D 368 -0.80 7.41 10.46
N PHE D 369 -0.57 7.66 11.75
CA PHE D 369 0.22 6.75 12.56
C PHE D 369 -0.50 5.42 12.75
N LEU D 370 -1.77 5.49 13.13
CA LEU D 370 -2.54 4.30 13.45
C LEU D 370 -2.65 3.36 12.25
N GLN D 371 -2.77 3.93 11.06
CA GLN D 371 -2.90 3.14 9.85
C GLN D 371 -1.58 2.54 9.37
N ASN D 372 -0.47 3.13 9.81
CA ASN D 372 0.83 2.70 9.32
C ASN D 372 1.71 1.99 10.35
N GLN D 373 1.36 2.08 11.63
CA GLN D 373 2.25 1.61 12.68
C GLN D 373 2.65 0.14 12.57
N MET D 374 1.75 -0.72 12.11
CA MET D 374 2.07 -2.14 11.98
C MET D 374 3.02 -2.39 10.81
N SER D 375 2.74 -1.76 9.68
CA SER D 375 3.63 -1.84 8.52
C SER D 375 5.02 -1.32 8.87
N VAL D 376 5.08 -0.23 9.62
CA VAL D 376 6.35 0.35 10.02
C VAL D 376 7.15 -0.57 10.95
N MET D 377 6.49 -1.17 11.93
CA MET D 377 7.19 -2.02 12.88
C MET D 377 7.65 -3.32 12.23
N TYR D 378 6.93 -3.75 11.20
CA TYR D 378 7.33 -4.93 10.44
C TYR D 378 8.64 -4.68 9.70
N GLU D 379 8.81 -3.46 9.20
CA GLU D 379 10.07 -3.05 8.58
C GLU D 379 11.20 -3.12 9.58
N LEU D 380 10.94 -2.65 10.80
CA LEU D 380 11.95 -2.68 11.84
C LEU D 380 12.28 -4.13 12.20
N LEU D 381 11.26 -4.97 12.31
CA LEU D 381 11.47 -6.38 12.64
C LEU D 381 12.23 -7.08 11.53
N ASP D 382 11.93 -6.70 10.30
CA ASP D 382 12.59 -7.29 9.14
C ASP D 382 14.05 -6.86 9.08
N LEU D 383 14.34 -5.62 9.46
CA LEU D 383 15.70 -5.12 9.42
C LEU D 383 16.55 -5.70 10.56
N ALA D 384 15.92 -6.00 11.67
CA ALA D 384 16.62 -6.56 12.84
C ALA D 384 16.94 -8.03 12.65
N GLY D 385 16.14 -8.71 11.83
CA GLY D 385 16.34 -10.13 11.57
C GLY D 385 16.30 -10.95 12.84
N ARG D 386 17.19 -11.94 12.93
CA ARG D 386 17.19 -12.90 14.03
C ARG D 386 17.47 -12.28 15.39
N SER D 387 17.91 -11.02 15.42
CA SER D 387 18.35 -10.40 16.65
C SER D 387 17.21 -10.03 17.60
N SER D 388 16.00 -9.98 17.05
CA SER D 388 14.81 -9.74 17.88
C SER D 388 14.16 -11.06 18.31
N LEU D 389 14.75 -12.17 17.86
CA LEU D 389 14.22 -13.49 18.20
C LEU D 389 15.22 -14.33 18.97
N MET D 390 16.36 -14.62 18.34
CA MET D 390 17.38 -15.46 18.95
C MET D 390 18.24 -14.66 19.92
N ILE D 391 17.66 -14.27 21.04
CA ILE D 391 18.36 -13.46 22.02
C ILE D 391 18.90 -14.33 23.15
N PRO D 392 20.23 -14.34 23.32
CA PRO D 392 20.84 -15.06 24.44
C PRO D 392 20.37 -14.46 25.75
N SER D 393 19.96 -15.31 26.69
CA SER D 393 19.61 -14.83 28.02
C SER D 393 20.89 -14.55 28.80
N GLU D 394 20.77 -13.81 29.89
CA GLU D 394 21.92 -13.44 30.71
C GLU D 394 22.77 -14.68 31.08
N GLY D 395 22.09 -15.70 31.59
CA GLY D 395 22.75 -16.93 32.01
C GLY D 395 23.49 -17.66 30.89
N GLN D 396 22.98 -17.57 29.67
CA GLN D 396 23.63 -18.21 28.53
C GLN D 396 24.85 -17.42 28.11
N TRP D 397 24.73 -16.10 28.19
CA TRP D 397 25.81 -15.20 27.81
C TRP D 397 26.98 -15.29 28.78
N ASP D 398 26.66 -15.51 30.05
CA ASP D 398 27.67 -15.56 31.11
C ASP D 398 28.26 -16.95 31.31
N ASP D 399 27.62 -17.96 30.69
CA ASP D 399 28.07 -19.35 30.81
C ASP D 399 29.56 -19.48 30.53
N SER D 400 30.30 -20.03 31.50
CA SER D 400 31.75 -20.10 31.41
C SER D 400 32.27 -20.92 30.24
N GLN D 401 31.47 -21.90 29.79
CA GLN D 401 31.91 -22.79 28.73
C GLN D 401 31.47 -22.33 27.35
N SER D 402 30.27 -21.79 27.24
CA SER D 402 29.68 -21.50 25.94
C SER D 402 29.43 -20.01 25.66
N GLY D 403 29.55 -19.17 26.70
CA GLY D 403 29.32 -17.75 26.56
C GLY D 403 30.10 -17.09 25.43
N GLN D 404 31.33 -17.55 25.22
CA GLN D 404 32.20 -16.96 24.21
C GLN D 404 31.68 -17.17 22.80
N TRP D 405 30.91 -18.23 22.61
CA TRP D 405 30.27 -18.48 21.31
C TRP D 405 29.27 -17.37 20.99
N PHE D 406 28.53 -16.94 22.01
CA PHE D 406 27.52 -15.92 21.84
C PHE D 406 28.13 -14.55 21.57
N VAL D 407 29.30 -14.30 22.18
CA VAL D 407 30.03 -13.07 21.91
C VAL D 407 30.44 -13.00 20.44
N LYS D 408 30.84 -14.13 19.88
CA LYS D 408 31.24 -14.20 18.48
C LYS D 408 30.04 -14.06 17.54
N LEU D 409 28.94 -14.70 17.90
CA LEU D 409 27.71 -14.64 17.10
C LEU D 409 27.21 -13.22 16.96
N ASN D 410 27.37 -12.42 18.01
CA ASN D 410 26.82 -11.07 18.04
C ASN D 410 27.84 -9.98 17.71
N ASN D 411 29.04 -10.39 17.32
CA ASN D 411 30.07 -9.44 16.97
C ASN D 411 29.92 -8.96 15.53
N GLY D 412 30.09 -7.66 15.32
CA GLY D 412 29.95 -7.10 13.99
C GLY D 412 30.96 -6.00 13.72
N PRO D 413 30.78 -5.28 12.60
CA PRO D 413 31.69 -4.21 12.17
C PRO D 413 31.93 -3.19 13.27
N LYS D 414 30.91 -2.91 14.08
CA LYS D 414 31.01 -1.92 15.15
C LYS D 414 31.81 -2.45 16.34
N GLY D 415 31.84 -3.77 16.47
CA GLY D 415 32.67 -4.43 17.46
C GLY D 415 32.24 -4.31 18.92
N ASN D 416 30.94 -4.29 19.17
CA ASN D 416 30.45 -4.31 20.55
C ASN D 416 29.30 -5.30 20.69
N PRO D 417 29.64 -6.59 20.81
CA PRO D 417 28.71 -7.72 20.81
C PRO D 417 27.50 -7.52 21.72
N ARG D 418 27.74 -7.06 22.95
CA ARG D 418 26.66 -6.84 23.90
C ARG D 418 25.55 -5.95 23.36
N GLU D 419 25.94 -4.98 22.51
CA GLU D 419 24.99 -4.01 21.99
C GLU D 419 23.88 -4.65 21.17
N ARG D 420 24.22 -5.65 20.36
CA ARG D 420 23.23 -6.31 19.53
C ARG D 420 22.11 -6.92 20.38
N VAL D 421 22.47 -7.39 21.57
CA VAL D 421 21.50 -7.99 22.48
C VAL D 421 20.67 -6.90 23.18
N GLN D 422 21.32 -5.79 23.52
CA GLN D 422 20.61 -4.68 24.14
C GLN D 422 19.53 -4.14 23.21
N ILE D 423 19.89 -4.00 21.93
CA ILE D 423 18.96 -3.49 20.93
C ILE D 423 17.88 -4.51 20.59
N GLY D 424 18.27 -5.79 20.52
CA GLY D 424 17.33 -6.86 20.26
C GLY D 424 16.26 -6.96 21.32
N ARG D 425 16.63 -6.69 22.57
CA ARG D 425 15.70 -6.80 23.69
C ARG D 425 14.64 -5.69 23.74
N VAL D 426 14.98 -4.48 23.27
CA VAL D 426 13.97 -3.42 23.25
C VAL D 426 13.05 -3.59 22.05
N ILE D 427 13.59 -4.03 20.92
CA ILE D 427 12.77 -4.33 19.75
C ILE D 427 11.78 -5.45 20.06
N ARG D 428 12.26 -6.50 20.72
CA ARG D 428 11.39 -7.60 21.11
C ARG D 428 10.28 -7.16 22.07
N ASP D 429 10.64 -6.36 23.08
CA ASP D 429 9.66 -5.86 24.05
C ASP D 429 8.62 -4.97 23.38
N LEU D 430 9.07 -4.17 22.44
CA LEU D 430 8.20 -3.22 21.74
C LEU D 430 7.18 -3.90 20.85
N TYR D 431 7.62 -4.91 20.10
CA TYR D 431 6.77 -5.46 19.04
C TYR D 431 6.60 -6.98 19.05
N LEU D 432 7.20 -7.67 20.00
CA LEU D 432 7.10 -9.13 20.03
C LEU D 432 6.64 -9.67 21.39
N THR D 433 6.09 -8.79 22.23
CA THR D 433 5.45 -9.21 23.48
C THR D 433 4.00 -8.77 23.47
N ASP D 434 3.19 -9.32 24.38
CA ASP D 434 1.81 -8.88 24.52
C ASP D 434 1.75 -7.46 25.10
N TRP D 435 2.75 -7.13 25.92
CA TRP D 435 2.88 -5.79 26.46
C TRP D 435 3.01 -4.80 25.31
N GLY D 436 3.80 -5.16 24.30
CA GLY D 436 4.01 -4.32 23.14
C GLY D 436 2.80 -4.24 22.23
N GLY D 437 2.10 -5.36 22.07
CA GLY D 437 0.93 -5.40 21.21
C GLY D 437 -0.23 -4.54 21.69
N ARG D 438 -0.30 -4.35 23.01
CA ARG D 438 -1.31 -3.49 23.60
C ARG D 438 -1.30 -2.10 22.94
N GLN D 439 -0.12 -1.66 22.51
CA GLN D 439 0.04 -0.33 21.93
C GLN D 439 -0.71 -0.14 20.62
N PHE D 440 -1.09 -1.27 20.00
CA PHE D 440 -1.86 -1.23 18.75
C PHE D 440 -3.35 -1.00 18.98
N MET D 441 -3.87 -1.50 20.10
CA MET D 441 -5.32 -1.60 20.29
C MET D 441 -5.97 -0.55 21.21
N PHE D 442 -5.25 -0.12 22.25
CA PHE D 442 -5.89 0.68 23.30
C PHE D 442 -6.41 2.06 22.86
N GLU D 443 -5.95 2.53 21.70
CA GLU D 443 -6.40 3.83 21.19
C GLU D 443 -7.05 3.69 19.83
N ASN D 444 -7.18 2.45 19.37
CA ASN D 444 -7.75 2.17 18.06
C ASN D 444 -8.72 1.00 18.15
N PHE D 445 -9.51 0.98 19.22
CA PHE D 445 -10.38 -0.16 19.50
C PHE D 445 -11.70 -0.12 18.74
N ASN D 446 -11.91 0.91 17.93
CA ASN D 446 -13.09 0.98 17.07
C ASN D 446 -12.77 0.77 15.59
N GLY D 447 -13.68 1.19 14.71
CA GLY D 447 -13.54 0.92 13.29
C GLY D 447 -12.98 2.02 12.42
N THR D 448 -11.77 1.82 11.92
CA THR D 448 -11.16 2.70 10.92
C THR D 448 -10.81 4.09 11.45
N PRO D 449 -9.54 4.29 11.82
CA PRO D 449 -9.05 5.55 12.39
C PRO D 449 -9.26 6.73 11.44
N LEU D 450 -8.99 6.53 10.16
CA LEU D 450 -9.06 7.59 9.17
C LEU D 450 -10.47 8.15 9.05
N PHE D 451 -11.44 7.29 8.80
CA PHE D 451 -12.82 7.73 8.63
C PHE D 451 -13.38 8.31 9.93
N ALA D 452 -13.08 7.64 11.04
CA ALA D 452 -13.50 8.12 12.35
C ALA D 452 -13.08 9.58 12.54
N VAL D 453 -11.82 9.86 12.22
CA VAL D 453 -11.30 11.22 12.30
C VAL D 453 -12.01 12.14 11.30
N PHE D 454 -12.28 11.63 10.11
CA PHE D 454 -12.94 12.42 9.07
C PHE D 454 -14.38 12.74 9.45
N ALA D 455 -15.10 11.74 9.96
CA ALA D 455 -16.48 11.92 10.40
C ALA D 455 -16.57 12.93 11.55
N ALA D 456 -15.58 12.90 12.44
CA ALA D 456 -15.56 13.80 13.58
C ALA D 456 -15.31 15.24 13.14
N THR D 457 -14.44 15.40 12.14
CA THR D 457 -14.10 16.74 11.67
C THR D 457 -15.26 17.43 10.94
N MET D 458 -16.05 16.67 10.18
CA MET D 458 -17.15 17.28 9.45
C MET D 458 -18.33 17.66 10.34
N THR D 459 -18.25 17.27 11.62
CA THR D 459 -19.20 17.75 12.63
C THR D 459 -18.64 19.01 13.28
N ARG D 460 -17.41 19.37 12.90
CA ARG D 460 -16.75 20.55 13.47
C ARG D 460 -16.45 21.61 12.41
N ASP D 461 -16.23 21.17 11.17
CA ASP D 461 -16.12 22.09 10.04
C ASP D 461 -16.69 21.53 8.73
N ASP D 462 -16.75 22.37 7.71
CA ASP D 462 -17.45 22.03 6.47
C ASP D 462 -16.57 21.27 5.47
N MET D 463 -16.82 19.97 5.32
CA MET D 463 -16.11 19.14 4.37
C MET D 463 -16.91 18.89 3.10
N SER D 464 -17.85 19.78 2.79
CA SER D 464 -18.68 19.63 1.61
C SER D 464 -18.22 20.55 0.48
N ALA D 465 -18.97 20.56 -0.61
CA ALA D 465 -18.65 21.39 -1.76
C ALA D 465 -18.81 22.88 -1.41
N ALA D 466 -19.55 23.15 -0.35
CA ALA D 466 -19.75 24.52 0.11
C ALA D 466 -18.61 24.98 1.01
N GLY D 467 -17.79 24.01 1.44
CA GLY D 467 -16.66 24.29 2.30
C GLY D 467 -15.42 24.67 1.50
N THR D 468 -14.30 24.82 2.20
CA THR D 468 -13.07 25.33 1.59
C THR D 468 -12.52 24.50 0.43
N TYR D 469 -12.86 23.21 0.38
CA TYR D 469 -12.33 22.33 -0.66
C TYR D 469 -13.06 22.46 -1.99
N GLY D 470 -14.20 23.13 -1.99
CA GLY D 470 -15.00 23.24 -3.20
C GLY D 470 -14.62 24.44 -4.05
N LYS D 471 -13.96 25.41 -3.44
CA LYS D 471 -13.67 26.67 -4.10
C LYS D 471 -12.77 26.54 -5.34
N PHE D 472 -11.62 25.89 -5.19
CA PHE D 472 -10.66 25.75 -6.28
C PHE D 472 -11.17 24.86 -7.42
N ALA D 473 -11.76 23.72 -7.08
CA ALA D 473 -12.32 22.81 -8.08
C ALA D 473 -13.52 23.42 -8.80
N SER D 474 -14.38 24.09 -8.05
CA SER D 474 -15.53 24.78 -8.63
C SER D 474 -15.08 25.76 -9.70
N GLN D 475 -14.15 26.65 -9.32
CA GLN D 475 -13.60 27.61 -10.25
C GLN D 475 -13.09 26.91 -11.51
N VAL D 476 -12.26 25.88 -11.33
CA VAL D 476 -11.67 25.17 -12.46
C VAL D 476 -12.71 24.53 -13.37
N CYS D 477 -13.84 24.11 -12.79
CA CYS D 477 -14.89 23.45 -13.55
C CYS D 477 -15.91 24.43 -14.11
N GLY D 478 -15.74 25.70 -13.82
CA GLY D 478 -16.65 26.73 -14.29
C GLY D 478 -17.99 26.66 -13.56
N ILE D 479 -17.94 26.24 -12.30
CA ILE D 479 -19.14 26.16 -11.47
C ILE D 479 -19.09 27.25 -10.41
N GLU D 480 -20.23 27.89 -10.17
CA GLU D 480 -20.29 28.98 -9.20
C GLU D 480 -20.02 28.48 -7.78
N PHE D 481 -19.28 29.26 -7.02
CA PHE D 481 -18.98 28.89 -5.64
C PHE D 481 -19.50 29.92 -4.65
N GLY D 482 -20.19 29.42 -3.62
CA GLY D 482 -20.72 30.24 -2.55
C GLY D 482 -21.35 29.36 -1.50
#